data_3VQF
# 
_entry.id   3VQF 
# 
_audit_conform.dict_name       mmcif_pdbx.dic 
_audit_conform.dict_version    5.381 
_audit_conform.dict_location   http://mmcif.pdb.org/dictionaries/ascii/mmcif_pdbx.dic 
# 
loop_
_database_2.database_id 
_database_2.database_code 
_database_2.pdbx_database_accession 
_database_2.pdbx_DOI 
PDB   3VQF         pdb_00003vqf 10.2210/pdb3vqf/pdb 
RCSB  RCSB095371   ?            ?                   
WWPDB D_1000095371 ?            ?                   
# 
_pdbx_database_status.status_code                     REL 
_pdbx_database_status.entry_id                        3VQF 
_pdbx_database_status.recvd_initial_deposition_date   2012-03-22 
_pdbx_database_status.deposit_site                    PDBJ 
_pdbx_database_status.process_site                    PDBJ 
_pdbx_database_status.methods_development_category    ? 
_pdbx_database_status.status_code_sf                  REL 
_pdbx_database_status.status_code_mr                  ? 
_pdbx_database_status.SG_entry                        ? 
_pdbx_database_status.status_code_cs                  ? 
_pdbx_database_status.pdb_format_compatible           Y 
_pdbx_database_status.status_code_nmr_data            ? 
# 
loop_
_audit_author.name 
_audit_author.pdbx_ordinal 
'Akiyoshi, Y.' 1 
'Hamada, D.'   2 
'Goda, N.'     3 
'Tenno, T.'    4 
'Narita, H.'   5 
'Nakagawa, A.' 6 
'Furuse, M.'   7 
'Suzuki, M.'   8 
'Hiroaki, H.'  9 
# 
_citation.id                        primary 
_citation.title                     
'Structural basis for down regulation of tight junction by PDZ-domain containing E3-Ubiquitin ligase' 
_citation.journal_abbrev            'To be Published' 
_citation.journal_volume            ? 
_citation.page_first                ? 
_citation.page_last                 ? 
_citation.year                      ? 
_citation.journal_id_ASTM           ? 
_citation.country                   ? 
_citation.journal_id_ISSN           ? 
_citation.journal_id_CSD            0353 
_citation.book_publisher            ? 
_citation.pdbx_database_id_PubMed   ? 
_citation.pdbx_database_id_DOI      ? 
# 
loop_
_citation_author.citation_id 
_citation_author.name 
_citation_author.ordinal 
_citation_author.identifier_ORCID 
primary 'Akiyoshi, Y.' 1  ? 
primary 'Nakakura, Y.' 2  ? 
primary 'Hamada, D.'   3  ? 
primary 'Goda, N.'     4  ? 
primary 'Tenno, T.'    5  ? 
primary 'Narita, H.'   6  ? 
primary 'Nakagawa, A.' 7  ? 
primary 'Furuse, M.'   8  ? 
primary 'Suzuki, M.'   9  ? 
primary 'Hiroaki, H.'  10 ? 
# 
_cell.entry_id           3VQF 
_cell.length_a           60.493 
_cell.length_b           51.210 
_cell.length_c           33.291 
_cell.angle_alpha        90.00 
_cell.angle_beta         120.00 
_cell.angle_gamma        90.00 
_cell.Z_PDB              4 
_cell.pdbx_unique_axis   ? 
_cell.length_a_esd       ? 
_cell.length_b_esd       ? 
_cell.length_c_esd       ? 
_cell.angle_alpha_esd    ? 
_cell.angle_beta_esd     ? 
_cell.angle_gamma_esd    ? 
# 
_symmetry.entry_id                         3VQF 
_symmetry.space_group_name_H-M             'C 1 2 1' 
_symmetry.pdbx_full_space_group_name_H-M   ? 
_symmetry.cell_setting                     ? 
_symmetry.Int_Tables_number                5 
_symmetry.space_group_name_Hall            ? 
# 
loop_
_entity.id 
_entity.type 
_entity.src_method 
_entity.pdbx_description 
_entity.formula_weight 
_entity.pdbx_number_of_molecules 
_entity.pdbx_ec 
_entity.pdbx_mutation 
_entity.pdbx_fragment 
_entity.details 
1 polymer man 'E3 ubiquitin-protein ligase LNX' 10386.552 1   ? ? 'second PDZ domain' ? 
2 water   nat water                             18.015    181 ? ? ?                   ? 
# 
_entity_poly.entity_id                      1 
_entity_poly.type                           'polypeptide(L)' 
_entity_poly.nstd_linkage                   no 
_entity_poly.nstd_monomer                   no 
_entity_poly.pdbx_seq_one_letter_code       
;GPLGSDHDDSFHVILNKSSPEEQLGIKLVRRVDEPGVFIFNVLNGGVADRHGQLEENDRVLAINGHDLRFGSPESAAHLI
QASERRVHLVVSRQ
;
_entity_poly.pdbx_seq_one_letter_code_can   
;GPLGSDHDDSFHVILNKSSPEEQLGIKLVRRVDEPGVFIFNVLNGGVADRHGQLEENDRVLAINGHDLRFGSPESAAHLI
QASERRVHLVVSRQ
;
_entity_poly.pdbx_strand_id                 A 
_entity_poly.pdbx_target_identifier         ? 
# 
loop_
_entity_poly_seq.entity_id 
_entity_poly_seq.num 
_entity_poly_seq.mon_id 
_entity_poly_seq.hetero 
1 1  GLY n 
1 2  PRO n 
1 3  LEU n 
1 4  GLY n 
1 5  SER n 
1 6  ASP n 
1 7  HIS n 
1 8  ASP n 
1 9  ASP n 
1 10 SER n 
1 11 PHE n 
1 12 HIS n 
1 13 VAL n 
1 14 ILE n 
1 15 LEU n 
1 16 ASN n 
1 17 LYS n 
1 18 SER n 
1 19 SER n 
1 20 PRO n 
1 21 GLU n 
1 22 GLU n 
1 23 GLN n 
1 24 LEU n 
1 25 GLY n 
1 26 ILE n 
1 27 LYS n 
1 28 LEU n 
1 29 VAL n 
1 30 ARG n 
1 31 ARG n 
1 32 VAL n 
1 33 ASP n 
1 34 GLU n 
1 35 PRO n 
1 36 GLY n 
1 37 VAL n 
1 38 PHE n 
1 39 ILE n 
1 40 PHE n 
1 41 ASN n 
1 42 VAL n 
1 43 LEU n 
1 44 ASN n 
1 45 GLY n 
1 46 GLY n 
1 47 VAL n 
1 48 ALA n 
1 49 ASP n 
1 50 ARG n 
1 51 HIS n 
1 52 GLY n 
1 53 GLN n 
1 54 LEU n 
1 55 GLU n 
1 56 GLU n 
1 57 ASN n 
1 58 ASP n 
1 59 ARG n 
1 60 VAL n 
1 61 LEU n 
1 62 ALA n 
1 63 ILE n 
1 64 ASN n 
1 65 GLY n 
1 66 HIS n 
1 67 ASP n 
1 68 LEU n 
1 69 ARG n 
1 70 PHE n 
1 71 GLY n 
1 72 SER n 
1 73 PRO n 
1 74 GLU n 
1 75 SER n 
1 76 ALA n 
1 77 ALA n 
1 78 HIS n 
1 79 LEU n 
1 80 ILE n 
1 81 GLN n 
1 82 ALA n 
1 83 SER n 
1 84 GLU n 
1 85 ARG n 
1 86 ARG n 
1 87 VAL n 
1 88 HIS n 
1 89 LEU n 
1 90 VAL n 
1 91 VAL n 
1 92 SER n 
1 93 ARG n 
1 94 GLN n 
# 
_entity_src_gen.entity_id                          1 
_entity_src_gen.pdbx_src_id                        1 
_entity_src_gen.pdbx_alt_source_flag               sample 
_entity_src_gen.pdbx_seq_type                      ? 
_entity_src_gen.pdbx_beg_seq_num                   ? 
_entity_src_gen.pdbx_end_seq_num                   ? 
_entity_src_gen.gene_src_common_name               mouse 
_entity_src_gen.gene_src_genus                     ? 
_entity_src_gen.pdbx_gene_src_gene                 Lnx1 
_entity_src_gen.gene_src_species                   ? 
_entity_src_gen.gene_src_strain                    ? 
_entity_src_gen.gene_src_tissue                    ? 
_entity_src_gen.gene_src_tissue_fraction           ? 
_entity_src_gen.gene_src_details                   ? 
_entity_src_gen.pdbx_gene_src_fragment             ? 
_entity_src_gen.pdbx_gene_src_scientific_name      'Mus musculus' 
_entity_src_gen.pdbx_gene_src_ncbi_taxonomy_id     10090 
_entity_src_gen.pdbx_gene_src_variant              ? 
_entity_src_gen.pdbx_gene_src_cell_line            ? 
_entity_src_gen.pdbx_gene_src_atcc                 ? 
_entity_src_gen.pdbx_gene_src_organ                ? 
_entity_src_gen.pdbx_gene_src_organelle            ? 
_entity_src_gen.pdbx_gene_src_cell                 ? 
_entity_src_gen.pdbx_gene_src_cellular_location    ? 
_entity_src_gen.host_org_common_name               ? 
_entity_src_gen.pdbx_host_org_scientific_name      'Escherichia coli' 
_entity_src_gen.pdbx_host_org_ncbi_taxonomy_id     562 
_entity_src_gen.host_org_genus                     ? 
_entity_src_gen.pdbx_host_org_gene                 ? 
_entity_src_gen.pdbx_host_org_organ                ? 
_entity_src_gen.host_org_species                   ? 
_entity_src_gen.pdbx_host_org_tissue               ? 
_entity_src_gen.pdbx_host_org_tissue_fraction      ? 
_entity_src_gen.pdbx_host_org_strain               'BL21(DE3)' 
_entity_src_gen.pdbx_host_org_variant              ? 
_entity_src_gen.pdbx_host_org_cell_line            ? 
_entity_src_gen.pdbx_host_org_atcc                 ? 
_entity_src_gen.pdbx_host_org_culture_collection   ? 
_entity_src_gen.pdbx_host_org_cell                 ? 
_entity_src_gen.pdbx_host_org_organelle            ? 
_entity_src_gen.pdbx_host_org_cellular_location    ? 
_entity_src_gen.pdbx_host_org_vector_type          PLASMID 
_entity_src_gen.pdbx_host_org_vector               ? 
_entity_src_gen.host_org_details                   ? 
_entity_src_gen.expression_system_id               ? 
_entity_src_gen.plasmid_name                       pGEX-6P3-PRESAT 
_entity_src_gen.plasmid_details                    ? 
_entity_src_gen.pdbx_description                   ? 
# 
_struct_ref.id                         1 
_struct_ref.db_name                    UNP 
_struct_ref.db_code                    LNX1_MOUSE 
_struct_ref.pdbx_db_accession          O70263 
_struct_ref.entity_id                  1 
_struct_ref.pdbx_seq_one_letter_code   
;DDSFHVILNKSSPEEQLGIKLVRRVDEPGVFIFNVLNGGVADRHGQLEENDRVLAINGHDLRFGSPESAAHLIQASERRV
HLVVSRQ
;
_struct_ref.pdbx_align_begin           381 
_struct_ref.pdbx_db_isoform            ? 
# 
_struct_ref_seq.align_id                      1 
_struct_ref_seq.ref_id                        1 
_struct_ref_seq.pdbx_PDB_id_code              3VQF 
_struct_ref_seq.pdbx_strand_id                A 
_struct_ref_seq.seq_align_beg                 8 
_struct_ref_seq.pdbx_seq_align_beg_ins_code   ? 
_struct_ref_seq.seq_align_end                 94 
_struct_ref_seq.pdbx_seq_align_end_ins_code   ? 
_struct_ref_seq.pdbx_db_accession             O70263 
_struct_ref_seq.db_align_beg                  381 
_struct_ref_seq.pdbx_db_align_beg_ins_code    ? 
_struct_ref_seq.db_align_end                  467 
_struct_ref_seq.pdbx_db_align_end_ins_code    ? 
_struct_ref_seq.pdbx_auth_seq_align_beg       1 
_struct_ref_seq.pdbx_auth_seq_align_end       87 
# 
loop_
_struct_ref_seq_dif.align_id 
_struct_ref_seq_dif.pdbx_pdb_id_code 
_struct_ref_seq_dif.mon_id 
_struct_ref_seq_dif.pdbx_pdb_strand_id 
_struct_ref_seq_dif.seq_num 
_struct_ref_seq_dif.pdbx_pdb_ins_code 
_struct_ref_seq_dif.pdbx_seq_db_name 
_struct_ref_seq_dif.pdbx_seq_db_accession_code 
_struct_ref_seq_dif.db_mon_id 
_struct_ref_seq_dif.pdbx_seq_db_seq_num 
_struct_ref_seq_dif.details 
_struct_ref_seq_dif.pdbx_auth_seq_num 
_struct_ref_seq_dif.pdbx_ordinal 
1 3VQF GLY A 1 ? UNP O70263 ? ? 'expression tag' -6 1 
1 3VQF PRO A 2 ? UNP O70263 ? ? 'expression tag' -5 2 
1 3VQF LEU A 3 ? UNP O70263 ? ? 'expression tag' -4 3 
1 3VQF GLY A 4 ? UNP O70263 ? ? 'expression tag' -3 4 
1 3VQF SER A 5 ? UNP O70263 ? ? 'expression tag' -2 5 
1 3VQF ASP A 6 ? UNP O70263 ? ? 'expression tag' -1 6 
1 3VQF HIS A 7 ? UNP O70263 ? ? 'expression tag' 0  7 
# 
loop_
_chem_comp.id 
_chem_comp.type 
_chem_comp.mon_nstd_flag 
_chem_comp.name 
_chem_comp.pdbx_synonyms 
_chem_comp.formula 
_chem_comp.formula_weight 
ALA 'L-peptide linking' y ALANINE         ? 'C3 H7 N O2'     89.093  
ARG 'L-peptide linking' y ARGININE        ? 'C6 H15 N4 O2 1' 175.209 
ASN 'L-peptide linking' y ASPARAGINE      ? 'C4 H8 N2 O3'    132.118 
ASP 'L-peptide linking' y 'ASPARTIC ACID' ? 'C4 H7 N O4'     133.103 
GLN 'L-peptide linking' y GLUTAMINE       ? 'C5 H10 N2 O3'   146.144 
GLU 'L-peptide linking' y 'GLUTAMIC ACID' ? 'C5 H9 N O4'     147.129 
GLY 'peptide linking'   y GLYCINE         ? 'C2 H5 N O2'     75.067  
HIS 'L-peptide linking' y HISTIDINE       ? 'C6 H10 N3 O2 1' 156.162 
HOH non-polymer         . WATER           ? 'H2 O'           18.015  
ILE 'L-peptide linking' y ISOLEUCINE      ? 'C6 H13 N O2'    131.173 
LEU 'L-peptide linking' y LEUCINE         ? 'C6 H13 N O2'    131.173 
LYS 'L-peptide linking' y LYSINE          ? 'C6 H15 N2 O2 1' 147.195 
PHE 'L-peptide linking' y PHENYLALANINE   ? 'C9 H11 N O2'    165.189 
PRO 'L-peptide linking' y PROLINE         ? 'C5 H9 N O2'     115.130 
SER 'L-peptide linking' y SERINE          ? 'C3 H7 N O3'     105.093 
VAL 'L-peptide linking' y VALINE          ? 'C5 H11 N O2'    117.146 
# 
_exptl.entry_id          3VQF 
_exptl.method            'X-RAY DIFFRACTION' 
_exptl.crystals_number   1 
# 
_exptl_crystal.id                    1 
_exptl_crystal.density_meas          ? 
_exptl_crystal.density_Matthews      2.15 
_exptl_crystal.density_percent_sol   42.78 
_exptl_crystal.description           ? 
_exptl_crystal.F_000                 ? 
_exptl_crystal.preparation           ? 
# 
_exptl_crystal_grow.crystal_id      1 
_exptl_crystal_grow.method          'VAPOR DIFFUSION, SITTING DROP' 
_exptl_crystal_grow.temp            277 
_exptl_crystal_grow.temp_details    ? 
_exptl_crystal_grow.pH              6.5 
_exptl_crystal_grow.pdbx_details    
'23% PEG 8000, 0.2M sodium acetate, 0.1M Bis-Tris, pH 6.5, VAPOR DIFFUSION, SITTING DROP, temperature 277K' 
_exptl_crystal_grow.pdbx_pH_range   . 
# 
_diffrn.id                     1 
_diffrn.ambient_temp           100 
_diffrn.ambient_temp_details   ? 
_diffrn.crystal_id             1 
# 
_diffrn_detector.diffrn_id              1 
_diffrn_detector.detector               CCD 
_diffrn_detector.type                   'ADSC QUANTUM 210r' 
_diffrn_detector.pdbx_collection_date   2011-02-10 
_diffrn_detector.details                ? 
# 
_diffrn_radiation.diffrn_id                        1 
_diffrn_radiation.wavelength_id                    1 
_diffrn_radiation.pdbx_monochromatic_or_laue_m_l   M 
_diffrn_radiation.monochromator                    'Si 111 CHANNEL' 
_diffrn_radiation.pdbx_diffrn_protocol             'SINGLE WAVELENGTH' 
_diffrn_radiation.pdbx_scattering_type             x-ray 
# 
_diffrn_radiation_wavelength.id           1 
_diffrn_radiation_wavelength.wavelength   1.0 
_diffrn_radiation_wavelength.wt           1.0 
# 
_diffrn_source.diffrn_id                   1 
_diffrn_source.source                      SYNCHROTRON 
_diffrn_source.type                        'PHOTON FACTORY BEAMLINE AR-NW12A' 
_diffrn_source.pdbx_synchrotron_site       'Photon Factory' 
_diffrn_source.pdbx_synchrotron_beamline   AR-NW12A 
_diffrn_source.pdbx_wavelength             ? 
_diffrn_source.pdbx_wavelength_list        1.0 
# 
_reflns.entry_id                     3VQF 
_reflns.observed_criterion_sigma_I   -3 
_reflns.observed_criterion_sigma_F   ? 
_reflns.d_resolution_low             30.0 
_reflns.d_resolution_high            1.199 
_reflns.number_obs                   27350 
_reflns.number_all                   27352 
_reflns.percent_possible_obs         99.1 
_reflns.pdbx_Rmerge_I_obs            0.062 
_reflns.pdbx_Rsym_value              ? 
_reflns.pdbx_netI_over_sigmaI        ? 
_reflns.B_iso_Wilson_estimate        10.910 
_reflns.pdbx_redundancy              13.1 
_reflns.R_free_details               ? 
_reflns.limit_h_max                  ? 
_reflns.limit_h_min                  ? 
_reflns.limit_k_max                  ? 
_reflns.limit_k_min                  ? 
_reflns.limit_l_max                  ? 
_reflns.limit_l_min                  ? 
_reflns.observed_criterion_F_max     ? 
_reflns.observed_criterion_F_min     ? 
_reflns.pdbx_chi_squared             ? 
_reflns.pdbx_scaling_rejects         ? 
_reflns.pdbx_ordinal                 1 
_reflns.pdbx_diffrn_id               1 
# 
loop_
_reflns_shell.d_res_high 
_reflns_shell.d_res_low 
_reflns_shell.percent_possible_all 
_reflns_shell.Rmerge_I_obs 
_reflns_shell.pdbx_Rsym_value 
_reflns_shell.meanI_over_sigI_obs 
_reflns_shell.pdbx_redundancy 
_reflns_shell.percent_possible_obs 
_reflns_shell.number_unique_all 
_reflns_shell.number_measured_all 
_reflns_shell.number_measured_obs 
_reflns_shell.number_unique_obs 
_reflns_shell.pdbx_chi_squared 
_reflns_shell.pdbx_rejects 
_reflns_shell.pdbx_netI_over_sigmaI_obs 
_reflns_shell.number_possible 
_reflns_shell.Rmerge_F_all 
_reflns_shell.Rmerge_F_obs 
_reflns_shell.Rmerge_I_all 
_reflns_shell.meanI_over_sigI_all 
_reflns_shell.pdbx_Rrim_I_all 
_reflns_shell.pdbx_Rpim_I_all 
_reflns_shell.pdbx_ordinal 
_reflns_shell.pdbx_diffrn_id 
1.20 1.22 98.4 0.184 ? 5.1 7.2  ? 1332 ? ? ? ? ? ? ? ? ? ? ? ? ? 1  1 
1.22 1.24 97.6 0.200 ? 4.9 7.3  ? 1371 ? ? ? ? ? ? ? ? ? ? ? ? ? 2  1 
1.24 1.27 98.7 0.208 ? 4.9 7.3  ? 1329 ? ? ? ? ? ? ? ? ? ? ? ? ? 3  1 
1.27 1.29 97.8 0.242 ? 4.7 8.0  ? 1338 ? ? ? ? ? ? ? ? ? ? ? ? ? 4  1 
1.29 1.32 99.0 0.249 ? 3.4 14.0 ? 1380 ? ? ? ? ? ? ? ? ? ? ? ? ? 5  1 
1.32 1.35 98.3 0.289 ? 3.3 14.7 ? 1333 ? ? ? ? ? ? ? ? ? ? ? ? ? 6  1 
1.35 1.39 98.8 0.318 ? 3.2 14.6 ? 1368 ? ? ? ? ? ? ? ? ? ? ? ? ? 7  1 
1.39 1.42 99.1 0.373 ? 3.2 14.8 ? 1365 ? ? ? ? ? ? ? ? ? ? ? ? ? 8  1 
1.42 1.46 99.1 0.443 ? 3.2 14.7 ? 1369 ? ? ? ? ? ? ? ? ? ? ? ? ? 9  1 
1.46 1.51 99.3 0.546 ? 3.2 14.8 ? 1363 ? ? ? ? ? ? ? ? ? ? ? ? ? 10 1 
1.51 1.57 99.6 0.660 ? 3.3 14.8 ? 1365 ? ? ? ? ? ? ? ? ? ? ? ? ? 11 1 
# 
_refine.entry_id                                 3VQF 
_refine.ls_number_reflns_obs                     27350 
_refine.ls_number_reflns_all                     27352 
_refine.pdbx_ls_sigma_I                          ? 
_refine.pdbx_ls_sigma_F                          0.0 
_refine.pdbx_data_cutoff_high_absF               ? 
_refine.pdbx_data_cutoff_low_absF                ? 
_refine.pdbx_data_cutoff_high_rms_absF           ? 
_refine.ls_d_res_low                             26.195 
_refine.ls_d_res_high                            1.199 
_refine.ls_percent_reflns_obs                    99.00 
_refine.ls_R_factor_obs                          0.1457 
_refine.ls_R_factor_all                          ? 
_refine.ls_R_factor_R_work                       0.1447 
_refine.ls_R_factor_R_free                       0.1639 
_refine.ls_R_factor_R_free_error                 ? 
_refine.ls_R_factor_R_free_error_details         ? 
_refine.ls_percent_reflns_R_free                 5.10 
_refine.ls_number_reflns_R_free                  1396 
_refine.ls_number_parameters                     ? 
_refine.ls_number_restraints                     ? 
_refine.correlation_coeff_Fo_to_Fc               ? 
_refine.correlation_coeff_Fo_to_Fc_free          ? 
_refine.B_iso_mean                               15.6690 
_refine.aniso_B[1][1]                            -0.0773 
_refine.aniso_B[2][2]                            -0.5969 
_refine.aniso_B[3][3]                            0.6742 
_refine.aniso_B[1][2]                            -0.0000 
_refine.aniso_B[1][3]                            0.4067 
_refine.aniso_B[2][3]                            -0.0000 
_refine.solvent_model_details                    'FLAT BULK SOLVENT MODEL' 
_refine.solvent_model_param_ksol                 0.379 
_refine.solvent_model_param_bsol                 39.603 
_refine.pdbx_solvent_vdw_probe_radii             1.10 
_refine.pdbx_solvent_ion_probe_radii             ? 
_refine.pdbx_solvent_shrinkage_radii             0.86 
_refine.pdbx_ls_cross_valid_method               ? 
_refine.details                                  ? 
_refine.pdbx_starting_model                      2vwr 
_refine.pdbx_method_to_determine_struct          'MOLECULAR REPLACEMENT' 
_refine.pdbx_isotropic_thermal_model             ? 
_refine.pdbx_stereochemistry_target_values       ML 
_refine.pdbx_stereochem_target_val_spec_case     ? 
_refine.pdbx_R_Free_selection_details            RANDOM 
_refine.pdbx_overall_ESU_R                       ? 
_refine.pdbx_overall_ESU_R_Free                  ? 
_refine.overall_SU_ML                            0.11 
_refine.overall_FOM_work_R_set                   0.9279 
_refine.B_iso_max                                47.680 
_refine.B_iso_min                                6.460 
_refine.pdbx_overall_phase_error                 13.7400 
_refine.occupancy_max                            1.000 
_refine.occupancy_min                            0.200 
_refine.pdbx_diffrn_id                           1 
_refine.pdbx_refine_id                           'X-RAY DIFFRACTION' 
_refine.ls_redundancy_reflns_obs                 ? 
_refine.overall_SU_B                             ? 
_refine.overall_SU_R_Cruickshank_DPI             ? 
_refine.overall_SU_R_free                        ? 
_refine.ls_wR_factor_R_free                      ? 
_refine.ls_wR_factor_R_work                      ? 
_refine.overall_FOM_free_R_set                   ? 
_refine.pdbx_TLS_residual_ADP_flag               ? 
_refine.pdbx_overall_SU_R_free_Cruickshank_DPI   ? 
_refine.pdbx_overall_SU_R_Blow_DPI               ? 
_refine.pdbx_overall_SU_R_free_Blow_DPI          ? 
# 
_refine_hist.pdbx_refine_id                   'X-RAY DIFFRACTION' 
_refine_hist.cycle_id                         LAST 
_refine_hist.pdbx_number_atoms_protein        670 
_refine_hist.pdbx_number_atoms_nucleic_acid   0 
_refine_hist.pdbx_number_atoms_ligand         0 
_refine_hist.number_atoms_solvent             181 
_refine_hist.number_atoms_total               851 
_refine_hist.d_res_high                       1.199 
_refine_hist.d_res_low                        26.195 
# 
loop_
_refine_ls_restr.pdbx_refine_id 
_refine_ls_restr.type 
_refine_ls_restr.number 
_refine_ls_restr.dev_ideal 
_refine_ls_restr.dev_ideal_target 
_refine_ls_restr.weight 
_refine_ls_restr.pdbx_restraint_function 
'X-RAY DIFFRACTION' f_bond_d           734  0.006  ? ? ? 
'X-RAY DIFFRACTION' f_angle_d          1005 1.087  ? ? ? 
'X-RAY DIFFRACTION' f_chiral_restr     112  0.075  ? ? ? 
'X-RAY DIFFRACTION' f_plane_restr      138  0.005  ? ? ? 
'X-RAY DIFFRACTION' f_dihedral_angle_d 293  12.444 ? ? ? 
# 
loop_
_refine_ls_shell.d_res_high 
_refine_ls_shell.d_res_low 
_refine_ls_shell.pdbx_total_number_of_bins_used 
_refine_ls_shell.percent_reflns_obs 
_refine_ls_shell.number_reflns_R_work 
_refine_ls_shell.R_factor_all 
_refine_ls_shell.R_factor_R_work 
_refine_ls_shell.R_factor_R_free 
_refine_ls_shell.percent_reflns_R_free 
_refine_ls_shell.number_reflns_R_free 
_refine_ls_shell.R_factor_R_free_error 
_refine_ls_shell.number_reflns_all 
_refine_ls_shell.number_reflns_obs 
_refine_ls_shell.pdbx_refine_id 
_refine_ls_shell.redundancy_reflns_obs 
1.1986 1.2414  10 97.0000  2525 . 0.1599 0.1631 . 131 . 2656 . 'X-RAY DIFFRACTION' . 
1.2414 1.2911  10 98.0000  2541 . 0.1498 0.2034 . 143 . 2684 . 'X-RAY DIFFRACTION' . 
1.2911 1.3499  10 99.0000  2589 . 0.1380 0.1768 . 123 . 2712 . 'X-RAY DIFFRACTION' . 
1.3499 1.4210  10 99.0000  2613 . 0.1251 0.1499 . 129 . 2742 . 'X-RAY DIFFRACTION' . 
1.4210 1.5100  10 99.0000  2583 . 0.1186 0.1520 . 144 . 2727 . 'X-RAY DIFFRACTION' . 
1.5100 1.6266  10 100.0000 2601 . 0.1177 0.1530 . 149 . 2750 . 'X-RAY DIFFRACTION' . 
1.6266 1.7903  10 100.0000 2610 . 0.1346 0.1838 . 138 . 2748 . 'X-RAY DIFFRACTION' . 
1.7903 2.0492  10 100.0000 2634 . 0.1471 0.1768 . 137 . 2771 . 'X-RAY DIFFRACTION' . 
2.0492 2.5815  10 100.0000 2621 . 0.1494 0.1685 . 147 . 2768 . 'X-RAY DIFFRACTION' . 
2.5815 26.2010 10 99.0000  2637 . 0.1548 0.1525 . 155 . 2792 . 'X-RAY DIFFRACTION' . 
# 
_struct.entry_id                  3VQF 
_struct.title                     'Crystal Structure Analysis of the PDZ Domain Derived from the Tight Junction Regulating Protein' 
_struct.pdbx_model_details        ? 
_struct.pdbx_CASP_flag            ? 
_struct.pdbx_model_type_details   ? 
# 
_struct_keywords.entry_id        3VQF 
_struct_keywords.pdbx_keywords   'PEPTIDE BINDING PROTEIN' 
_struct_keywords.text            'PDZ domain, claudin C-terminus, PEPTIDE BINDING PROTEIN' 
# 
loop_
_struct_asym.id 
_struct_asym.pdbx_blank_PDB_chainid_flag 
_struct_asym.pdbx_modified 
_struct_asym.entity_id 
_struct_asym.details 
A N N 1 ? 
B N N 2 ? 
# 
_struct_biol.id        1 
_struct_biol.details   ? 
# 
loop_
_struct_conf.conf_type_id 
_struct_conf.id 
_struct_conf.pdbx_PDB_helix_id 
_struct_conf.beg_label_comp_id 
_struct_conf.beg_label_asym_id 
_struct_conf.beg_label_seq_id 
_struct_conf.pdbx_beg_PDB_ins_code 
_struct_conf.end_label_comp_id 
_struct_conf.end_label_asym_id 
_struct_conf.end_label_seq_id 
_struct_conf.pdbx_end_PDB_ins_code 
_struct_conf.beg_auth_comp_id 
_struct_conf.beg_auth_asym_id 
_struct_conf.beg_auth_seq_id 
_struct_conf.end_auth_comp_id 
_struct_conf.end_auth_asym_id 
_struct_conf.end_auth_seq_id 
_struct_conf.pdbx_PDB_helix_class 
_struct_conf.details 
_struct_conf.pdbx_PDB_helix_length 
HELX_P HELX_P1 1 GLY A 46 ? GLY A 52 ? GLY A 39 GLY A 45 1 ? 7  
HELX_P HELX_P2 2 SER A 72 ? SER A 83 ? SER A 65 SER A 76 1 ? 12 
# 
_struct_conf_type.id          HELX_P 
_struct_conf_type.criteria    ? 
_struct_conf_type.reference   ? 
# 
loop_
_struct_sheet.id 
_struct_sheet.type 
_struct_sheet.number_strands 
_struct_sheet.details 
A ? 5 ? 
B ? 4 ? 
# 
loop_
_struct_sheet_order.sheet_id 
_struct_sheet_order.range_id_1 
_struct_sheet_order.range_id_2 
_struct_sheet_order.offset 
_struct_sheet_order.sense 
A 1 2 ? anti-parallel 
A 2 3 ? anti-parallel 
A 3 4 ? anti-parallel 
A 4 5 ? anti-parallel 
B 1 2 ? anti-parallel 
B 2 3 ? anti-parallel 
B 3 4 ? anti-parallel 
# 
loop_
_struct_sheet_range.sheet_id 
_struct_sheet_range.id 
_struct_sheet_range.beg_label_comp_id 
_struct_sheet_range.beg_label_asym_id 
_struct_sheet_range.beg_label_seq_id 
_struct_sheet_range.pdbx_beg_PDB_ins_code 
_struct_sheet_range.end_label_comp_id 
_struct_sheet_range.end_label_asym_id 
_struct_sheet_range.end_label_seq_id 
_struct_sheet_range.pdbx_end_PDB_ins_code 
_struct_sheet_range.beg_auth_comp_id 
_struct_sheet_range.beg_auth_asym_id 
_struct_sheet_range.beg_auth_seq_id 
_struct_sheet_range.end_auth_comp_id 
_struct_sheet_range.end_auth_asym_id 
_struct_sheet_range.end_auth_seq_id 
A 1 PHE A 11 ? ASN A 16 ? PHE A 4  ASN A 9  
A 2 ARG A 86 ? SER A 92 ? ARG A 79 SER A 85 
A 3 ARG A 59 ? ILE A 63 ? ARG A 52 ILE A 56 
A 4 VAL A 37 ? VAL A 42 ? VAL A 30 VAL A 35 
A 5 ILE A 26 ? VAL A 29 ? ILE A 19 VAL A 22 
B 1 PHE A 11 ? ASN A 16 ? PHE A 4  ASN A 9  
B 2 ARG A 86 ? SER A 92 ? ARG A 79 SER A 85 
B 3 ARG A 59 ? ILE A 63 ? ARG A 52 ILE A 56 
B 4 HIS A 66 ? ASP A 67 ? HIS A 59 ASP A 60 
# 
loop_
_pdbx_struct_sheet_hbond.sheet_id 
_pdbx_struct_sheet_hbond.range_id_1 
_pdbx_struct_sheet_hbond.range_id_2 
_pdbx_struct_sheet_hbond.range_1_label_atom_id 
_pdbx_struct_sheet_hbond.range_1_label_comp_id 
_pdbx_struct_sheet_hbond.range_1_label_asym_id 
_pdbx_struct_sheet_hbond.range_1_label_seq_id 
_pdbx_struct_sheet_hbond.range_1_PDB_ins_code 
_pdbx_struct_sheet_hbond.range_1_auth_atom_id 
_pdbx_struct_sheet_hbond.range_1_auth_comp_id 
_pdbx_struct_sheet_hbond.range_1_auth_asym_id 
_pdbx_struct_sheet_hbond.range_1_auth_seq_id 
_pdbx_struct_sheet_hbond.range_2_label_atom_id 
_pdbx_struct_sheet_hbond.range_2_label_comp_id 
_pdbx_struct_sheet_hbond.range_2_label_asym_id 
_pdbx_struct_sheet_hbond.range_2_label_seq_id 
_pdbx_struct_sheet_hbond.range_2_PDB_ins_code 
_pdbx_struct_sheet_hbond.range_2_auth_atom_id 
_pdbx_struct_sheet_hbond.range_2_auth_comp_id 
_pdbx_struct_sheet_hbond.range_2_auth_asym_id 
_pdbx_struct_sheet_hbond.range_2_auth_seq_id 
A 1 2 N VAL A 13 ? N VAL A 6  O LEU A 89 ? O LEU A 82 
A 2 3 O SER A 92 ? O SER A 85 N ARG A 59 ? N ARG A 52 
A 3 4 O VAL A 60 ? O VAL A 53 N VAL A 37 ? N VAL A 30 
A 4 5 O PHE A 40 ? O PHE A 33 N LYS A 27 ? N LYS A 20 
B 1 2 N VAL A 13 ? N VAL A 6  O LEU A 89 ? O LEU A 82 
B 2 3 O SER A 92 ? O SER A 85 N ARG A 59 ? N ARG A 52 
B 3 4 N ILE A 63 ? N ILE A 56 O HIS A 66 ? O HIS A 59 
# 
_atom_sites.entry_id                    3VQF 
_atom_sites.fract_transf_matrix[1][1]   -0.00982621 
_atom_sites.fract_transf_matrix[1][2]   -0.01306827 
_atom_sites.fract_transf_matrix[1][3]   0.00984930 
_atom_sites.fract_transf_matrix[2][1]   -0.01452572 
_atom_sites.fract_transf_matrix[2][2]   0.00112290 
_atom_sites.fract_transf_matrix[2][3]   -0.01300178 
_atom_sites.fract_transf_matrix[3][1]   0.00387517 
_atom_sites.fract_transf_matrix[3][2]   -0.03369792 
_atom_sites.fract_transf_matrix[3][3]   -0.00723970 
_atom_sites.fract_transf_vector[1]      -0.309551 
_atom_sites.fract_transf_vector[2]      -0.008723 
_atom_sites.fract_transf_vector[3]      0.001569 
# 
loop_
_atom_type.symbol 
C 
N 
O 
# 
loop_
_atom_site.group_PDB 
_atom_site.id 
_atom_site.type_symbol 
_atom_site.label_atom_id 
_atom_site.label_alt_id 
_atom_site.label_comp_id 
_atom_site.label_asym_id 
_atom_site.label_entity_id 
_atom_site.label_seq_id 
_atom_site.pdbx_PDB_ins_code 
_atom_site.Cartn_x 
_atom_site.Cartn_y 
_atom_site.Cartn_z 
_atom_site.occupancy 
_atom_site.B_iso_or_equiv 
_atom_site.pdbx_formal_charge 
_atom_site.auth_seq_id 
_atom_site.auth_comp_id 
_atom_site.auth_asym_id 
_atom_site.auth_atom_id 
_atom_site.pdbx_PDB_model_num 
ATOM   1   N N   . SER A 1 10 ? -8.700  1.493   12.572  1.00 17.30 ? 3   SER A N   1 
ATOM   2   C CA  . SER A 1 10 ? -7.744  1.012   11.584  1.00 15.54 ? 3   SER A CA  1 
ATOM   3   C C   . SER A 1 10 ? -7.346  -0.431  11.863  1.00 14.50 ? 3   SER A C   1 
ATOM   4   O O   . SER A 1 10 ? -7.589  -0.956  12.949  1.00 17.27 ? 3   SER A O   1 
ATOM   5   C CB  . SER A 1 10 ? -6.512  1.922   11.529  1.00 17.75 ? 3   SER A CB  1 
ATOM   6   O OG  . SER A 1 10 ? -5.788  1.893   12.746  1.00 18.99 ? 3   SER A OG  1 
ATOM   7   N N   . PHE A 1 11 ? -6.749  -1.075  10.866  1.00 12.81 ? 4   PHE A N   1 
ATOM   8   C CA  . PHE A 1 11 ? -6.293  -2.448  11.007  1.00 13.06 ? 4   PHE A CA  1 
ATOM   9   C C   . PHE A 1 11 ? -4.969  -2.655  10.277  1.00 10.83 ? 4   PHE A C   1 
ATOM   10  O O   . PHE A 1 11 ? -4.555  -1.832  9.468   1.00 10.78 ? 4   PHE A O   1 
ATOM   11  C CB  . PHE A 1 11 ? -7.362  -3.444  10.533  1.00 14.58 ? 4   PHE A CB  1 
ATOM   12  C CG  . PHE A 1 11 ? -7.834  -3.219  9.119   1.00 14.91 ? 4   PHE A CG  1 
ATOM   13  C CD1 . PHE A 1 11 ? -8.852  -2.317  8.850   1.00 17.05 ? 4   PHE A CD1 1 
ATOM   14  C CD2 . PHE A 1 11 ? -7.273  -3.924  8.064   1.00 15.57 ? 4   PHE A CD2 1 
ATOM   15  C CE1 . PHE A 1 11 ? -9.293  -2.112  7.554   1.00 18.08 ? 4   PHE A CE1 1 
ATOM   16  C CE2 . PHE A 1 11 ? -7.711  -3.727  6.762   1.00 16.48 ? 4   PHE A CE2 1 
ATOM   17  C CZ  . PHE A 1 11 ? -8.725  -2.817  6.507   1.00 17.39 ? 4   PHE A CZ  1 
ATOM   18  N N   . HIS A 1 12 ? -4.308  -3.759  10.596  1.00 10.94 ? 5   HIS A N   1 
ATOM   19  C CA  . HIS A 1 12 ? -2.975  -4.042  10.102  1.00 10.23 ? 5   HIS A CA  1 
ATOM   20  C C   . HIS A 1 12 ? -3.017  -5.062  8.989   1.00 10.09 ? 5   HIS A C   1 
ATOM   21  O O   . HIS A 1 12 ? -3.706  -6.074  9.101   1.00 12.64 ? 5   HIS A O   1 
ATOM   22  C CB  . HIS A 1 12 ? -2.127  -4.613  11.232  1.00 12.08 ? 5   HIS A CB  1 
ATOM   23  C CG  . HIS A 1 12 ? -1.954  -3.682  12.383  1.00 14.33 ? 5   HIS A CG  1 
ATOM   24  N ND1 . HIS A 1 12 ? -1.051  -2.645  12.366  1.00 13.87 ? 5   HIS A ND1 1 
ATOM   25  C CD2 . HIS A 1 12 ? -2.566  -3.631  13.588  1.00 18.23 ? 5   HIS A CD2 1 
ATOM   26  C CE1 . HIS A 1 12 ? -1.112  -1.991  13.512  1.00 16.02 ? 5   HIS A CE1 1 
ATOM   27  N NE2 . HIS A 1 12 ? -2.019  -2.574  14.273  1.00 18.60 ? 5   HIS A NE2 1 
ATOM   28  N N   . VAL A 1 13 ? -2.268  -4.800  7.925   1.00 10.08 ? 6   VAL A N   1 
ATOM   29  C CA  . VAL A 1 13 ? -2.107  -5.748  6.838   1.00 9.96  ? 6   VAL A CA  1 
ATOM   30  C C   . VAL A 1 13 ? -0.614  -5.916  6.596   1.00 9.75  ? 6   VAL A C   1 
ATOM   31  O O   . VAL A 1 13 ? 0.110   -4.933  6.453   1.00 11.29 ? 6   VAL A O   1 
ATOM   32  C CB  . VAL A 1 13 ? -2.798  -5.242  5.551   1.00 11.13 ? 6   VAL A CB  1 
ATOM   33  C CG1 . VAL A 1 13 ? -2.502  -6.167  4.386   1.00 12.26 ? 6   VAL A CG1 1 
ATOM   34  C CG2 . VAL A 1 13 ? -4.296  -5.121  5.780   1.00 12.93 ? 6   VAL A CG2 1 
ATOM   35  N N   . ILE A 1 14 ? -0.145  -7.160  6.578   1.00 9.78  ? 7   ILE A N   1 
ATOM   36  C CA  . ILE A 1 14 ? 1.251   -7.437  6.281   1.00 10.62 ? 7   ILE A CA  1 
ATOM   37  C C   . ILE A 1 14 ? 1.342   -8.111  4.923   1.00 10.16 ? 7   ILE A C   1 
ATOM   38  O O   . ILE A 1 14 ? 0.778   -9.190  4.734   1.00 11.86 ? 7   ILE A O   1 
ATOM   39  C CB  . ILE A 1 14 ? 1.892   -8.386  7.313   1.00 13.72 ? 7   ILE A CB  1 
ATOM   40  C CG1 . ILE A 1 14 ? 1.709   -7.864  8.742   1.00 16.10 ? 7   ILE A CG1 1 
ATOM   41  C CG2 . ILE A 1 14 ? 3.363   -8.601  6.968   1.00 15.53 ? 7   ILE A CG2 1 
ATOM   42  C CD1 . ILE A 1 14 ? 2.349   -6.538  8.972   1.00 16.32 ? 7   ILE A CD1 1 
ATOM   43  N N   . LEU A 1 15 ? 2.043   -7.473  3.988   1.00 9.37  ? 8   LEU A N   1 
ATOM   44  C CA  . LEU A 1 15 ? 2.342   -8.066  2.690   1.00 10.05 ? 8   LEU A CA  1 
ATOM   45  C C   . LEU A 1 15 ? 3.835   -8.277  2.584   1.00 10.26 ? 8   LEU A C   1 
ATOM   46  O O   . LEU A 1 15 ? 4.619   -7.427  3.002   1.00 12.52 ? 8   LEU A O   1 
ATOM   47  C CB  . LEU A 1 15 ? 1.871   -7.162  1.554   1.00 9.61  ? 8   LEU A CB  1 
ATOM   48  C CG  . LEU A 1 15 ? 0.379   -6.805  1.544   1.00 10.47 ? 8   LEU A CG  1 
ATOM   49  C CD1 . LEU A 1 15 ? 0.040   -5.905  0.372   1.00 11.42 ? 8   LEU A CD1 1 
ATOM   50  C CD2 . LEU A 1 15 ? -0.467  -8.060  1.524   1.00 12.69 ? 8   LEU A CD2 1 
ATOM   51  N N   . ASN A 1 16 ? 4.232   -9.404  2.013   1.00 10.17 ? 9   ASN A N   1 
ATOM   52  C CA  . ASN A 1 16 ? 5.646   -9.693  1.827   1.00 11.21 ? 9   ASN A CA  1 
ATOM   53  C C   . ASN A 1 16 ? 5.997   -9.808  0.359   1.00 10.84 ? 9   ASN A C   1 
ATOM   54  O O   . ASN A 1 16 ? 5.345   -10.536 -0.383  1.00 14.21 ? 9   ASN A O   1 
ATOM   55  C CB  . ASN A 1 16 ? 6.038   -10.976 2.552   1.00 13.79 ? 9   ASN A CB  1 
ATOM   56  C CG  . ASN A 1 16 ? 5.928   -10.840 4.051   1.00 15.63 ? 9   ASN A CG  1 
ATOM   57  O OD1 . ASN A 1 16 ? 6.552   -9.967  4.656   1.00 16.08 ? 9   ASN A OD1 1 
ATOM   58  N ND2 . ASN A 1 16 ? 5.118   -11.692 4.660   1.00 17.85 ? 9   ASN A ND2 1 
ATOM   59  N N   . LYS A 1 17 ? 7.028   -9.085  -0.052  1.00 10.03 ? 10  LYS A N   1 
ATOM   60  C CA  . LYS A 1 17 ? 7.536   -9.163  -1.415  1.00 9.58  ? 10  LYS A CA  1 
ATOM   61  C C   . LYS A 1 17 ? 8.487   -10.340 -1.557  1.00 10.67 ? 10  LYS A C   1 
ATOM   62  O O   . LYS A 1 17 ? 9.337   -10.565 -0.698  1.00 12.16 ? 10  LYS A O   1 
ATOM   63  C CB  . LYS A 1 17 ? 8.272   -7.876  -1.768  1.00 9.85  ? 10  LYS A CB  1 
ATOM   64  C CG  . LYS A 1 17 ? 7.404   -6.635  -1.692  1.00 10.24 ? 10  LYS A CG  1 
ATOM   65  C CD  . LYS A 1 17 ? 8.118   -5.392  -2.229  1.00 13.15 ? 10  LYS A CD  1 
ATOM   66  C CE  . LYS A 1 17 ? 9.268   -4.954  -1.352  1.00 12.78 ? 10  LYS A CE  1 
ATOM   67  N NZ  . LYS A 1 17 ? 9.973   -3.780  -1.943  1.00 10.12 ? 10  LYS A NZ  1 
ATOM   68  N N   . SER A 1 18 ? 8.365   -11.077 -2.655  1.00 11.40 ? 11  SER A N   1 
ATOM   69  C CA  A SER A 1 18 ? 9.265   -12.194 -2.926  0.60 11.99 ? 11  SER A CA  1 
ATOM   70  C CA  B SER A 1 18 ? 9.266   -12.194 -2.921  0.40 12.55 ? 11  SER A CA  1 
ATOM   71  C C   . SER A 1 18 ? 10.638  -11.720 -3.407  1.00 12.51 ? 11  SER A C   1 
ATOM   72  O O   . SER A 1 18 ? 11.633  -12.433 -3.262  1.00 14.79 ? 11  SER A O   1 
ATOM   73  C CB  A SER A 1 18 ? 8.647   -13.140 -3.957  0.60 13.69 ? 11  SER A CB  1 
ATOM   74  C CB  B SER A 1 18 ? 8.644   -13.163 -3.928  0.40 14.78 ? 11  SER A CB  1 
ATOM   75  O OG  A SER A 1 18 ? 7.501   -13.790 -3.436  0.60 14.28 ? 11  SER A OG  1 
ATOM   76  O OG  B SER A 1 18 ? 8.312   -12.505 -5.137  0.40 16.33 ? 11  SER A OG  1 
ATOM   77  N N   . SER A 1 19 ? 10.676  -10.528 -3.994  1.00 11.40 ? 12  SER A N   1 
ATOM   78  C CA  A SER A 1 19 ? 11.906  -9.866  -4.437  0.50 12.19 ? 12  SER A CA  1 
ATOM   79  C CA  B SER A 1 19 ? 11.935  -9.885  -4.311  0.50 12.65 ? 12  SER A CA  1 
ATOM   80  C C   . SER A 1 19 ? 11.748  -8.391  -4.097  1.00 10.60 ? 12  SER A C   1 
ATOM   81  O O   . SER A 1 19 ? 10.629  -7.887  -4.120  1.00 9.87  ? 12  SER A O   1 
ATOM   82  C CB  A SER A 1 19 ? 12.080  -9.990  -5.954  0.50 14.65 ? 12  SER A CB  1 
ATOM   83  C CB  B SER A 1 19 ? 12.374  -10.199 -5.739  0.50 16.01 ? 12  SER A CB  1 
ATOM   84  O OG  A SER A 1 19 ? 12.197  -11.335 -6.376  0.50 15.38 ? 12  SER A OG  1 
ATOM   85  O OG  B SER A 1 19 ? 11.442  -9.693  -6.667  0.50 17.53 ? 12  SER A OG  1 
ATOM   86  N N   . PRO A 1 20 ? 12.849  -7.674  -3.826  1.00 10.43 ? 13  PRO A N   1 
ATOM   87  C CA  . PRO A 1 20 ? 12.671  -6.255  -3.477  1.00 9.61  ? 13  PRO A CA  1 
ATOM   88  C C   . PRO A 1 20 ? 11.989  -5.416  -4.559  1.00 8.62  ? 13  PRO A C   1 
ATOM   89  O O   . PRO A 1 20 ? 11.298  -4.445  -4.237  1.00 9.39  ? 13  PRO A O   1 
ATOM   90  C CB  . PRO A 1 20 ? 14.104  -5.773  -3.230  1.00 11.20 ? 13  PRO A CB  1 
ATOM   91  C CG  . PRO A 1 20 ? 14.815  -6.998  -2.760  1.00 12.78 ? 13  PRO A CG  1 
ATOM   92  C CD  . PRO A 1 20 ? 14.228  -8.131  -3.568  1.00 12.67 ? 13  PRO A CD  1 
ATOM   93  N N   . GLU A 1 21 ? 12.166  -5.779  -5.825  1.00 8.92  ? 14  GLU A N   1 
ATOM   94  C CA  . GLU A 1 21 ? 11.567  -4.998  -6.906  1.00 9.31  ? 14  GLU A CA  1 
ATOM   95  C C   . GLU A 1 21 ? 10.129  -5.414  -7.223  1.00 8.77  ? 14  GLU A C   1 
ATOM   96  O O   . GLU A 1 21 ? 9.479   -4.792  -8.055  1.00 9.41  ? 14  GLU A O   1 
ATOM   97  C CB  . GLU A 1 21 ? 12.414  -5.042  -8.185  1.00 9.88  ? 14  GLU A CB  1 
ATOM   98  C CG  . GLU A 1 21 ? 12.435  -6.393  -8.857  1.00 11.77 ? 14  GLU A CG  1 
ATOM   99  C CD  . GLU A 1 21 ? 13.622  -7.230  -8.439  1.00 16.28 ? 14  GLU A CD  1 
ATOM   100 O OE1 . GLU A 1 21 ? 13.829  -7.442  -7.227  1.00 16.89 ? 14  GLU A OE1 1 
ATOM   101 O OE2 . GLU A 1 21 ? 14.362  -7.669  -9.335  1.00 22.27 ? 14  GLU A OE2 1 
ATOM   102 N N   . GLU A 1 22 ? 9.625   -6.461  -6.573  1.00 8.07  ? 15  GLU A N   1 
ATOM   103 C CA  . GLU A 1 22 ? 8.265   -6.901  -6.840  1.00 8.55  ? 15  GLU A CA  1 
ATOM   104 C C   . GLU A 1 22 ? 7.265   -5.840  -6.391  1.00 9.28  ? 15  GLU A C   1 
ATOM   105 O O   . GLU A 1 22 ? 7.391   -5.282  -5.303  1.00 9.88  ? 15  GLU A O   1 
ATOM   106 C CB  . GLU A 1 22 ? 7.971   -8.216  -6.125  1.00 9.03  ? 15  GLU A CB  1 
ATOM   107 C CG  . GLU A 1 22 ? 6.638   -8.817  -6.520  1.00 9.62  ? 15  GLU A CG  1 
ATOM   108 C CD  . GLU A 1 22 ? 6.328   -10.109 -5.802  1.00 11.42 ? 15  GLU A CD  1 
ATOM   109 O OE1 . GLU A 1 22 ? 6.841   -10.302 -4.684  1.00 15.05 ? 15  GLU A OE1 1 
ATOM   110 O OE2 . GLU A 1 22 ? 5.544   -10.919 -6.344  1.00 11.67 ? 15  GLU A OE2 1 
ATOM   111 N N   . GLN A 1 23 ? 6.265   -5.576  -7.227  1.00 10.11 ? 16  GLN A N   1 
ATOM   112 C CA  . GLN A 1 23 ? 5.194   -4.655  -6.863  1.00 12.16 ? 16  GLN A CA  1 
ATOM   113 C C   . GLN A 1 23 ? 4.134   -5.393  -6.072  1.00 10.05 ? 16  GLN A C   1 
ATOM   114 O O   . GLN A 1 23 ? 4.010   -6.609  -6.182  1.00 10.54 ? 16  GLN A O   1 
ATOM   115 C CB  . GLN A 1 23 ? 4.550   -4.077  -8.116  1.00 17.55 ? 16  GLN A CB  1 
ATOM   116 C CG  . GLN A 1 23 ? 5.510   -3.437  -9.067  1.00 22.47 ? 16  GLN A CG  1 
ATOM   117 C CD  . GLN A 1 23 ? 4.817   -2.928  -10.306 1.00 27.69 ? 16  GLN A CD  1 
ATOM   118 O OE1 . GLN A 1 23 ? 4.653   -3.656  -11.286 1.00 31.67 ? 16  GLN A OE1 1 
ATOM   119 N NE2 . GLN A 1 23 ? 4.398   -1.672  -10.270 1.00 28.18 ? 16  GLN A NE2 1 
ATOM   120 N N   . LEU A 1 24 ? 3.338   -4.656  -5.310  1.00 10.05 ? 17  LEU A N   1 
ATOM   121 C CA  . LEU A 1 24 ? 2.297   -5.282  -4.503  1.00 10.36 ? 17  LEU A CA  1 
ATOM   122 C C   . LEU A 1 24 ? 1.020   -5.548  -5.281  1.00 10.22 ? 17  LEU A C   1 
ATOM   123 O O   . LEU A 1 24 ? 0.143   -6.268  -4.812  1.00 11.55 ? 17  LEU A O   1 
ATOM   124 C CB  . LEU A 1 24 ? 1.974   -4.425  -3.285  1.00 11.32 ? 17  LEU A CB  1 
ATOM   125 C CG  . LEU A 1 24 ? 3.144   -4.235  -2.322  1.00 12.59 ? 17  LEU A CG  1 
ATOM   126 C CD1 . LEU A 1 24 ? 2.737   -3.333  -1.173  1.00 13.88 ? 17  LEU A CD1 1 
ATOM   127 C CD2 . LEU A 1 24 ? 3.645   -5.576  -1.804  1.00 14.14 ? 17  LEU A CD2 1 
ATOM   128 N N   . GLY A 1 25 ? 0.903   -4.958  -6.460  1.00 10.69 ? 18  GLY A N   1 
ATOM   129 C CA  . GLY A 1 25 ? -0.331  -5.072  -7.204  1.00 13.66 ? 18  GLY A CA  1 
ATOM   130 C C   . GLY A 1 25 ? -1.457  -4.253  -6.600  1.00 13.88 ? 18  GLY A C   1 
ATOM   131 O O   . GLY A 1 25 ? -2.586  -4.724  -6.499  1.00 13.96 ? 18  GLY A O   1 
ATOM   132 N N   . ILE A 1 26 ? -1.133  -3.035  -6.173  1.00 12.38 ? 19  ILE A N   1 
ATOM   133 C CA  A ILE A 1 26 ? -2.107  -2.064  -5.676  0.50 11.56 ? 19  ILE A CA  1 
ATOM   134 C CA  B ILE A 1 26 ? -2.157  -2.084  -5.761  0.50 13.21 ? 19  ILE A CA  1 
ATOM   135 C C   . ILE A 1 26 ? -1.867  -0.728  -6.370  1.00 12.35 ? 19  ILE A C   1 
ATOM   136 O O   . ILE A 1 26 ? -0.750  -0.225  -6.319  1.00 15.18 ? 19  ILE A O   1 
ATOM   137 C CB  A ILE A 1 26 ? -1.912  -1.783  -4.171  0.50 11.07 ? 19  ILE A CB  1 
ATOM   138 C CB  B ILE A 1 26 ? -2.330  -1.948  -4.220  0.50 15.66 ? 19  ILE A CB  1 
ATOM   139 C CG1 A ILE A 1 26 ? -1.873  -3.081  -3.363  0.50 11.35 ? 19  ILE A CG1 1 
ATOM   140 C CG1 B ILE A 1 26 ? -0.985  -1.780  -3.515  0.50 17.70 ? 19  ILE A CG1 1 
ATOM   141 C CG2 A ILE A 1 26 ? -2.998  -0.852  -3.671  0.50 10.88 ? 19  ILE A CG2 1 
ATOM   142 C CG2 B ILE A 1 26 ? -3.083  -3.130  -3.660  0.50 16.10 ? 19  ILE A CG2 1 
ATOM   143 C CD1 A ILE A 1 26 ? -1.318  -2.913  -1.964  0.50 11.74 ? 19  ILE A CD1 1 
ATOM   144 C CD1 B ILE A 1 26 ? -1.093  -1.655  -2.011  0.50 19.03 ? 19  ILE A CD1 1 
ATOM   145 N N   . LYS A 1 27 ? -2.888  -0.151  -6.984  1.00 10.64 ? 20  LYS A N   1 
ATOM   146 C CA  . LYS A 1 27 ? -2.762  1.185   -7.536  1.00 10.62 ? 20  LYS A CA  1 
ATOM   147 C C   . LYS A 1 27 ? -3.248  2.174   -6.485  1.00 10.32 ? 20  LYS A C   1 
ATOM   148 O O   . LYS A 1 27 ? -4.382  2.086   -6.029  1.00 11.05 ? 20  LYS A O   1 
ATOM   149 C CB  . LYS A 1 27 ? -3.594  1.324   -8.807  1.00 12.95 ? 20  LYS A CB  1 
ATOM   150 C CG  . LYS A 1 27 ? -3.618  2.731   -9.347  1.00 17.64 ? 20  LYS A CG  1 
ATOM   151 C CD  . LYS A 1 27 ? -2.282  3.116   -9.946  1.00 24.52 ? 20  LYS A CD  1 
ATOM   152 C CE  . LYS A 1 27 ? -2.239  4.604   -10.260 1.00 29.96 ? 20  LYS A CE  1 
ATOM   153 N NZ  . LYS A 1 27 ? -3.474  5.057   -10.955 1.00 33.16 ? 20  LYS A NZ  1 
ATOM   154 N N   . LEU A 1 28 ? -2.373  3.094   -6.091  1.00 10.72 ? 21  LEU A N   1 
ATOM   155 C CA  . LEU A 1 28 ? -2.665  4.062   -5.044  1.00 11.15 ? 21  LEU A CA  1 
ATOM   156 C C   . LEU A 1 28 ? -2.891  5.425   -5.659  1.00 11.30 ? 21  LEU A C   1 
ATOM   157 O O   . LEU A 1 28 ? -2.162  5.832   -6.561  1.00 13.11 ? 21  LEU A O   1 
ATOM   158 C CB  . LEU A 1 28 ? -1.509  4.129   -4.048  1.00 12.94 ? 21  LEU A CB  1 
ATOM   159 C CG  . LEU A 1 28 ? -1.276  2.837   -3.263  1.00 13.39 ? 21  LEU A CG  1 
ATOM   160 C CD1 . LEU A 1 28 ? -0.058  2.957   -2.364  1.00 15.26 ? 21  LEU A CD1 1 
ATOM   161 C CD2 . LEU A 1 28 ? -2.500  2.484   -2.447  1.00 13.75 ? 21  LEU A CD2 1 
ATOM   162 N N   . VAL A 1 29 ? -3.899  6.128   -5.160  1.00 11.68 ? 22  VAL A N   1 
ATOM   163 C CA  . VAL A 1 29 ? -4.293  7.402   -5.734  1.00 11.76 ? 22  VAL A CA  1 
ATOM   164 C C   . VAL A 1 29 ? -4.625  8.436   -4.671  1.00 10.91 ? 22  VAL A C   1 
ATOM   165 O O   . VAL A 1 29 ? -4.885  8.121   -3.500  1.00 10.81 ? 22  VAL A O   1 
ATOM   166 C CB  . VAL A 1 29 ? -5.518  7.264   -6.678  1.00 13.01 ? 22  VAL A CB  1 
ATOM   167 C CG1 . VAL A 1 29 ? -5.187  6.366   -7.870  1.00 14.32 ? 22  VAL A CG1 1 
ATOM   168 C CG2 . VAL A 1 29 ? -6.736  6.735   -5.921  1.00 13.18 ? 22  VAL A CG2 1 
ATOM   169 N N   . ARG A 1 30 ? -4.594  9.685   -5.110  1.00 12.84 ? 23  ARG A N   1 
ATOM   170 C CA  A ARG A 1 30 ? -5.064  10.784  -4.291  0.50 12.90 ? 23  ARG A CA  1 
ATOM   171 C CA  B ARG A 1 30 ? -5.048  10.812  -4.318  0.50 12.76 ? 23  ARG A CA  1 
ATOM   172 C C   . ARG A 1 30 ? -6.489  11.118  -4.707  1.00 13.76 ? 23  ARG A C   1 
ATOM   173 O O   . ARG A 1 30 ? -6.956  10.670  -5.755  1.00 16.03 ? 23  ARG A O   1 
ATOM   174 C CB  A ARG A 1 30 ? -4.151  11.998  -4.455  0.50 14.34 ? 23  ARG A CB  1 
ATOM   175 C CB  B ARG A 1 30 ? -4.162  12.027  -4.595  0.50 13.41 ? 23  ARG A CB  1 
ATOM   176 C CG  A ARG A 1 30 ? -4.094  12.552  -5.867  0.50 17.16 ? 23  ARG A CG  1 
ATOM   177 C CG  B ARG A 1 30 ? -3.822  12.218  -6.071  0.50 15.06 ? 23  ARG A CG  1 
ATOM   178 C CD  A ARG A 1 30 ? -2.961  13.555  -6.018  0.50 19.16 ? 23  ARG A CD  1 
ATOM   179 C CD  B ARG A 1 30 ? -3.074  13.522  -6.330  0.50 15.36 ? 23  ARG A CD  1 
ATOM   180 N NE  A ARG A 1 30 ? -1.976  13.114  -7.000  0.50 20.13 ? 23  ARG A NE  1 
ATOM   181 N NE  B ARG A 1 30 ? -1.904  13.687  -5.467  0.50 15.69 ? 23  ARG A NE  1 
ATOM   182 C CZ  A ARG A 1 30 ? -0.691  12.896  -6.740  0.50 20.19 ? 23  ARG A CZ  1 
ATOM   183 C CZ  B ARG A 1 30 ? -0.704  13.176  -5.721  0.50 15.67 ? 23  ARG A CZ  1 
ATOM   184 N NH1 A ARG A 1 30 ? -0.211  13.086  -5.516  0.50 19.81 ? 23  ARG A NH1 1 
ATOM   185 N NH1 B ARG A 1 30 ? 0.296   13.379  -4.872  0.50 13.80 ? 23  ARG A NH1 1 
ATOM   186 N NH2 A ARG A 1 30 ? 0.119   12.497  -7.712  0.50 21.26 ? 23  ARG A NH2 1 
ATOM   187 N NH2 B ARG A 1 30 ? -0.503  12.462  -6.820  0.50 16.87 ? 23  ARG A NH2 1 
ATOM   188 N N   . ARG A 1 31 ? -7.187  11.879  -3.872  1.00 14.58 ? 24  ARG A N   1 
ATOM   189 C CA  . ARG A 1 31 ? -8.543  12.317  -4.179  1.00 17.14 ? 24  ARG A CA  1 
ATOM   190 C C   . ARG A 1 31 ? -8.598  13.829  -4.197  1.00 19.54 ? 24  ARG A C   1 
ATOM   191 O O   . ARG A 1 31 ? -7.870  14.486  -3.467  1.00 19.70 ? 24  ARG A O   1 
ATOM   192 C CB  . ARG A 1 31 ? -9.523  11.774  -3.152  1.00 17.68 ? 24  ARG A CB  1 
ATOM   193 C CG  . ARG A 1 31 ? -9.693  10.286  -3.264  1.00 18.41 ? 24  ARG A CG  1 
ATOM   194 C CD  . ARG A 1 31 ? -10.788 9.762   -2.377  1.00 18.70 ? 24  ARG A CD  1 
ATOM   195 N NE  . ARG A 1 31 ? -10.935 8.323   -2.573  1.00 18.29 ? 24  ARG A NE  1 
ATOM   196 C CZ  . ARG A 1 31 ? -11.580 7.512   -1.744  1.00 18.52 ? 24  ARG A CZ  1 
ATOM   197 N NH1 . ARG A 1 31 ? -12.164 7.995   -0.655  1.00 18.68 ? 24  ARG A NH1 1 
ATOM   198 N NH2 . ARG A 1 31 ? -11.643 6.213   -2.010  1.00 19.44 ? 24  ARG A NH2 1 
ATOM   199 N N   . VAL A 1 32 ? -9.466  14.389  -5.027  1.00 23.64 ? 25  VAL A N   1 
ATOM   200 C CA  . VAL A 1 32 ? -9.500  15.836  -5.165  1.00 25.75 ? 25  VAL A CA  1 
ATOM   201 C C   . VAL A 1 32 ? -10.066 16.536  -3.922  1.00 24.35 ? 25  VAL A C   1 
ATOM   202 O O   . VAL A 1 32 ? -9.632  17.633  -3.573  1.00 24.66 ? 25  VAL A O   1 
ATOM   203 C CB  . VAL A 1 32 ? -10.257 16.269  -6.449  1.00 29.32 ? 25  VAL A CB  1 
ATOM   204 C CG1 . VAL A 1 32 ? -11.731 15.897  -6.359  1.00 30.92 ? 25  VAL A CG1 1 
ATOM   205 C CG2 . VAL A 1 32 ? -10.077 17.760  -6.708  1.00 30.31 ? 25  VAL A CG2 1 
ATOM   206 N N   . ASP A 1 33 ? -11.001 15.894  -3.228  1.00 21.85 ? 26  ASP A N   1 
ATOM   207 C CA  . ASP A 1 33 ? -11.773 16.596  -2.204  1.00 22.02 ? 26  ASP A CA  1 
ATOM   208 C C   . ASP A 1 33 ? -11.581 16.118  -0.764  1.00 18.67 ? 26  ASP A C   1 
ATOM   209 O O   . ASP A 1 33 ? -12.326 16.522  0.127   1.00 19.45 ? 26  ASP A O   1 
ATOM   210 C CB  . ASP A 1 33 ? -13.260 16.580  -2.564  1.00 25.91 ? 26  ASP A CB  1 
ATOM   211 C CG  . ASP A 1 33 ? -13.817 15.176  -2.685  1.00 29.53 ? 26  ASP A CG  1 
ATOM   212 O OD1 . ASP A 1 33 ? -13.023 14.210  -2.663  1.00 31.40 ? 26  ASP A OD1 1 
ATOM   213 O OD2 . ASP A 1 33 ? -15.054 15.042  -2.811  1.00 31.79 ? 26  ASP A OD2 1 
ATOM   214 N N   . GLU A 1 34 ? -10.588 15.271  -0.531  1.00 15.80 ? 27  GLU A N   1 
ATOM   215 C CA  . GLU A 1 34 ? -10.279 14.845  0.827   1.00 14.75 ? 27  GLU A CA  1 
ATOM   216 C C   . GLU A 1 34 ? -8.842  14.362  0.903   1.00 12.75 ? 27  GLU A C   1 
ATOM   217 O O   . GLU A 1 34 ? -8.291  13.898  -0.097  1.00 13.08 ? 27  GLU A O   1 
ATOM   218 C CB  . GLU A 1 34 ? -11.236 13.746  1.296   1.00 15.58 ? 27  GLU A CB  1 
ATOM   219 C CG  . GLU A 1 34 ? -11.088 12.437  0.550   1.00 16.35 ? 27  GLU A CG  1 
ATOM   220 C CD  . GLU A 1 34 ? -12.022 11.363  1.083   1.00 18.10 ? 27  GLU A CD  1 
ATOM   221 O OE1 . GLU A 1 34 ? -12.059 11.150  2.315   1.00 18.08 ? 27  GLU A OE1 1 
ATOM   222 O OE2 . GLU A 1 34 ? -12.727 10.732  0.270   1.00 18.85 ? 27  GLU A OE2 1 
ATOM   223 N N   . PRO A 1 35 ? -8.226  14.474  2.088   1.00 12.93 ? 28  PRO A N   1 
ATOM   224 C CA  . PRO A 1 35 ? -6.864  13.960  2.248   1.00 12.29 ? 28  PRO A CA  1 
ATOM   225 C C   . PRO A 1 35 ? -6.802  12.437  2.240   1.00 10.61 ? 28  PRO A C   1 
ATOM   226 O O   . PRO A 1 35 ? -7.808  11.753  2.491   1.00 11.42 ? 28  PRO A O   1 
ATOM   227 C CB  . PRO A 1 35 ? -6.455  14.491  3.625   1.00 13.45 ? 28  PRO A CB  1 
ATOM   228 C CG  . PRO A 1 35 ? -7.755  14.636  4.365   1.00 13.67 ? 28  PRO A CG  1 
ATOM   229 C CD  . PRO A 1 35 ? -8.734  15.101  3.324   1.00 14.37 ? 28  PRO A CD  1 
ATOM   230 N N   . GLY A 1 36 ? -5.614  11.926  1.940   1.00 9.97  ? 29  GLY A N   1 
ATOM   231 C CA  . GLY A 1 36 ? -5.335  10.520  2.120   1.00 9.50  ? 29  GLY A CA  1 
ATOM   232 C C   . GLY A 1 36 ? -4.873  9.831   0.855   1.00 7.89  ? 29  GLY A C   1 
ATOM   233 O O   . GLY A 1 36 ? -4.996  10.356  -0.265  1.00 8.93  ? 29  GLY A O   1 
ATOM   234 N N   . VAL A 1 37 ? -4.333  8.635   1.057   1.00 7.58  ? 30  VAL A N   1 
ATOM   235 C CA  . VAL A 1 37 ? -3.879  7.763   -0.012  1.00 7.32  ? 30  VAL A CA  1 
ATOM   236 C C   . VAL A 1 37 ? -4.836  6.584   -0.052  1.00 6.82  ? 30  VAL A C   1 
ATOM   237 O O   . VAL A 1 37 ? -5.026  5.916   0.969   1.00 7.54  ? 30  VAL A O   1 
ATOM   238 C CB  . VAL A 1 37 ? -2.441  7.271   0.279   1.00 8.13  ? 30  VAL A CB  1 
ATOM   239 C CG1 . VAL A 1 37 ? -1.977  6.299   -0.790  1.00 9.16  ? 30  VAL A CG1 1 
ATOM   240 C CG2 . VAL A 1 37 ? -1.473  8.443   0.399   1.00 9.05  ? 30  VAL A CG2 1 
ATOM   241 N N   . PHE A 1 38 ? -5.425  6.329   -1.222  1.00 7.53  ? 31  PHE A N   1 
ATOM   242 C CA  . PHE A 1 38 ? -6.490  5.342   -1.338  1.00 8.18  ? 31  PHE A CA  1 
ATOM   243 C C   . PHE A 1 38 ? -6.172  4.292   -2.380  1.00 7.83  ? 31  PHE A C   1 
ATOM   244 O O   . PHE A 1 38 ? -5.478  4.555   -3.360  1.00 9.54  ? 31  PHE A O   1 
ATOM   245 C CB  . PHE A 1 38 ? -7.818  6.026   -1.682  1.00 9.71  ? 31  PHE A CB  1 
ATOM   246 C CG  . PHE A 1 38 ? -8.285  6.979   -0.627  1.00 9.93  ? 31  PHE A CG  1 
ATOM   247 C CD1 . PHE A 1 38 ? -7.849  8.291   -0.620  1.00 9.57  ? 31  PHE A CD1 1 
ATOM   248 C CD2 . PHE A 1 38 ? -9.135  6.553   0.383   1.00 10.72 ? 31  PHE A CD2 1 
ATOM   249 C CE1 . PHE A 1 38 ? -8.263  9.167   0.355   1.00 10.73 ? 31  PHE A CE1 1 
ATOM   250 C CE2 . PHE A 1 38 ? -9.562  7.430   1.365   1.00 11.02 ? 31  PHE A CE2 1 
ATOM   251 C CZ  . PHE A 1 38 ? -9.121  8.739   1.348   1.00 11.59 ? 31  PHE A CZ  1 
ATOM   252 N N   . ILE A 1 39 ? -6.718  3.101   -2.182  1.00 8.51  ? 32  ILE A N   1 
ATOM   253 C CA  . ILE A 1 39 ? -6.560  2.041   -3.162  1.00 9.01  ? 32  ILE A CA  1 
ATOM   254 C C   . ILE A 1 39 ? -7.583  2.230   -4.278  1.00 9.33  ? 32  ILE A C   1 
ATOM   255 O O   . ILE A 1 39 ? -8.792  2.217   -4.039  1.00 10.61 ? 32  ILE A O   1 
ATOM   256 C CB  . ILE A 1 39 ? -6.757  0.660   -2.527  1.00 10.06 ? 32  ILE A CB  1 
ATOM   257 C CG1 . ILE A 1 39 ? -5.682  0.410   -1.471  1.00 10.47 ? 32  ILE A CG1 1 
ATOM   258 C CG2 . ILE A 1 39 ? -6.726  -0.427  -3.603  1.00 11.72 ? 32  ILE A CG2 1 
ATOM   259 C CD1 . ILE A 1 39 ? -5.724  -0.976  -0.868  1.00 12.13 ? 32  ILE A CD1 1 
ATOM   260 N N   . PHE A 1 40 ? -7.088  2.404   -5.498  1.00 9.98  ? 33  PHE A N   1 
ATOM   261 C CA  . PHE A 1 40 ? -7.946  2.519   -6.665  1.00 9.95  ? 33  PHE A CA  1 
ATOM   262 C C   . PHE A 1 40 ? -8.357  1.149   -7.169  1.00 9.46  ? 33  PHE A C   1 
ATOM   263 O O   . PHE A 1 40 ? -9.528  0.927   -7.497  1.00 10.97 ? 33  PHE A O   1 
ATOM   264 C CB  . PHE A 1 40 ? -7.224  3.287   -7.774  1.00 10.64 ? 33  PHE A CB  1 
ATOM   265 C CG  . PHE A 1 40 ? -8.007  3.373   -9.049  1.00 12.41 ? 33  PHE A CG  1 
ATOM   266 C CD1 . PHE A 1 40 ? -9.012  4.312   -9.189  1.00 13.83 ? 33  PHE A CD1 1 
ATOM   267 C CD2 . PHE A 1 40 ? -7.761  2.497   -10.102 1.00 13.86 ? 33  PHE A CD2 1 
ATOM   268 C CE1 . PHE A 1 40 ? -9.751  4.390   -10.359 1.00 16.06 ? 33  PHE A CE1 1 
ATOM   269 C CE2 . PHE A 1 40 ? -8.491  2.575   -11.274 1.00 16.46 ? 33  PHE A CE2 1 
ATOM   270 C CZ  . PHE A 1 40 ? -9.488  3.517   -11.398 1.00 17.35 ? 33  PHE A CZ  1 
ATOM   271 N N   . ASN A 1 41 ? -7.385  0.246   -7.278  1.00 10.40 ? 34  ASN A N   1 
ATOM   272 C CA  . ASN A 1 41 ? -7.666  -1.140  -7.619  1.00 11.48 ? 34  ASN A CA  1 
ATOM   273 C C   . ASN A 1 41 ? -6.570  -2.068  -7.121  1.00 10.94 ? 34  ASN A C   1 
ATOM   274 O O   . ASN A 1 41 ? -5.473  -1.631  -6.757  1.00 12.12 ? 34  ASN A O   1 
ATOM   275 C CB  . ASN A 1 41 ? -8.027  -1.354  -9.103  1.00 15.00 ? 34  ASN A CB  1 
ATOM   276 C CG  . ASN A 1 41 ? -6.899  -1.025  -10.056 1.00 18.75 ? 34  ASN A CG  1 
ATOM   277 O OD1 . ASN A 1 41 ? -5.748  -0.873  -9.667  1.00 20.95 ? 34  ASN A OD1 1 
ATOM   278 N ND2 . ASN A 1 41 ? -7.235  -0.935  -11.340 1.00 21.15 ? 34  ASN A ND2 1 
ATOM   279 N N   . VAL A 1 42 ? -6.925  -3.341  -7.049  1.00 13.12 ? 35  VAL A N   1 
ATOM   280 C CA  . VAL A 1 42 ? -6.044  -4.405  -6.615  1.00 14.00 ? 35  VAL A CA  1 
ATOM   281 C C   . VAL A 1 42 ? -5.899  -5.343  -7.803  1.00 15.24 ? 35  VAL A C   1 
ATOM   282 O O   . VAL A 1 42 ? -6.886  -5.883  -8.305  1.00 16.81 ? 35  VAL A O   1 
ATOM   283 C CB  . VAL A 1 42 ? -6.655  -5.162  -5.425  1.00 14.44 ? 35  VAL A CB  1 
ATOM   284 C CG1 . VAL A 1 42 ? -5.756  -6.325  -5.008  1.00 15.81 ? 35  VAL A CG1 1 
ATOM   285 C CG2 . VAL A 1 42 ? -6.917  -4.207  -4.252  1.00 15.44 ? 35  VAL A CG2 1 
ATOM   286 N N   . LEU A 1 43 ? -4.670  -5.514  -8.270  1.00 15.49 ? 36  LEU A N   1 
ATOM   287 C CA  . LEU A 1 43 ? -4.407  -6.221  -9.513  1.00 18.22 ? 36  LEU A CA  1 
ATOM   288 C C   . LEU A 1 43 ? -4.606  -7.720  -9.348  1.00 17.82 ? 36  LEU A C   1 
ATOM   289 O O   . LEU A 1 43 ? -4.080  -8.326  -8.421  1.00 15.93 ? 36  LEU A O   1 
ATOM   290 C CB  . LEU A 1 43 ? -2.993  -5.905  -10.010 1.00 22.52 ? 36  LEU A CB  1 
ATOM   291 C CG  . LEU A 1 43 ? -2.748  -4.519  -10.629 1.00 27.85 ? 36  LEU A CG  1 
ATOM   292 C CD1 . LEU A 1 43 ? -2.893  -3.362  -9.634  1.00 30.05 ? 36  LEU A CD1 1 
ATOM   293 C CD2 . LEU A 1 43 ? -1.380  -4.474  -11.298 1.00 29.65 ? 36  LEU A CD2 1 
ATOM   294 N N   . ASN A 1 44 ? -5.379  -8.315  -10.249 1.00 19.81 ? 37  ASN A N   1 
ATOM   295 C CA  . ASN A 1 44 ? -5.646  -9.745  -10.183 1.00 21.62 ? 37  ASN A CA  1 
ATOM   296 C C   . ASN A 1 44 ? -4.360  -10.562 -10.155 1.00 20.20 ? 37  ASN A C   1 
ATOM   297 O O   . ASN A 1 44 ? -3.472  -10.355 -10.975 1.00 20.86 ? 37  ASN A O   1 
ATOM   298 C CB  . ASN A 1 44 ? -6.517  -10.185 -11.362 1.00 26.96 ? 37  ASN A CB  1 
ATOM   299 C CG  . ASN A 1 44 ? -7.954  -9.731  -11.224 1.00 32.49 ? 37  ASN A CG  1 
ATOM   300 O OD1 . ASN A 1 44 ? -8.323  -9.093  -10.239 1.00 35.47 ? 37  ASN A OD1 1 
ATOM   301 N ND2 . ASN A 1 44 ? -8.775  -10.056 -12.218 1.00 34.33 ? 37  ASN A ND2 1 
ATOM   302 N N   . GLY A 1 45 ? -4.261  -11.461 -9.182  1.00 18.51 ? 38  GLY A N   1 
ATOM   303 C CA  . GLY A 1 45 ? -3.131  -12.361 -9.078  1.00 17.35 ? 38  GLY A CA  1 
ATOM   304 C C   . GLY A 1 45 ? -1.881  -11.780 -8.438  1.00 15.35 ? 38  GLY A C   1 
ATOM   305 O O   . GLY A 1 45 ? -0.894  -12.492 -8.275  1.00 16.36 ? 38  GLY A O   1 
ATOM   306 N N   . GLY A 1 46 ? -1.915  -10.497 -8.079  1.00 13.83 ? 39  GLY A N   1 
ATOM   307 C CA  . GLY A 1 46 ? -0.781  -9.849  -7.446  1.00 12.59 ? 39  GLY A CA  1 
ATOM   308 C C   . GLY A 1 46 ? -0.674  -10.194 -5.977  1.00 11.56 ? 39  GLY A C   1 
ATOM   309 O O   . GLY A 1 46 ? -1.499  -10.927 -5.434  1.00 12.57 ? 39  GLY A O   1 
ATOM   310 N N   . VAL A 1 47 ? 0.354   -9.656  -5.334  1.00 10.92 ? 40  VAL A N   1 
ATOM   311 C CA  . VAL A 1 47 ? 0.608   -9.929  -3.921  1.00 10.63 ? 40  VAL A CA  1 
ATOM   312 C C   . VAL A 1 47 ? -0.593  -9.564  -3.046  1.00 10.07 ? 40  VAL A C   1 
ATOM   313 O O   . VAL A 1 47 ? -1.043  -10.358 -2.222  1.00 10.90 ? 40  VAL A O   1 
ATOM   314 C CB  . VAL A 1 47 ? 1.870   -9.185  -3.427  1.00 11.31 ? 40  VAL A CB  1 
ATOM   315 C CG1 . VAL A 1 47 ? 2.046   -9.337  -1.915  1.00 12.66 ? 40  VAL A CG1 1 
ATOM   316 C CG2 . VAL A 1 47 ? 3.109   -9.687  -4.157  1.00 12.69 ? 40  VAL A CG2 1 
ATOM   317 N N   . ALA A 1 48 ? -1.120  -8.361  -3.231  1.00 9.65  ? 41  ALA A N   1 
ATOM   318 C CA  . ALA A 1 48 ? -2.255  -7.912  -2.431  1.00 9.98  ? 41  ALA A CA  1 
ATOM   319 C C   . ALA A 1 48 ? -3.520  -8.742  -2.685  1.00 10.22 ? 41  ALA A C   1 
ATOM   320 O O   . ALA A 1 48 ? -4.266  -9.055  -1.748  1.00 10.84 ? 41  ALA A O   1 
ATOM   321 C CB  . ALA A 1 48 ? -2.526  -6.452  -2.682  1.00 9.91  ? 41  ALA A CB  1 
ATOM   322 N N   . ASP A 1 49 ? -3.769  -9.084  -3.945  1.00 11.21 ? 42  ASP A N   1 
ATOM   323 C CA  . ASP A 1 49 ? -4.932  -9.881  -4.294  1.00 13.60 ? 42  ASP A CA  1 
ATOM   324 C C   . ASP A 1 49 ? -4.853  -11.254 -3.635  1.00 14.79 ? 42  ASP A C   1 
ATOM   325 O O   . ASP A 1 49 ? -5.822  -11.726 -3.040  1.00 16.87 ? 42  ASP A O   1 
ATOM   326 C CB  . ASP A 1 49 ? -5.034  -10.027 -5.815  1.00 15.19 ? 42  ASP A CB  1 
ATOM   327 C CG  . ASP A 1 49 ? -6.242  -10.838 -6.243  1.00 19.86 ? 42  ASP A CG  1 
ATOM   328 O OD1 . ASP A 1 49 ? -7.312  -10.669 -5.624  1.00 22.49 ? 42  ASP A OD1 1 
ATOM   329 O OD2 . ASP A 1 49 ? -6.116  -11.645 -7.186  1.00 20.79 ? 42  ASP A OD2 1 
ATOM   330 N N   . ARG A 1 50 ? -3.693  -11.894 -3.736  1.00 14.98 ? 43  ARG A N   1 
ATOM   331 C CA  . ARG A 1 50 ? -3.540  -13.235 -3.187  1.00 16.32 ? 43  ARG A CA  1 
ATOM   332 C C   . ARG A 1 50 ? -3.644  -13.258 -1.666  1.00 16.25 ? 43  ARG A C   1 
ATOM   333 O O   . ARG A 1 50 ? -4.159  -14.210 -1.089  1.00 18.02 ? 43  ARG A O   1 
ATOM   334 C CB  . ARG A 1 50 ? -2.242  -13.873 -3.680  1.00 18.93 ? 43  ARG A CB  1 
ATOM   335 C CG  . ARG A 1 50 ? -2.355  -14.321 -5.125  1.00 22.14 ? 43  ARG A CG  1 
ATOM   336 C CD  . ARG A 1 50 ? -1.103  -15.009 -5.627  1.00 25.84 ? 43  ARG A CD  1 
ATOM   337 N NE  . ARG A 1 50 ? -0.065  -14.046 -5.974  1.00 28.27 ? 43  ARG A NE  1 
ATOM   338 C CZ  . ARG A 1 50 ? 1.001   -13.795 -5.224  1.00 29.20 ? 43  ARG A CZ  1 
ATOM   339 N NH1 . ARG A 1 50 ? 1.176   -14.443 -4.080  1.00 30.35 ? 43  ARG A NH1 1 
ATOM   340 N NH2 . ARG A 1 50 ? 1.896   -12.900 -5.622  1.00 28.31 ? 43  ARG A NH2 1 
ATOM   341 N N   . HIS A 1 51 ? -3.160  -12.202 -1.025  1.00 14.78 ? 44  HIS A N   1 
ATOM   342 C CA  . HIS A 1 51 ? -3.316  -12.049 0.413   1.00 14.35 ? 44  HIS A CA  1 
ATOM   343 C C   . HIS A 1 51 ? -4.802  -11.942 0.765   1.00 14.36 ? 44  HIS A C   1 
ATOM   344 O O   . HIS A 1 51 ? -5.263  -12.556 1.727   1.00 16.63 ? 44  HIS A O   1 
ATOM   345 C CB  . HIS A 1 51 ? -2.528  -10.828 0.876   1.00 13.87 ? 44  HIS A CB  1 
ATOM   346 C CG  . HIS A 1 51 ? -2.686  -10.510 2.328   1.00 14.38 ? 44  HIS A CG  1 
ATOM   347 N ND1 . HIS A 1 51 ? -3.766  -9.810  2.826   1.00 13.72 ? 44  HIS A ND1 1 
ATOM   348 C CD2 . HIS A 1 51 ? -1.879  -10.764 3.387   1.00 15.40 ? 44  HIS A CD2 1 
ATOM   349 C CE1 . HIS A 1 51 ? -3.624  -9.658  4.131   1.00 13.57 ? 44  HIS A CE1 1 
ATOM   350 N NE2 . HIS A 1 51 ? -2.488  -10.228 4.495   1.00 13.79 ? 44  HIS A NE2 1 
ATOM   351 N N   . GLY A 1 52 ? -5.546  -11.175 -0.030  1.00 14.71 ? 45  GLY A N   1 
ATOM   352 C CA  . GLY A 1 52 ? -6.999  -11.211 -0.007  1.00 15.76 ? 45  GLY A CA  1 
ATOM   353 C C   . GLY A 1 52 ? -7.735  -10.202 0.860   1.00 15.49 ? 45  GLY A C   1 
ATOM   354 O O   . GLY A 1 52 ? -8.954  -10.067 0.754   1.00 17.86 ? 45  GLY A O   1 
ATOM   355 N N   . GLN A 1 53 ? -7.015  -9.482  1.710   1.00 12.80 ? 46  GLN A N   1 
ATOM   356 C CA  . GLN A 1 53 ? -7.677  -8.617  2.675   1.00 13.39 ? 46  GLN A CA  1 
ATOM   357 C C   . GLN A 1 53 ? -8.006  -7.222  2.140   1.00 12.28 ? 46  GLN A C   1 
ATOM   358 O O   . GLN A 1 53 ? -9.089  -6.698  2.389   1.00 14.08 ? 46  GLN A O   1 
ATOM   359 C CB  . GLN A 1 53 ? -6.849  -8.515  3.952   1.00 14.68 ? 46  GLN A CB  1 
ATOM   360 C CG  . GLN A 1 53 ? -7.543  -7.762  5.069   1.00 18.90 ? 46  GLN A CG  1 
ATOM   361 C CD  . GLN A 1 53 ? -6.817  -7.894  6.392   1.00 22.51 ? 46  GLN A CD  1 
ATOM   362 O OE1 . GLN A 1 53 ? -5.728  -8.470  6.464   1.00 23.78 ? 46  GLN A OE1 1 
ATOM   363 N NE2 . GLN A 1 53 ? -7.417  -7.361  7.452   1.00 23.04 ? 46  GLN A NE2 1 
ATOM   364 N N   . LEU A 1 54 ? -7.077  -6.618  1.407   1.00 11.26 ? 47  LEU A N   1 
ATOM   365 C CA  . LEU A 1 54 ? -7.283  -5.252  0.930   1.00 11.42 ? 47  LEU A CA  1 
ATOM   366 C C   . LEU A 1 54 ? -8.397  -5.152  -0.106  1.00 11.26 ? 47  LEU A C   1 
ATOM   367 O O   . LEU A 1 54 ? -8.568  -6.047  -0.938  1.00 12.69 ? 47  LEU A O   1 
ATOM   368 C CB  . LEU A 1 54 ? -5.998  -4.686  0.343   1.00 10.78 ? 47  LEU A CB  1 
ATOM   369 C CG  . LEU A 1 54 ? -4.864  -4.509  1.353   1.00 10.65 ? 47  LEU A CG  1 
ATOM   370 C CD1 . LEU A 1 54 ? -3.585  -4.131  0.640   1.00 11.97 ? 47  LEU A CD1 1 
ATOM   371 C CD2 . LEU A 1 54 ? -5.219  -3.446  2.383   1.00 11.05 ? 47  LEU A CD2 1 
ATOM   372 N N   . GLU A 1 55 ? -9.142  -4.050  -0.055  1.00 10.83 ? 48  GLU A N   1 
ATOM   373 C CA  . GLU A 1 55 ? -10.270 -3.812  -0.949  1.00 11.42 ? 48  GLU A CA  1 
ATOM   374 C C   . GLU A 1 55 ? -10.140 -2.439  -1.586  1.00 10.57 ? 48  GLU A C   1 
ATOM   375 O O   . GLU A 1 55 ? -9.495  -1.538  -1.020  1.00 9.81  ? 48  GLU A O   1 
ATOM   376 C CB  . GLU A 1 55 ? -11.591 -3.898  -0.176  1.00 12.45 ? 48  GLU A CB  1 
ATOM   377 C CG  . GLU A 1 55 ? -11.853 -5.282  0.404   1.00 14.54 ? 48  GLU A CG  1 
ATOM   378 C CD  . GLU A 1 55 ? -13.166 -5.406  1.168   1.00 17.61 ? 48  GLU A CD  1 
ATOM   379 O OE1 . GLU A 1 55 ? -14.058 -4.537  1.037   1.00 18.09 ? 48  GLU A OE1 1 
ATOM   380 O OE2 . GLU A 1 55 ? -13.313 -6.405  1.905   1.00 22.46 ? 48  GLU A OE2 1 
ATOM   381 N N   . GLU A 1 56 ? -10.747 -2.278  -2.762  1.00 10.93 ? 49  GLU A N   1 
ATOM   382 C CA  . GLU A 1 56 ? -10.814 -0.959  -3.371  1.00 11.48 ? 49  GLU A CA  1 
ATOM   383 C C   . GLU A 1 56 ? -11.377 0.022   -2.386  1.00 10.78 ? 49  GLU A C   1 
ATOM   384 O O   . GLU A 1 56 ? -12.299 -0.306  -1.637  1.00 10.92 ? 49  GLU A O   1 
ATOM   385 C CB  . GLU A 1 56 ? -11.686 -0.945  -4.620  1.00 12.41 ? 49  GLU A CB  1 
ATOM   386 C CG  . GLU A 1 56 ? -11.046 -1.659  -5.756  1.00 12.32 ? 49  GLU A CG  1 
ATOM   387 C CD  . GLU A 1 56 ? -11.621 -1.301  -7.101  1.00 10.76 ? 49  GLU A CD  1 
ATOM   388 O OE1 . GLU A 1 56 ? -12.484 -0.392  -7.219  1.00 10.70 ? 49  GLU A OE1 1 
ATOM   389 O OE2 . GLU A 1 56 ? -11.185 -1.959  -8.055  1.00 11.51 ? 49  GLU A OE2 1 
ATOM   390 N N   . ASN A 1 57 ? -10.816 1.225   -2.425  1.00 10.68 ? 50  ASN A N   1 
ATOM   391 C CA  . ASN A 1 57 ? -11.262 2.357   -1.634  1.00 11.62 ? 50  ASN A CA  1 
ATOM   392 C C   . ASN A 1 57 ? -10.736 2.350   -0.187  1.00 10.00 ? 50  ASN A C   1 
ATOM   393 O O   . ASN A 1 57 ? -10.960 3.304   0.555   1.00 11.47 ? 50  ASN A O   1 
ATOM   394 C CB  . ASN A 1 57 ? -12.787 2.548   -1.757  1.00 14.19 ? 50  ASN A CB  1 
ATOM   395 C CG  . ASN A 1 57 ? -13.274 2.451   -3.226  1.00 14.14 ? 50  ASN A CG  1 
ATOM   396 O OD1 . ASN A 1 57 ? -12.547 2.825   -4.159  1.00 14.74 ? 50  ASN A OD1 1 
ATOM   397 N ND2 . ASN A 1 57 ? -14.494 1.940   -3.430  1.00 15.47 ? 50  ASN A ND2 1 
ATOM   398 N N   . ASP A 1 58 ? -10.026 1.290   0.206   1.00 8.94  ? 51  ASP A N   1 
ATOM   399 C CA  . ASP A 1 58 ? -9.301  1.306   1.475   1.00 8.46  ? 51  ASP A CA  1 
ATOM   400 C C   . ASP A 1 58 ? -8.316  2.471   1.496   1.00 7.50  ? 51  ASP A C   1 
ATOM   401 O O   . ASP A 1 58 ? -7.735  2.840   0.463   1.00 9.01  ? 51  ASP A O   1 
ATOM   402 C CB  . ASP A 1 58 ? -8.518  0.014   1.706   1.00 9.24  ? 51  ASP A CB  1 
ATOM   403 C CG  . ASP A 1 58 ? -9.395  -1.170  2.105   1.00 9.59  ? 51  ASP A CG  1 
ATOM   404 O OD1 . ASP A 1 58 ? -10.603 -0.995  2.381   1.00 10.51 ? 51  ASP A OD1 1 
ATOM   405 O OD2 . ASP A 1 58 ? -8.845  -2.294  2.183   1.00 10.29 ? 51  ASP A OD2 1 
ATOM   406 N N   . ARG A 1 59 ? -8.112  3.032   2.680   1.00 7.85  ? 52  ARG A N   1 
ATOM   407 C CA  . ARG A 1 59 ? -7.162  4.113   2.866   1.00 7.76  ? 52  ARG A CA  1 
ATOM   408 C C   . ARG A 1 59 ? -5.901  3.584   3.533   1.00 7.14  ? 52  ARG A C   1 
ATOM   409 O O   . ARG A 1 59 ? -5.974  2.891   4.548   1.00 8.72  ? 52  ARG A O   1 
ATOM   410 C CB  . ARG A 1 59 ? -7.770  5.185   3.751   1.00 9.05  ? 52  ARG A CB  1 
ATOM   411 C CG  . ARG A 1 59 ? -6.896  6.403   3.897   1.00 9.23  ? 52  ARG A CG  1 
ATOM   412 C CD  . ARG A 1 59 ? -7.588  7.459   4.707   1.00 9.65  ? 52  ARG A CD  1 
ATOM   413 N NE  . ARG A 1 59 ? -6.779  8.659   4.892   1.00 9.19  ? 52  ARG A NE  1 
ATOM   414 C CZ  . ARG A 1 59 ? -7.255  9.766   5.442   1.00 9.58  ? 52  ARG A CZ  1 
ATOM   415 N NH1 . ARG A 1 59 ? -8.518  9.809   5.836   1.00 11.83 ? 52  ARG A NH1 1 
ATOM   416 N NH2 . ARG A 1 59 ? -6.486  10.823  5.589   1.00 9.70  ? 52  ARG A NH2 1 
ATOM   417 N N   . VAL A 1 60 ? -4.749  3.919   2.965   1.00 7.08  ? 53  VAL A N   1 
ATOM   418 C CA  . VAL A 1 60 ? -3.473  3.552   3.561   1.00 7.34  ? 53  VAL A CA  1 
ATOM   419 C C   . VAL A 1 60 ? -3.031  4.687   4.477   1.00 7.15  ? 53  VAL A C   1 
ATOM   420 O O   . VAL A 1 60 ? -2.715  5.781   4.015   1.00 7.84  ? 53  VAL A O   1 
ATOM   421 C CB  . VAL A 1 60 ? -2.408  3.281   2.489   1.00 7.93  ? 53  VAL A CB  1 
ATOM   422 C CG1 . VAL A 1 60 ? -1.073  2.998   3.144   1.00 9.27  ? 53  VAL A CG1 1 
ATOM   423 C CG2 . VAL A 1 60 ? -2.829  2.107   1.623   1.00 10.29 ? 53  VAL A CG2 1 
ATOM   424 N N   . LEU A 1 61 ? -3.042  4.419   5.780   1.00 7.34  ? 54  LEU A N   1 
ATOM   425 C CA  . LEU A 1 61 ? -2.685  5.408   6.789   1.00 8.05  ? 54  LEU A CA  1 
ATOM   426 C C   . LEU A 1 61 ? -1.195  5.444   7.122   1.00 7.43  ? 54  LEU A C   1 
ATOM   427 O O   . LEU A 1 61 ? -0.694  6.473   7.569   1.00 8.49  ? 54  LEU A O   1 
ATOM   428 C CB  . LEU A 1 61 ? -3.469  5.148   8.074   1.00 8.40  ? 54  LEU A CB  1 
ATOM   429 C CG  . LEU A 1 61 ? -4.965  5.425   7.943   1.00 9.21  ? 54  LEU A CG  1 
ATOM   430 C CD1 . LEU A 1 61 ? -5.669  4.940   9.190   1.00 11.65 ? 54  LEU A CD1 1 
ATOM   431 C CD2 . LEU A 1 61 ? -5.249  6.910   7.700   1.00 11.45 ? 54  LEU A CD2 1 
ATOM   432 N N   . ALA A 1 62 ? -0.502  4.324   6.939   1.00 7.77  ? 55  ALA A N   1 
ATOM   433 C CA  . ALA A 1 62 ? 0.929   4.245   7.234   1.00 7.92  ? 55  ALA A CA  1 
ATOM   434 C C   . ALA A 1 62 ? 1.522   3.051   6.516   1.00 6.92  ? 55  ALA A C   1 
ATOM   435 O O   . ALA A 1 62 ? 0.821   2.059   6.296   1.00 7.71  ? 55  ALA A O   1 
ATOM   436 C CB  . ALA A 1 62 ? 1.175   4.106   8.741   1.00 8.88  ? 55  ALA A CB  1 
ATOM   437 N N   . ILE A 1 63 ? 2.805   3.147   6.165   1.00 7.03  ? 56  ILE A N   1 
ATOM   438 C CA  . ILE A 1 63 ? 3.550   2.014   5.631   1.00 7.29  ? 56  ILE A CA  1 
ATOM   439 C C   . ILE A 1 63 ? 4.860   1.917   6.393   1.00 7.01  ? 56  ILE A C   1 
ATOM   440 O O   . ILE A 1 63 ? 5.633   2.891   6.447   1.00 7.47  ? 56  ILE A O   1 
ATOM   441 C CB  . ILE A 1 63 ? 3.824   2.149   4.128   1.00 7.56  ? 56  ILE A CB  1 
ATOM   442 C CG1 . ILE A 1 63 ? 2.502   2.055   3.359   1.00 9.51  ? 56  ILE A CG1 1 
ATOM   443 C CG2 . ILE A 1 63 ? 4.798   1.075   3.684   1.00 8.64  ? 56  ILE A CG2 1 
ATOM   444 C CD1 . ILE A 1 63 ? 2.617   2.248   1.864   1.00 11.16 ? 56  ILE A CD1 1 
ATOM   445 N N   . ASN A 1 64 ? 5.099   0.753   7.001   1.00 7.05  ? 57  ASN A N   1 
ATOM   446 C CA  . ASN A 1 64 ? 6.298   0.509   7.809   1.00 7.61  ? 57  ASN A CA  1 
ATOM   447 C C   . ASN A 1 64 ? 6.580   1.631   8.808   1.00 7.81  ? 57  ASN A C   1 
ATOM   448 O O   . ASN A 1 64 ? 7.731   2.004   9.038   1.00 8.84  ? 57  ASN A O   1 
ATOM   449 C CB  . ASN A 1 64 ? 7.496   0.214   6.909   1.00 7.62  ? 57  ASN A CB  1 
ATOM   450 C CG  . ASN A 1 64 ? 7.370   -1.125  6.226   1.00 8.36  ? 57  ASN A CG  1 
ATOM   451 O OD1 . ASN A 1 64 ? 6.703   -2.025  6.740   1.00 9.25  ? 57  ASN A OD1 1 
ATOM   452 N ND2 . ASN A 1 64 ? 8.009   -1.275  5.071   1.00 9.96  ? 57  ASN A ND2 1 
ATOM   453 N N   . GLY A 1 65 ? 5.511   2.138   9.423   1.00 8.11  ? 58  GLY A N   1 
ATOM   454 C CA  . GLY A 1 65 ? 5.635   3.132   10.475  1.00 9.10  ? 58  GLY A CA  1 
ATOM   455 C C   . GLY A 1 65 ? 5.759   4.559   9.988   1.00 9.68  ? 58  GLY A C   1 
ATOM   456 O O   . GLY A 1 65 ? 5.890   5.468   10.794  1.00 11.84 ? 58  GLY A O   1 
ATOM   457 N N   . HIS A 1 66 ? 5.711   4.763   8.675   1.00 8.44  ? 59  HIS A N   1 
ATOM   458 C CA  . HIS A 1 66 ? 5.755   6.103   8.107   1.00 9.10  ? 59  HIS A CA  1 
ATOM   459 C C   . HIS A 1 66 ? 4.340   6.586   7.872   1.00 8.96  ? 59  HIS A C   1 
ATOM   460 O O   . HIS A 1 66 ? 3.577   5.956   7.140   1.00 8.92  ? 59  HIS A O   1 
ATOM   461 C CB  . HIS A 1 66 ? 6.515   6.089   6.789   1.00 10.10 ? 59  HIS A CB  1 
ATOM   462 C CG  . HIS A 1 66 ? 7.950   5.718   6.942   1.00 11.98 ? 59  HIS A CG  1 
ATOM   463 N ND1 . HIS A 1 66 ? 8.955   6.658   6.986   1.00 15.20 ? 59  HIS A ND1 1 
ATOM   464 C CD2 . HIS A 1 66 ? 8.550   4.514   7.091   1.00 13.38 ? 59  HIS A CD2 1 
ATOM   465 C CE1 . HIS A 1 66 ? 10.116  6.046   7.139   1.00 15.29 ? 59  HIS A CE1 1 
ATOM   466 N NE2 . HIS A 1 66 ? 9.897   4.745   7.215   1.00 15.00 ? 59  HIS A NE2 1 
ATOM   467 N N   . ASP A 1 67 ? 3.996   7.709   8.491   1.00 9.60  ? 60  ASP A N   1 
ATOM   468 C CA  . ASP A 1 67 ? 2.640   8.230   8.440   1.00 10.51 ? 60  ASP A CA  1 
ATOM   469 C C   . ASP A 1 67 ? 2.279   8.716   7.040   1.00 10.12 ? 60  ASP A C   1 
ATOM   470 O O   . ASP A 1 67 ? 3.040   9.459   6.417   1.00 13.05 ? 60  ASP A O   1 
ATOM   471 C CB  . ASP A 1 67 ? 2.493   9.365   9.457   1.00 14.41 ? 60  ASP A CB  1 
ATOM   472 C CG  . ASP A 1 67 ? 1.189   10.119  9.304   1.00 17.85 ? 60  ASP A CG  1 
ATOM   473 O OD1 . ASP A 1 67 ? 0.129   9.480   9.131   1.00 17.06 ? 60  ASP A OD1 1 
ATOM   474 O OD2 . ASP A 1 67 ? 1.226   11.368  9.349   1.00 23.82 ? 60  ASP A OD2 1 
ATOM   475 N N   . LEU A 1 68 ? 1.120   8.287   6.553   1.00 8.61  ? 61  LEU A N   1 
ATOM   476 C CA  . LEU A 1 68 ? 0.624   8.700   5.243   1.00 7.78  ? 61  LEU A CA  1 
ATOM   477 C C   . LEU A 1 68 ? -0.785  9.289   5.328   1.00 7.85  ? 61  LEU A C   1 
ATOM   478 O O   . LEU A 1 68 ? -1.452  9.462   4.304   1.00 7.34  ? 61  LEU A O   1 
ATOM   479 C CB  . LEU A 1 68 ? 0.638   7.516   4.283   1.00 8.30  ? 61  LEU A CB  1 
ATOM   480 C CG  . LEU A 1 68 ? 2.030   7.068   3.853   1.00 9.60  ? 61  LEU A CG  1 
ATOM   481 C CD1 . LEU A 1 68 ? 1.935   5.719   3.180   1.00 10.89 ? 61  LEU A CD1 1 
ATOM   482 C CD2 . LEU A 1 68 ? 2.662   8.087   2.916   1.00 11.86 ? 61  LEU A CD2 1 
ATOM   483 N N   . ARG A 1 69 ? -1.236  9.620   6.537   1.00 8.45  ? 62  ARG A N   1 
ATOM   484 C CA  . ARG A 1 69 ? -2.584  10.161  6.691   1.00 7.66  ? 62  ARG A CA  1 
ATOM   485 C C   . ARG A 1 69 ? -2.800  11.367  5.776   1.00 7.95  ? 62  ARG A C   1 
ATOM   486 O O   . ARG A 1 69 ? -3.824  11.464  5.093   1.00 8.77  ? 62  ARG A O   1 
ATOM   487 C CB  . ARG A 1 69 ? -2.841  10.541  8.143   1.00 9.49  ? 62  ARG A CB  1 
ATOM   488 C CG  . ARG A 1 69 ? -4.267  11.000  8.419   1.00 11.19 ? 62  ARG A CG  1 
ATOM   489 C CD  . ARG A 1 69 ? -4.487  11.304  9.905   1.00 13.30 ? 62  ARG A CD  1 
ATOM   490 N NE  . ARG A 1 69 ? -4.178  10.151  10.740  1.00 14.86 ? 62  ARG A NE  1 
ATOM   491 C CZ  . ARG A 1 69 ? -5.048  9.201   11.065  1.00 15.64 ? 62  ARG A CZ  1 
ATOM   492 N NH1 . ARG A 1 69 ? -6.308  9.276   10.653  1.00 17.06 ? 62  ARG A NH1 1 
ATOM   493 N NH2 . ARG A 1 69 ? -4.653  8.177   11.809  1.00 17.89 ? 62  ARG A NH2 1 
ATOM   494 N N   . PHE A 1 70 ? -1.805  12.255  5.746   1.00 7.93  ? 63  PHE A N   1 
ATOM   495 C CA  . PHE A 1 70 ? -1.796  13.417  4.860   1.00 8.90  ? 63  PHE A CA  1 
ATOM   496 C C   . PHE A 1 70 ? -0.689  13.298  3.818   1.00 9.06  ? 63  PHE A C   1 
ATOM   497 O O   . PHE A 1 70 ? -0.142  14.301  3.350   1.00 9.76  ? 63  PHE A O   1 
ATOM   498 C CB  . PHE A 1 70 ? -1.681  14.707  5.681   1.00 10.92 ? 63  PHE A CB  1 
ATOM   499 C CG  . PHE A 1 70 ? -2.884  14.940  6.547   1.00 10.38 ? 63  PHE A CG  1 
ATOM   500 C CD1 . PHE A 1 70 ? -4.003  15.564  6.025   1.00 12.90 ? 63  PHE A CD1 1 
ATOM   501 C CD2 . PHE A 1 70 ? -2.930  14.485  7.856   1.00 10.98 ? 63  PHE A CD2 1 
ATOM   502 C CE1 . PHE A 1 70 ? -5.134  15.754  6.795   1.00 13.85 ? 63  PHE A CE1 1 
ATOM   503 C CE2 . PHE A 1 70 ? -4.071  14.669  8.624   1.00 11.86 ? 63  PHE A CE2 1 
ATOM   504 C CZ  . PHE A 1 70 ? -5.169  15.299  8.086   1.00 12.17 ? 63  PHE A CZ  1 
ATOM   505 N N   . GLY A 1 71 ? -0.376  12.059  3.445   1.00 9.30  ? 64  GLY A N   1 
ATOM   506 C CA  . GLY A 1 71 ? 0.676   11.795  2.486   1.00 9.31  ? 64  GLY A CA  1 
ATOM   507 C C   . GLY A 1 71 ? 0.191   11.593  1.066   1.00 8.90  ? 64  GLY A C   1 
ATOM   508 O O   . GLY A 1 71 ? -0.984  11.779  0.755   1.00 9.22  ? 64  GLY A O   1 
ATOM   509 N N   . SER A 1 72 ? 1.122   11.173  0.218   1.00 9.50  ? 65  SER A N   1 
ATOM   510 C CA  . SER A 1 72 ? 0.925   11.106  -1.215  1.00 9.56  ? 65  SER A CA  1 
ATOM   511 C C   . SER A 1 72 ? 1.127   9.683   -1.708  1.00 7.69  ? 65  SER A C   1 
ATOM   512 O O   . SER A 1 72 ? 1.857   8.894   -1.090  1.00 8.36  ? 65  SER A O   1 
ATOM   513 C CB  . SER A 1 72 ? 1.973   11.993  -1.898  1.00 11.06 ? 65  SER A CB  1 
ATOM   514 O OG  . SER A 1 72 ? 3.289   11.486  -1.687  1.00 12.02 ? 65  SER A OG  1 
ATOM   515 N N   . PRO A 1 73 ? 0.515   9.350   -2.851  1.00 7.77  ? 66  PRO A N   1 
ATOM   516 C CA  A PRO A 1 73 ? 0.800   8.028   -3.408  0.50 7.73  ? 66  PRO A CA  1 
ATOM   517 C CA  B PRO A 1 73 ? 0.784   8.059   -3.490  0.50 7.77  ? 66  PRO A CA  1 
ATOM   518 C C   . PRO A 1 73 ? 2.265   7.891   -3.821  1.00 7.41  ? 66  PRO A C   1 
ATOM   519 O O   . PRO A 1 73 ? 2.790   6.787   -3.777  1.00 8.04  ? 66  PRO A O   1 
ATOM   520 C CB  A PRO A 1 73 ? -0.146  7.944   -4.613  0.50 9.28  ? 66  PRO A CB  1 
ATOM   521 C CB  B PRO A 1 73 ? -0.039  8.140   -4.780  0.50 9.31  ? 66  PRO A CB  1 
ATOM   522 C CG  A PRO A 1 73 ? -0.488  9.352   -4.941  0.50 9.29  ? 66  PRO A CG  1 
ATOM   523 C CG  B PRO A 1 73 ? -1.152  9.077   -4.459  0.50 9.33  ? 66  PRO A CG  1 
ATOM   524 C CD  A PRO A 1 73 ? -0.484  10.087  -3.643  0.50 8.59  ? 66  PRO A CD  1 
ATOM   525 C CD  B PRO A 1 73 ? -0.543  10.104  -3.549  0.50 8.64  ? 66  PRO A CD  1 
ATOM   526 N N   . GLU A 1 74 ? 2.924   8.994   -4.159  1.00 7.71  ? 67  GLU A N   1 
ATOM   527 C CA  . GLU A 1 74 ? 4.337   8.920   -4.509  1.00 8.84  ? 67  GLU A CA  1 
ATOM   528 C C   . GLU A 1 74 ? 5.170   8.492   -3.312  1.00 7.37  ? 67  GLU A C   1 
ATOM   529 O O   . GLU A 1 74 ? 6.044   7.622   -3.429  1.00 8.01  ? 67  GLU A O   1 
ATOM   530 C CB  . GLU A 1 74 ? 4.839   10.246  -5.073  1.00 10.04 ? 67  GLU A CB  1 
ATOM   531 C CG  . GLU A 1 74 ? 4.221   10.617  -6.422  1.00 11.20 ? 67  GLU A CG  1 
ATOM   532 C CD  . GLU A 1 74 ? 2.882   11.348  -6.309  1.00 11.51 ? 67  GLU A CD  1 
ATOM   533 O OE1 . GLU A 1 74 ? 2.366   11.549  -5.187  1.00 10.69 ? 67  GLU A OE1 1 
ATOM   534 O OE2 . GLU A 1 74 ? 2.341   11.738  -7.363  1.00 15.74 ? 67  GLU A OE2 1 
ATOM   535 N N   . SER A 1 75 ? 4.899   9.066   -2.145  1.00 8.24  ? 68  SER A N   1 
ATOM   536 C CA  A SER A 1 75 ? 5.614   8.643   -0.952  0.50 7.93  ? 68  SER A CA  1 
ATOM   537 C CA  B SER A 1 75 ? 5.615   8.648   -0.953  0.50 8.62  ? 68  SER A CA  1 
ATOM   538 C C   . SER A 1 75 ? 5.323   7.182   -0.633  1.00 6.90  ? 68  SER A C   1 
ATOM   539 O O   . SER A 1 75 ? 6.233   6.421   -0.300  1.00 8.22  ? 68  SER A O   1 
ATOM   540 C CB  A SER A 1 75 ? 5.269   9.514   0.245   0.50 8.24  ? 68  SER A CB  1 
ATOM   541 C CB  B SER A 1 75 ? 5.271   9.565   0.214   0.50 10.63 ? 68  SER A CB  1 
ATOM   542 O OG  A SER A 1 75 ? 5.907   8.992   1.396   0.50 8.56  ? 68  SER A OG  1 
ATOM   543 O OG  B SER A 1 75 ? 5.580   10.906  -0.125  0.50 13.70 ? 68  SER A OG  1 
ATOM   544 N N   . ALA A 1 76 ? 4.056   6.788   -0.746  1.00 7.16  ? 69  ALA A N   1 
ATOM   545 C CA  . ALA A 1 76 ? 3.691   5.397   -0.504  1.00 7.41  ? 69  ALA A CA  1 
ATOM   546 C C   . ALA A 1 76 ? 4.472   4.443   -1.409  1.00 6.93  ? 69  ALA A C   1 
ATOM   547 O O   . ALA A 1 76 ? 5.007   3.434   -0.939  1.00 7.34  ? 69  ALA A O   1 
ATOM   548 C CB  . ALA A 1 76 ? 2.214   5.202   -0.687  1.00 8.18  ? 69  ALA A CB  1 
ATOM   549 N N   . ALA A 1 77 ? 4.566   4.772   -2.696  1.00 7.09  ? 70  ALA A N   1 
ATOM   550 C CA  . ALA A 1 77 ? 5.285   3.915   -3.641  1.00 8.25  ? 70  ALA A CA  1 
ATOM   551 C C   . ALA A 1 77 ? 6.760   3.812   -3.280  1.00 7.10  ? 70  ALA A C   1 
ATOM   552 O O   . ALA A 1 77 ? 7.369   2.748   -3.373  1.00 8.54  ? 70  ALA A O   1 
ATOM   553 C CB  . ALA A 1 77 ? 5.131   4.454   -5.041  1.00 10.62 ? 70  ALA A CB  1 
ATOM   554 N N   . HIS A 1 78 ? 7.328   4.936   -2.879  1.00 7.66  ? 71  HIS A N   1 
ATOM   555 C CA  . HIS A 1 78 ? 8.725   4.986   -2.490  1.00 7.67  ? 71  HIS A CA  1 
ATOM   556 C C   . HIS A 1 78 ? 8.990   4.094   -1.271  1.00 6.75  ? 71  HIS A C   1 
ATOM   557 O O   . HIS A 1 78 ? 9.978   3.355   -1.225  1.00 7.49  ? 71  HIS A O   1 
ATOM   558 C CB  . HIS A 1 78 ? 9.117   6.436   -2.227  1.00 8.31  ? 71  HIS A CB  1 
ATOM   559 C CG  . HIS A 1 78 ? 10.546  6.618   -1.827  1.00 8.28  ? 71  HIS A CG  1 
ATOM   560 N ND1 . HIS A 1 78 ? 11.590  6.488   -2.717  1.00 8.34  ? 71  HIS A ND1 1 
ATOM   561 C CD2 . HIS A 1 78 ? 11.105  6.926   -0.634  1.00 9.59  ? 71  HIS A CD2 1 
ATOM   562 C CE1 . HIS A 1 78 ? 12.731  6.715   -2.090  1.00 9.37  ? 71  HIS A CE1 1 
ATOM   563 N NE2 . HIS A 1 78 ? 12.465  6.978   -0.824  1.00 10.23 ? 71  HIS A NE2 1 
ATOM   564 N N   . LEU A 1 79 ? 8.093   4.145   -0.295  1.00 7.36  ? 72  LEU A N   1 
ATOM   565 C CA  . LEU A 1 79 ? 8.224   3.349   0.914   1.00 8.12  ? 72  LEU A CA  1 
ATOM   566 C C   . LEU A 1 79 ? 8.047   1.863   0.640   1.00 7.25  ? 72  LEU A C   1 
ATOM   567 O O   . LEU A 1 79 ? 8.744   1.037   1.215   1.00 7.78  ? 72  LEU A O   1 
ATOM   568 C CB  . LEU A 1 79 ? 7.208   3.808   1.961   1.00 9.11  ? 72  LEU A CB  1 
ATOM   569 C CG  . LEU A 1 79 ? 7.458   5.205   2.521   1.00 10.22 ? 72  LEU A CG  1 
ATOM   570 C CD1 . LEU A 1 79 ? 6.215   5.713   3.242   1.00 11.50 ? 72  LEU A CD1 1 
ATOM   571 C CD2 . LEU A 1 79 ? 8.665   5.221   3.442   1.00 13.41 ? 72  LEU A CD2 1 
ATOM   572 N N   . ILE A 1 80 ? 7.109   1.515   -0.234  1.00 6.46  ? 73  ILE A N   1 
ATOM   573 C CA  . ILE A 1 80 ? 6.920   0.121   -0.595  1.00 7.31  ? 73  ILE A CA  1 
ATOM   574 C C   . ILE A 1 80 ? 8.196   -0.422  -1.238  1.00 7.01  ? 73  ILE A C   1 
ATOM   575 O O   . ILE A 1 80 ? 8.655   -1.521  -0.914  1.00 7.95  ? 73  ILE A O   1 
ATOM   576 C CB  . ILE A 1 80 ? 5.711   -0.054  -1.529  1.00 7.81  ? 73  ILE A CB  1 
ATOM   577 C CG1 . ILE A 1 80 ? 4.415   0.219   -0.759  1.00 8.69  ? 73  ILE A CG1 1 
ATOM   578 C CG2 . ILE A 1 80 ? 5.700   -1.448  -2.156  1.00 9.19  ? 73  ILE A CG2 1 
ATOM   579 C CD1 . ILE A 1 80 ? 3.227   0.466   -1.646  1.00 10.02 ? 73  ILE A CD1 1 
ATOM   580 N N   . GLN A 1 81 ? 8.775   0.357   -2.144  1.00 6.86  ? 74  GLN A N   1 
ATOM   581 C CA  . GLN A 1 81 ? 9.995   -0.058  -2.823  1.00 7.31  ? 74  GLN A CA  1 
ATOM   582 C C   . GLN A 1 81 ? 11.168  -0.193  -1.856  1.00 7.44  ? 74  GLN A C   1 
ATOM   583 O O   . GLN A 1 81 ? 11.994  -1.091  -2.015  1.00 9.43  ? 74  GLN A O   1 
ATOM   584 C CB  . GLN A 1 81 ? 10.343  0.937   -3.919  1.00 7.30  ? 74  GLN A CB  1 
ATOM   585 C CG  . GLN A 1 81 ? 9.420   0.870   -5.105  1.00 7.41  ? 74  GLN A CG  1 
ATOM   586 C CD  . GLN A 1 81 ? 9.805   -0.211  -6.114  1.00 7.40  ? 74  GLN A CD  1 
ATOM   587 O OE1 . GLN A 1 81 ? 10.482  -1.194  -5.782  1.00 7.83  ? 74  GLN A OE1 1 
ATOM   588 N NE2 . GLN A 1 81 ? 9.379   -0.026  -7.356  1.00 8.86  ? 74  GLN A NE2 1 
ATOM   589 N N   . ALA A 1 82 ? 11.230  0.689   -0.857  1.00 7.55  ? 75  ALA A N   1 
ATOM   590 C CA  . ALA A 1 82 ? 12.382  0.767   0.038   1.00 9.38  ? 75  ALA A CA  1 
ATOM   591 C C   . ALA A 1 82 ? 12.550  -0.474  0.885   1.00 10.34 ? 75  ALA A C   1 
ATOM   592 O O   . ALA A 1 82 ? 13.663  -0.813  1.279   1.00 12.71 ? 75  ALA A O   1 
ATOM   593 C CB  . ALA A 1 82 ? 12.289  1.999   0.927   1.00 9.64  ? 75  ALA A CB  1 
ATOM   594 N N   . SER A 1 83 ? 11.464  -1.167  1.177   1.00 10.25 ? 76  SER A N   1 
ATOM   595 C CA  A SER A 1 83 ? 11.584  -2.342  2.021   0.70 12.23 ? 76  SER A CA  1 
ATOM   596 C CA  B SER A 1 83 ? 11.547  -2.353  2.021   0.30 12.22 ? 76  SER A CA  1 
ATOM   597 C C   . SER A 1 83 ? 12.089  -3.542  1.236   1.00 12.08 ? 76  SER A C   1 
ATOM   598 O O   . SER A 1 83 ? 11.681  -3.789  0.110   1.00 13.70 ? 76  SER A O   1 
ATOM   599 C CB  A SER A 1 83 ? 10.264  -2.673  2.691   0.70 13.60 ? 76  SER A CB  1 
ATOM   600 C CB  B SER A 1 83 ? 10.176  -2.691  2.597   0.30 14.31 ? 76  SER A CB  1 
ATOM   601 O OG  A SER A 1 83 ? 10.487  -3.646  3.690   0.70 13.74 ? 76  SER A OG  1 
ATOM   602 O OG  B SER A 1 83 ? 9.292   -3.119  1.579   0.30 15.98 ? 76  SER A OG  1 
ATOM   603 N N   . GLU A 1 84 ? 12.999  -4.290  1.834   1.00 11.95 ? 77  GLU A N   1 
ATOM   604 C CA  A GLU A 1 84 ? 13.519  -5.456  1.144   0.70 12.41 ? 77  GLU A CA  1 
ATOM   605 C CA  B GLU A 1 84 ? 13.538  -5.474  1.180   0.30 12.91 ? 77  GLU A CA  1 
ATOM   606 C C   . GLU A 1 84 ? 12.441  -6.508  0.927   1.00 11.89 ? 77  GLU A C   1 
ATOM   607 O O   . GLU A 1 84 ? 12.395  -7.137  -0.130  1.00 13.83 ? 77  GLU A O   1 
ATOM   608 C CB  A GLU A 1 84 ? 14.713  -6.046  1.889   0.70 14.24 ? 77  GLU A CB  1 
ATOM   609 C CB  B GLU A 1 84 ? 14.656  -6.085  2.030   0.30 15.61 ? 77  GLU A CB  1 
ATOM   610 C CG  A GLU A 1 84 ? 15.939  -5.152  1.866   0.70 17.59 ? 77  GLU A CG  1 
ATOM   611 C CG  B GLU A 1 84 ? 15.373  -7.266  1.387   0.30 19.17 ? 77  GLU A CG  1 
ATOM   612 C CD  A GLU A 1 84 ? 16.389  -4.801  0.461   0.70 22.58 ? 77  GLU A CD  1 
ATOM   613 C CD  B GLU A 1 84 ? 16.423  -6.845  0.371   0.30 22.92 ? 77  GLU A CD  1 
ATOM   614 O OE1 A GLU A 1 84 ? 16.538  -5.725  -0.363  0.70 25.60 ? 77  GLU A OE1 1 
ATOM   615 O OE1 B GLU A 1 84 ? 16.643  -5.627  0.205   0.30 25.10 ? 77  GLU A OE1 1 
ATOM   616 O OE2 A GLU A 1 84 ? 16.592  -3.601  0.182   0.70 22.67 ? 77  GLU A OE2 1 
ATOM   617 O OE2 B GLU A 1 84 ? 17.033  -7.736  -0.259  0.30 24.36 ? 77  GLU A OE2 1 
ATOM   618 N N   . ARG A 1 85 ? 11.556  -6.674  1.912   1.00 10.11 ? 78  ARG A N   1 
ATOM   619 C CA  A ARG A 1 85 ? 10.545  -7.727  1.867   0.80 10.05 ? 78  ARG A CA  1 
ATOM   620 C CA  B ARG A 1 85 ? 10.533  -7.710  1.844   0.20 10.70 ? 78  ARG A CA  1 
ATOM   621 C C   . ARG A 1 85 ? 9.218   -7.326  2.523   1.00 9.51  ? 78  ARG A C   1 
ATOM   622 O O   . ARG A 1 85 ? 8.159   -7.346  1.891   1.00 9.83  ? 78  ARG A O   1 
ATOM   623 C CB  A ARG A 1 85 ? 11.080  -9.011  2.509   0.80 11.55 ? 78  ARG A CB  1 
ATOM   624 C CB  B ARG A 1 85 ? 11.060  -9.024  2.430   0.20 12.70 ? 78  ARG A CB  1 
ATOM   625 C CG  A ARG A 1 85 ? 10.055  -10.124 2.570   0.80 13.14 ? 78  ARG A CG  1 
ATOM   626 C CG  B ARG A 1 85 ? 9.986   -10.078 2.637   0.20 14.68 ? 78  ARG A CG  1 
ATOM   627 C CD  A ARG A 1 85 ? 10.690  -11.433 2.997   0.80 16.41 ? 78  ARG A CD  1 
ATOM   628 C CD  B ARG A 1 85 ? 10.591  -11.419 3.019   0.20 17.26 ? 78  ARG A CD  1 
ATOM   629 N NE  A ARG A 1 85 ? 9.713   -12.516 3.037   0.80 19.48 ? 78  ARG A NE  1 
ATOM   630 N NE  B ARG A 1 85 ? 9.572   -12.376 3.442   0.20 19.93 ? 78  ARG A NE  1 
ATOM   631 C CZ  A ARG A 1 85 ? 9.095   -12.923 4.139   0.80 22.83 ? 78  ARG A CZ  1 
ATOM   632 C CZ  B ARG A 1 85 ? 8.824   -13.091 2.610   0.20 22.41 ? 78  ARG A CZ  1 
ATOM   633 N NH1 A ARG A 1 85 ? 9.354   -12.339 5.302   0.80 24.51 ? 78  ARG A NH1 1 
ATOM   634 N NH1 B ARG A 1 85 ? 8.971   -12.958 1.298   0.20 23.19 ? 78  ARG A NH1 1 
ATOM   635 N NH2 A ARG A 1 85 ? 8.219   -13.918 4.079   0.80 24.53 ? 78  ARG A NH2 1 
ATOM   636 N NH2 B ARG A 1 85 ? 7.921   -13.938 3.088   0.20 23.16 ? 78  ARG A NH2 1 
ATOM   637 N N   . ARG A 1 86 ? 9.276   -6.982  3.805   1.00 10.05 ? 79  ARG A N   1 
ATOM   638 C CA  . ARG A 1 86 ? 8.075   -6.763  4.594   1.00 9.77  ? 79  ARG A CA  1 
ATOM   639 C C   . ARG A 1 86 ? 7.440   -5.407  4.361   1.00 8.31  ? 79  ARG A C   1 
ATOM   640 O O   . ARG A 1 86 ? 8.113   -4.373  4.438   1.00 9.94  ? 79  ARG A O   1 
ATOM   641 C CB  . ARG A 1 86 ? 8.417   -6.918  6.069   1.00 11.13 ? 79  ARG A CB  1 
ATOM   642 C CG  . ARG A 1 86 ? 7.266   -6.665  7.020   1.00 11.81 ? 79  ARG A CG  1 
ATOM   643 C CD  . ARG A 1 86 ? 7.745   -6.966  8.424   1.00 15.06 ? 79  ARG A CD  1 
ATOM   644 N NE  . ARG A 1 86 ? 6.778   -6.604  9.453   1.00 15.26 ? 79  ARG A NE  1 
ATOM   645 C CZ  . ARG A 1 86 ? 5.904   -7.455  9.979   1.00 16.16 ? 79  ARG A CZ  1 
ATOM   646 N NH1 . ARG A 1 86 ? 5.868   -8.721  9.568   1.00 17.91 ? 79  ARG A NH1 1 
ATOM   647 N NH2 . ARG A 1 86 ? 5.072   -7.038  10.923  1.00 17.35 ? 79  ARG A NH2 1 
ATOM   648 N N   . VAL A 1 87 ? 6.132   -5.412  4.119   1.00 7.86  ? 80  VAL A N   1 
ATOM   649 C CA  . VAL A 1 87 ? 5.383   -4.177  3.997   1.00 8.31  ? 80  VAL A CA  1 
ATOM   650 C C   . VAL A 1 87 ? 4.217   -4.228  4.976   1.00 8.37  ? 80  VAL A C   1 
ATOM   651 O O   . VAL A 1 87 ? 3.241   -4.942  4.764   1.00 9.51  ? 80  VAL A O   1 
ATOM   652 C CB  . VAL A 1 87 ? 4.883   -3.948  2.553   1.00 8.76  ? 80  VAL A CB  1 
ATOM   653 C CG1 . VAL A 1 87 ? 4.207   -2.601  2.454   1.00 10.00 ? 80  VAL A CG1 1 
ATOM   654 C CG2 . VAL A 1 87 ? 6.046   -4.046  1.565   1.00 10.18 ? 80  VAL A CG2 1 
ATOM   655 N N   . HIS A 1 88 ? 4.352   -3.486  6.070   1.00 7.74  ? 81  HIS A N   1 
ATOM   656 C CA  . HIS A 1 88 ? 3.315   -3.377  7.092   1.00 8.26  ? 81  HIS A CA  1 
ATOM   657 C C   . HIS A 1 88 ? 2.461   -2.156  6.822   1.00 7.53  ? 81  HIS A C   1 
ATOM   658 O O   . HIS A 1 88 ? 2.924   -1.029  6.979   1.00 8.14  ? 81  HIS A O   1 
ATOM   659 C CB  . HIS A 1 88 ? 3.970   -3.261  8.469   1.00 8.97  ? 81  HIS A CB  1 
ATOM   660 C CG  . HIS A 1 88 ? 3.008   -2.924  9.569   1.00 8.62  ? 81  HIS A CG  1 
ATOM   661 N ND1 . HIS A 1 88 ? 3.377   -2.187  10.672  1.00 11.05 ? 81  HIS A ND1 1 
ATOM   662 C CD2 . HIS A 1 88 ? 1.690   -3.196  9.727   1.00 10.17 ? 81  HIS A CD2 1 
ATOM   663 C CE1 . HIS A 1 88 ? 2.337   -2.039  11.473  1.00 11.76 ? 81  HIS A CE1 1 
ATOM   664 N NE2 . HIS A 1 88 ? 1.302   -2.643  10.920  1.00 11.28 ? 81  HIS A NE2 1 
ATOM   665 N N   . LEU A 1 89 ? 1.221   -2.385  6.401   1.00 7.71  ? 82  LEU A N   1 
ATOM   666 C CA  . LEU A 1 89 ? 0.286   -1.300  6.142   1.00 7.86  ? 82  LEU A CA  1 
ATOM   667 C C   . LEU A 1 89 ? -0.669  -1.146  7.314   1.00 8.00  ? 82  LEU A C   1 
ATOM   668 O O   . LEU A 1 89 ? -1.168  -2.137  7.850   1.00 9.18  ? 82  LEU A O   1 
ATOM   669 C CB  . LEU A 1 89 ? -0.539  -1.564  4.875   1.00 9.26  ? 82  LEU A CB  1 
ATOM   670 C CG  . LEU A 1 89 ? 0.273   -1.780  3.593   1.00 9.82  ? 82  LEU A CG  1 
ATOM   671 C CD1 . LEU A 1 89 ? 0.477   -3.253  3.289   1.00 11.42 ? 82  LEU A CD1 1 
ATOM   672 C CD2 . LEU A 1 89 ? -0.333  -1.046  2.392   1.00 13.12 ? 82  LEU A CD2 1 
ATOM   673 N N   . VAL A 1 90 ? -0.916  0.096   7.713   1.00 7.67  ? 83  VAL A N   1 
ATOM   674 C CA  . VAL A 1 90 ? -2.037  0.408   8.587   1.00 7.93  ? 83  VAL A CA  1 
ATOM   675 C C   . VAL A 1 90 ? -3.109  0.989   7.677   1.00 7.08  ? 83  VAL A C   1 
ATOM   676 O O   . VAL A 1 90 ? -2.827  1.885   6.892   1.00 7.78  ? 83  VAL A O   1 
ATOM   677 C CB  . VAL A 1 90 ? -1.649  1.412   9.681   1.00 9.35  ? 83  VAL A CB  1 
ATOM   678 C CG1 . VAL A 1 90 ? -2.861  1.765   10.531  1.00 10.41 ? 83  VAL A CG1 1 
ATOM   679 C CG2 . VAL A 1 90 ? -0.534  0.844   10.551  1.00 10.55 ? 83  VAL A CG2 1 
ATOM   680 N N   . VAL A 1 91 ? -4.320  0.449   7.768   1.00 8.24  ? 84  VAL A N   1 
ATOM   681 C CA  . VAL A 1 91 ? -5.354  0.677   6.771   1.00 8.69  ? 84  VAL A CA  1 
ATOM   682 C C   . VAL A 1 91 ? -6.659  1.022   7.464   1.00 8.97  ? 84  VAL A C   1 
ATOM   683 O O   . VAL A 1 91 ? -6.934  0.532   8.560   1.00 10.25 ? 84  VAL A O   1 
ATOM   684 C CB  . VAL A 1 91 ? -5.562  -0.613  5.932   1.00 10.62 ? 84  VAL A CB  1 
ATOM   685 C CG1 . VAL A 1 91 ? -6.575  -0.409  4.803   1.00 12.12 ? 84  VAL A CG1 1 
ATOM   686 C CG2 . VAL A 1 91 ? -4.236  -1.115  5.377   1.00 12.93 ? 84  VAL A CG2 1 
ATOM   687 N N   . SER A 1 92 ? -7.473  1.856   6.824   1.00 9.57  ? 85  SER A N   1 
ATOM   688 C CA  . SER A 1 92 ? -8.838  2.049   7.284   1.00 9.60  ? 85  SER A CA  1 
ATOM   689 C C   . SER A 1 92 ? -9.823  1.853   6.136   1.00 9.04  ? 85  SER A C   1 
ATOM   690 O O   . SER A 1 92 ? -9.476  1.994   4.961   1.00 10.10 ? 85  SER A O   1 
ATOM   691 C CB  . SER A 1 92 ? -9.018  3.415   7.943   1.00 11.15 ? 85  SER A CB  1 
ATOM   692 O OG  . SER A 1 92 ? -8.861  4.461   7.009   1.00 11.49 ? 85  SER A OG  1 
ATOM   693 N N   . ARG A 1 93 ? -11.060 1.547   6.504   1.00 10.20 ? 86  ARG A N   1 
ATOM   694 C CA  . ARG A 1 93 ? -12.098 1.191   5.557   1.00 11.90 ? 86  ARG A CA  1 
ATOM   695 C C   . ARG A 1 93 ? -13.419 1.792   6.022   1.00 13.67 ? 86  ARG A C   1 
ATOM   696 O O   . ARG A 1 93 ? -13.804 1.636   7.178   1.00 15.67 ? 86  ARG A O   1 
ATOM   697 C CB  . ARG A 1 93 ? -12.204 -0.331  5.514   1.00 12.88 ? 86  ARG A CB  1 
ATOM   698 C CG  . ARG A 1 93 ? -13.301 -0.884  4.626   1.00 14.12 ? 86  ARG A CG  1 
ATOM   699 C CD  . ARG A 1 93 ? -13.212 -2.406  4.577   1.00 13.80 ? 86  ARG A CD  1 
ATOM   700 N NE  . ARG A 1 93 ? -11.942 -2.827  3.989   1.00 13.04 ? 86  ARG A NE  1 
ATOM   701 C CZ  . ARG A 1 93 ? -11.454 -4.060  4.060   1.00 14.25 ? 86  ARG A CZ  1 
ATOM   702 N NH1 . ARG A 1 93 ? -12.118 -5.015  4.699   1.00 16.45 ? 86  ARG A NH1 1 
ATOM   703 N NH2 . ARG A 1 93 ? -10.296 -4.337  3.484   1.00 14.26 ? 86  ARG A NH2 1 
ATOM   704 N N   . GLN A 1 94 ? -14.112 2.479   5.122   1.00 17.01 ? 87  GLN A N   1 
ATOM   705 C CA  . GLN A 1 94 ? -15.407 3.061   5.452   1.00 20.23 ? 87  GLN A CA  1 
ATOM   706 C C   . GLN A 1 94 ? -16.523 2.066   5.173   1.00 24.78 ? 87  GLN A C   1 
ATOM   707 O O   . GLN A 1 94 ? -17.548 2.059   5.856   1.00 26.42 ? 87  GLN A O   1 
ATOM   708 C CB  . GLN A 1 94 ? -15.634 4.343   4.654   1.00 22.10 ? 87  GLN A CB  1 
ATOM   709 C CG  . GLN A 1 94 ? -14.663 5.448   5.005   1.00 23.82 ? 87  GLN A CG  1 
ATOM   710 C CD  . GLN A 1 94 ? -14.539 5.651   6.502   1.00 24.85 ? 87  GLN A CD  1 
ATOM   711 O OE1 . GLN A 1 94 ? -15.524 5.941   7.189   1.00 26.27 ? 87  GLN A OE1 1 
ATOM   712 N NE2 . GLN A 1 94 ? -13.323 5.488   7.023   1.00 24.87 ? 87  GLN A NE2 1 
ATOM   713 O OXT . GLN A 1 94 ? -16.411 1.246   4.259   1.00 27.58 ? 87  GLN A OXT 1 
HETATM 714 O O   . HOH B 2 .  ? -14.014 5.299   -0.814  1.00 29.46 ? 101 HOH A O   1 
HETATM 715 O O   . HOH B 2 .  ? -9.562  -4.108  -7.649  1.00 12.83 ? 102 HOH A O   1 
HETATM 716 O O   . HOH B 2 .  ? 2.820   1.120   9.030   1.00 10.12 ? 103 HOH A O   1 
HETATM 717 O O   . HOH B 2 .  ? -11.014 5.152   5.358   1.00 12.11 ? 104 HOH A O   1 
HETATM 718 O O   . HOH B 2 .  ? 9.492   -2.305  -9.125  1.00 8.69  ? 105 HOH A O   1 
HETATM 719 O O   . HOH B 2 .  ? -3.943  8.226   3.967   1.00 8.02  ? 106 HOH A O   1 
HETATM 720 O O   . HOH B 2 .  ? -1.165  7.220   10.376  1.00 23.01 ? 107 HOH A O   1 
HETATM 721 O O   . HOH B 2 .  ? 2.040   -8.148  -7.204  1.00 12.14 ? 108 HOH A O   1 
HETATM 722 O O   . HOH B 2 .  ? -12.785 -0.111  1.111   1.00 12.02 ? 109 HOH A O   1 
HETATM 723 O O   . HOH B 2 .  ? -6.152  12.633  -1.316  1.00 11.59 ? 110 HOH A O   1 
HETATM 724 O O   . HOH B 2 .  ? 8.306   -2.770  -4.645  1.00 9.92  ? 111 HOH A O   1 
HETATM 725 O O   . HOH B 2 .  ? -10.863 7.947   5.300   1.00 14.23 ? 112 HOH A O   1 
HETATM 726 O O   . HOH B 2 .  ? -4.475  -7.819  0.799   1.00 12.34 ? 113 HOH A O   1 
HETATM 727 O O   . HOH B 2 .  ? 14.713  -2.345  -1.181  1.00 13.72 ? 114 HOH A O   1 
HETATM 728 O O   . HOH B 2 .  ? 3.754   12.596  0.774   1.00 12.41 ? 115 HOH A O   1 
HETATM 729 O O   . HOH B 2 .  ? 5.995   9.119   10.095  1.00 18.38 ? 116 HOH A O   1 
HETATM 730 O O   . HOH B 2 .  ? -2.624  -7.657  -6.149  1.00 10.90 ? 117 HOH A O   1 
HETATM 731 O O   . HOH B 2 .  ? -14.831 -1.516  -2.109  1.00 15.37 ? 118 HOH A O   1 
HETATM 732 O O   . HOH B 2 .  ? 12.029  -9.559  -1.097  1.00 14.93 ? 119 HOH A O   1 
HETATM 733 O O   . HOH B 2 .  ? -7.086  -8.396  -1.660  1.00 17.55 ? 120 HOH A O   1 
HETATM 734 O O   . HOH B 2 .  ? -7.967  12.523  7.250   1.00 19.06 ? 121 HOH A O   1 
HETATM 735 O O   . HOH B 2 .  ? 5.040   -12.928 -4.520  1.00 20.68 ? 122 HOH A O   1 
HETATM 736 O O   . HOH B 2 .  ? 3.590   -1.858  -5.212  1.00 13.05 ? 123 HOH A O   1 
HETATM 737 O O   . HOH B 2 .  ? -3.148  13.395  1.763   1.00 11.57 ? 124 HOH A O   1 
HETATM 738 O O   . HOH B 2 .  ? -11.967 -2.409  -10.542 1.00 12.73 ? 125 HOH A O   1 
HETATM 739 O O   . HOH B 2 .  ? 9.435   0.915   3.906   1.00 12.53 ? 126 HOH A O   1 
HETATM 740 O O   . HOH B 2 .  ? 5.920   -6.893  -9.895  1.00 13.82 ? 127 HOH A O   1 
HETATM 741 O O   . HOH B 2 .  ? -5.460  -5.564  12.619  1.00 18.20 ? 128 HOH A O   1 
HETATM 742 O O   . HOH B 2 .  ? 1.512   -2.389  -7.579  1.00 18.97 ? 129 HOH A O   1 
HETATM 743 O O   . HOH B 2 .  ? -1.759  -9.468  7.238   1.00 14.80 ? 130 HOH A O   1 
HETATM 744 O O   . HOH B 2 .  ? 3.576   -10.202 -8.039  1.00 14.76 ? 131 HOH A O   1 
HETATM 745 O O   . HOH B 2 .  ? -11.840 4.346   2.913   1.00 13.82 ? 132 HOH A O   1 
HETATM 746 O O   . HOH B 2 .  ? 16.815  -1.955  2.405   1.00 32.49 ? 133 HOH A O   1 
HETATM 747 O O   . HOH B 2 .  ? 9.599   2.783   10.880  1.00 13.89 ? 134 HOH A O   1 
HETATM 748 O O   . HOH B 2 .  ? 12.009  -6.521  4.954   1.00 14.45 ? 135 HOH A O   1 
HETATM 749 O O   . HOH B 2 .  ? 7.707   2.556   -7.817  0.50 7.84  ? 136 HOH A O   1 
HETATM 750 O O   . HOH B 2 .  ? -9.870  -1.577  -12.241 0.50 9.90  ? 137 HOH A O   1 
HETATM 751 O O   . HOH B 2 .  ? -2.677  11.496  -1.410  1.00 12.34 ? 138 HOH A O   1 
HETATM 752 O O   . HOH B 2 .  ? 6.222   -1.223  -5.766  1.00 14.38 ? 139 HOH A O   1 
HETATM 753 O O   . HOH B 2 .  ? 4.890   -9.386  -10.210 1.00 16.82 ? 140 HOH A O   1 
HETATM 754 O O   . HOH B 2 .  ? -3.487  9.709   -7.997  1.00 20.51 ? 141 HOH A O   1 
HETATM 755 O O   . HOH B 2 .  ? -9.055  6.691   8.586   1.00 20.87 ? 142 HOH A O   1 
HETATM 756 O O   . HOH B 2 .  ? 2.107   -11.295 1.368   1.00 17.35 ? 143 HOH A O   1 
HETATM 757 O O   . HOH B 2 .  ? -15.407 -4.161  -1.370  1.00 15.76 ? 144 HOH A O   1 
HETATM 758 O O   . HOH B 2 .  ? -1.355  7.751   -8.304  1.00 19.82 ? 145 HOH A O   1 
HETATM 759 O O   . HOH B 2 .  ? -12.774 8.765   3.527   1.00 16.47 ? 146 HOH A O   1 
HETATM 760 O O   . HOH B 2 .  ? 0.515   -12.257 -0.827  1.00 16.24 ? 147 HOH A O   1 
HETATM 761 O O   . HOH B 2 .  ? -10.131 11.903  4.052   1.00 16.45 ? 148 HOH A O   1 
HETATM 762 O O   . HOH B 2 .  ? -13.195 6.612   1.929   1.00 16.64 ? 149 HOH A O   1 
HETATM 763 O O   . HOH B 2 .  ? 4.990   -12.555 -1.935  1.00 24.49 ? 150 HOH A O   1 
HETATM 764 O O   . HOH B 2 .  ? 7.019   -10.133 7.314   1.00 20.83 ? 151 HOH A O   1 
HETATM 765 O O   . HOH B 2 .  ? 8.697   8.695   1.141   1.00 21.55 ? 152 HOH A O   1 
HETATM 766 O O   . HOH B 2 .  ? -4.490  4.328   12.954  1.00 26.45 ? 153 HOH A O   1 
HETATM 767 O O   . HOH B 2 .  ? 0.742   12.335  7.134   1.00 19.79 ? 154 HOH A O   1 
HETATM 768 O O   . HOH B 2 .  ? -8.307  -8.179  -7.736  1.00 31.21 ? 155 HOH A O   1 
HETATM 769 O O   . HOH B 2 .  ? 6.226   -12.785 -8.306  1.00 16.76 ? 156 HOH A O   1 
HETATM 770 O O   . HOH B 2 .  ? -8.649  -9.699  -3.346  1.00 23.02 ? 157 HOH A O   1 
HETATM 771 O O   . HOH B 2 .  ? 0.196   3.234   -7.267  1.00 24.44 ? 158 HOH A O   1 
HETATM 772 O O   . HOH B 2 .  ? -14.813 -1.921  1.533   1.00 15.88 ? 159 HOH A O   1 
HETATM 773 O O   . HOH B 2 .  ? -6.195  -7.087  10.028  1.00 27.17 ? 160 HOH A O   1 
HETATM 774 O O   . HOH B 2 .  ? 14.149  -10.840 -0.210  1.00 33.92 ? 161 HOH A O   1 
HETATM 775 O O   . HOH B 2 .  ? -11.522 -8.178  2.335   1.00 29.56 ? 162 HOH A O   1 
HETATM 776 O O   . HOH B 2 .  ? -0.297  -11.383 8.638   1.00 32.90 ? 163 HOH A O   1 
HETATM 777 O O   . HOH B 2 .  ? -0.604  14.116  -2.173  1.00 22.60 ? 164 HOH A O   1 
HETATM 778 O O   . HOH B 2 .  ? 10.831  5.290   10.433  1.00 25.19 ? 165 HOH A O   1 
HETATM 779 O O   . HOH B 2 .  ? 1.669   4.875   -5.587  1.00 23.91 ? 166 HOH A O   1 
HETATM 780 O O   . HOH B 2 .  ? 5.725   9.902   6.279   1.00 24.09 ? 167 HOH A O   1 
HETATM 781 O O   . HOH B 2 .  ? 14.260  7.875   1.074   1.00 17.30 ? 168 HOH A O   1 
HETATM 782 O O   . HOH B 2 .  ? -15.113 -5.027  5.385   1.00 30.56 ? 169 HOH A O   1 
HETATM 783 O O   . HOH B 2 .  ? -9.033  9.282   -6.650  1.00 23.59 ? 170 HOH A O   1 
HETATM 784 O O   . HOH B 2 .  ? -16.018 0.949   -1.204  1.00 19.69 ? 171 HOH A O   1 
HETATM 785 O O   . HOH B 2 .  ? -3.817  -7.299  13.806  1.00 35.77 ? 172 HOH A O   1 
HETATM 786 O O   . HOH B 2 .  ? -1.542  10.097  11.535  1.00 26.68 ? 173 HOH A O   1 
HETATM 787 O O   . HOH B 2 .  ? 2.407   -13.680 -2.197  1.00 30.86 ? 174 HOH A O   1 
HETATM 788 O O   . HOH B 2 .  ? -17.899 1.341   2.035   1.00 20.08 ? 175 HOH A O   1 
HETATM 789 O O   . HOH B 2 .  ? -16.334 -5.119  2.382   1.00 28.02 ? 176 HOH A O   1 
HETATM 790 O O   . HOH B 2 .  ? -11.004 13.977  5.842   1.00 25.42 ? 177 HOH A O   1 
HETATM 791 O O   . HOH B 2 .  ? 0.580   -7.291  -9.307  1.00 26.02 ? 178 HOH A O   1 
HETATM 792 O O   . HOH B 2 .  ? -15.030 9.384   5.173   1.00 31.59 ? 179 HOH A O   1 
HETATM 793 O O   . HOH B 2 .  ? 5.147   -5.976  -12.305 1.00 22.15 ? 180 HOH A O   1 
HETATM 794 O O   . HOH B 2 .  ? 8.644   7.065   10.719  1.00 27.05 ? 181 HOH A O   1 
HETATM 795 O O   . HOH B 2 .  ? 5.777   10.628  3.543   1.00 26.33 ? 182 HOH A O   1 
HETATM 796 O O   . HOH B 2 .  ? -13.663 11.946  -2.028  1.00 24.31 ? 183 HOH A O   1 
HETATM 797 O O   . HOH B 2 .  ? 1.925   -12.249 -7.870  1.00 28.39 ? 184 HOH A O   1 
HETATM 798 O O   . HOH B 2 .  ? 2.297   3.825   12.312  1.00 19.03 ? 185 HOH A O   1 
HETATM 799 O O   . HOH B 2 .  ? 11.475  2.646   4.704   1.00 19.77 ? 186 HOH A O   1 
HETATM 800 O O   . HOH B 2 .  ? 2.793   6.771   -7.454  1.00 26.15 ? 187 HOH A O   1 
HETATM 801 O O   . HOH B 2 .  ? 10.553  7.927   2.868   1.00 28.24 ? 188 HOH A O   1 
HETATM 802 O O   . HOH B 2 .  ? 14.246  4.982   1.919   1.00 21.07 ? 189 HOH A O   1 
HETATM 803 O O   . HOH B 2 .  ? -1.169  1.720   14.320  1.00 30.25 ? 190 HOH A O   1 
HETATM 804 O O   . HOH B 2 .  ? -0.272  4.004   13.201  1.00 28.76 ? 191 HOH A O   1 
HETATM 805 O O   . HOH B 2 .  ? 14.644  4.172   -0.680  1.00 11.81 ? 192 HOH A O   1 
HETATM 806 O O   . HOH B 2 .  ? 12.683  3.316   -2.415  1.00 8.63  ? 193 HOH A O   1 
HETATM 807 O O   . HOH B 2 .  ? -11.541 2.718   -6.926  1.00 13.94 ? 194 HOH A O   1 
HETATM 808 O O   . HOH B 2 .  ? -10.284 4.588   -4.215  1.00 17.13 ? 195 HOH A O   1 
HETATM 809 O O   . HOH B 2 .  ? 7.352   -1.470  -10.615 1.00 21.89 ? 196 HOH A O   1 
HETATM 810 O O   . HOH B 2 .  ? -11.382 0.699   9.284   1.00 21.22 ? 197 HOH A O   1 
HETATM 811 O O   . HOH B 2 .  ? 12.666  9.755   2.199   1.00 25.98 ? 198 HOH A O   1 
HETATM 812 O O   . HOH B 2 .  ? -15.252 9.539   0.768   1.00 25.80 ? 199 HOH A O   1 
HETATM 813 O O   . HOH B 2 .  ? -4.026  -8.629  8.435   1.00 21.89 ? 200 HOH A O   1 
HETATM 814 O O   . HOH B 2 .  ? -13.547 2.283   2.338   1.00 18.21 ? 201 HOH A O   1 
HETATM 815 O O   . HOH B 2 .  ? 13.657  -8.569  5.577   1.00 22.05 ? 202 HOH A O   1 
HETATM 816 O O   . HOH B 2 .  ? -6.579  6.122   12.679  1.00 26.20 ? 203 HOH A O   1 
HETATM 817 O O   . HOH B 2 .  ? -2.429  15.838  -3.425  1.00 20.96 ? 204 HOH A O   1 
HETATM 818 O O   . HOH B 2 .  ? 8.191   3.791   13.031  1.00 23.17 ? 205 HOH A O   1 
HETATM 819 O O   . HOH B 2 .  ? -9.997  7.293   -4.914  1.00 22.50 ? 206 HOH A O   1 
HETATM 820 O O   . HOH B 2 .  ? -15.796 2.593   0.825   1.00 22.79 ? 207 HOH A O   1 
HETATM 821 O O   . HOH B 2 .  ? 1.523   -0.271  -4.601  1.00 21.95 ? 208 HOH A O   1 
HETATM 822 O O   . HOH B 2 .  ? -2.235  5.431   11.783  1.00 29.16 ? 209 HOH A O   1 
HETATM 823 O O   . HOH B 2 .  ? 3.899   -14.052 -8.588  1.00 30.67 ? 210 HOH A O   1 
HETATM 824 O O   . HOH B 2 .  ? -0.623  -14.943 -9.704  1.00 32.94 ? 211 HOH A O   1 
HETATM 825 O O   . HOH B 2 .  ? 2.587   11.843  5.067   1.00 27.59 ? 212 HOH A O   1 
HETATM 826 O O   . HOH B 2 .  ? 1.218   8.814   -8.179  1.00 27.33 ? 213 HOH A O   1 
HETATM 827 O O   . HOH B 2 .  ? 0.969   -11.689 5.763   1.00 24.11 ? 214 HOH A O   1 
HETATM 828 O O   . HOH B 2 .  ? 4.381   -15.356 -5.759  1.00 29.88 ? 215 HOH A O   1 
HETATM 829 O O   . HOH B 2 .  ? -0.674  -14.587 0.096   1.00 34.65 ? 216 HOH A O   1 
HETATM 830 O O   . HOH B 2 .  ? 3.403   -12.036 7.267   1.00 32.23 ? 217 HOH A O   1 
HETATM 831 O O   . HOH B 2 .  ? -16.671 -1.376  3.575   1.00 28.07 ? 218 HOH A O   1 
HETATM 832 O O   . HOH B 2 .  ? -7.523  -12.755 3.500   1.00 37.05 ? 219 HOH A O   1 
HETATM 833 O O   . HOH B 2 .  ? 6.009   1.315   -5.515  1.00 22.49 ? 220 HOH A O   1 
HETATM 834 O O   . HOH B 2 .  ? 2.566   2.116   -4.983  1.00 29.92 ? 221 HOH A O   1 
HETATM 835 O O   . HOH B 2 .  ? -13.643 11.328  -4.583  1.00 32.14 ? 222 HOH A O   1 
HETATM 836 O O   . HOH B 2 .  ? 1.822   6.510   11.431  1.00 28.98 ? 223 HOH A O   1 
HETATM 837 O O   . HOH B 2 .  ? 3.726   15.975  4.158   1.00 35.13 ? 224 HOH A O   1 
HETATM 838 O O   . HOH B 2 .  ? -10.363 -6.751  6.862   1.00 38.53 ? 225 HOH A O   1 
HETATM 839 O O   . HOH B 2 .  ? -6.426  5.811   -11.596 1.00 38.93 ? 226 HOH A O   1 
HETATM 840 O O   . HOH B 2 .  ? 0.182   13.336  9.654   1.00 37.61 ? 227 HOH A O   1 
HETATM 841 O O   . HOH B 2 .  ? 3.125   -7.931  -12.227 1.00 26.68 ? 228 HOH A O   1 
HETATM 842 O O   . HOH B 2 .  ? -10.511 -8.178  -1.547  1.00 27.99 ? 229 HOH A O   1 
HETATM 843 O O   . HOH B 2 .  ? 1.393   -13.008 3.492   1.00 32.39 ? 230 HOH A O   1 
HETATM 844 O O   . HOH B 2 .  ? 7.985   9.164   7.636   1.00 33.58 ? 231 HOH A O   1 
HETATM 845 O O   . HOH B 2 .  ? -3.901  0.057   13.538  1.00 38.88 ? 232 HOH A O   1 
HETATM 846 O O   . HOH B 2 .  ? 15.782  -8.459  -11.033 1.00 31.11 ? 233 HOH A O   1 
HETATM 847 O O   . HOH B 2 .  ? -15.681 13.481  -4.687  1.00 35.17 ? 234 HOH A O   1 
HETATM 848 O O   . HOH B 2 .  ? -7.532  -13.931 -2.861  1.00 36.16 ? 235 HOH A O   1 
HETATM 849 O O   . HOH B 2 .  ? 14.336  -11.232 2.389   1.00 37.72 ? 236 HOH A O   1 
HETATM 850 O O   . HOH B 2 .  ? -15.179 -0.877  7.874   1.00 39.61 ? 237 HOH A O   1 
HETATM 851 O O   . HOH B 2 .  ? -2.204  11.844  -9.198  1.00 29.56 ? 238 HOH A O   1 
HETATM 852 O O   . HOH B 2 .  ? 11.509  -0.746  5.191   1.00 37.42 ? 239 HOH A O   1 
HETATM 853 O O   . HOH B 2 .  ? 2.916   -8.669  11.924  1.00 30.89 ? 240 HOH A O   1 
HETATM 854 O O   . HOH B 2 .  ? 13.617  -0.049  4.855   1.00 30.01 ? 241 HOH A O   1 
HETATM 855 O O   . HOH B 2 .  ? -9.187  -5.430  -10.153 1.00 35.31 ? 242 HOH A O   1 
HETATM 856 O O   . HOH B 2 .  ? -10.413 21.581  -3.170  1.00 37.12 ? 243 HOH A O   1 
HETATM 857 O O   . HOH B 2 .  ? 0.245   11.595  -10.721 1.00 40.39 ? 244 HOH A O   1 
HETATM 858 O O   . HOH B 2 .  ? -16.735 -2.510  5.787   1.00 35.06 ? 245 HOH A O   1 
HETATM 859 O O   . HOH B 2 .  ? -14.296 12.402  3.469   1.00 39.28 ? 246 HOH A O   1 
HETATM 860 O O   . HOH B 2 .  ? 3.637   -10.781 9.971   1.00 32.37 ? 247 HOH A O   1 
HETATM 861 O O   . HOH B 2 .  ? -10.981 -7.683  4.648   1.00 40.38 ? 248 HOH A O   1 
HETATM 862 O O   . HOH B 2 .  ? 12.210  5.179   3.684   1.00 30.04 ? 249 HOH A O   1 
HETATM 863 O O   . HOH B 2 .  ? 16.360  -6.097  -6.675  1.00 39.49 ? 250 HOH A O   1 
HETATM 864 O O   . HOH B 2 .  ? 6.890   1.061   -12.032 1.00 32.07 ? 251 HOH A O   1 
HETATM 865 O O   . HOH B 2 .  ? 11.620  -14.874 -1.776  1.00 39.57 ? 252 HOH A O   1 
HETATM 866 O O   . HOH B 2 .  ? -9.345  -6.950  -3.429  1.00 34.41 ? 253 HOH A O   1 
HETATM 867 O O   . HOH B 2 .  ? -2.054  -1.784  17.047  1.00 39.62 ? 254 HOH A O   1 
HETATM 868 O O   . HOH B 2 .  ? 3.783   13.166  9.373   1.00 36.01 ? 255 HOH A O   1 
HETATM 869 O O   . HOH B 2 .  ? -14.935 -7.835  3.584   1.00 38.08 ? 256 HOH A O   1 
HETATM 870 O O   . HOH B 2 .  ? -1.184  -14.335 2.756   1.00 33.96 ? 257 HOH A O   1 
HETATM 871 O O   . HOH B 2 .  ? -11.405 -4.976  10.550  1.00 42.85 ? 258 HOH A O   1 
HETATM 872 O O   . HOH B 2 .  ? -9.467  -11.561 -7.041  1.00 44.21 ? 259 HOH A O   1 
HETATM 873 O O   . HOH B 2 .  ? 14.143  2.171   4.163   1.00 39.55 ? 260 HOH A O   1 
HETATM 874 O O   . HOH B 2 .  ? 3.874   -13.923 2.862   1.00 34.84 ? 261 HOH A O   1 
HETATM 875 O O   . HOH B 2 .  ? -11.280 8.298   7.965   1.00 27.86 ? 262 HOH A O   1 
HETATM 876 O O   . HOH B 2 .  ? -17.497 7.492   3.770   1.00 32.08 ? 263 HOH A O   1 
HETATM 877 O O   . HOH B 2 .  ? 1.886   -3.585  -10.313 1.00 41.92 ? 264 HOH A O   1 
HETATM 878 O O   . HOH B 2 .  ? -9.348  -8.265  -5.554  1.00 44.30 ? 265 HOH A O   1 
HETATM 879 O O   . HOH B 2 .  ? 5.126   11.743  10.626  1.00 40.40 ? 266 HOH A O   1 
HETATM 880 O O   . HOH B 2 .  ? -6.884  -6.275  -12.135 1.00 39.93 ? 267 HOH A O   1 
HETATM 881 O O   . HOH B 2 .  ? -14.686 -8.136  -0.368  1.00 38.74 ? 268 HOH A O   1 
HETATM 882 O O   . HOH B 2 .  ? -10.627 -3.479  12.294  1.00 43.69 ? 269 HOH A O   1 
HETATM 883 O O   . HOH B 2 .  ? -3.390  -9.555  -13.826 1.00 41.21 ? 270 HOH A O   1 
HETATM 884 O O   . HOH B 2 .  ? -8.252  8.452   -9.349  1.00 41.56 ? 271 HOH A O   1 
HETATM 885 O O   . HOH B 2 .  ? 18.382  -7.990  -10.237 1.00 44.96 ? 272 HOH A O   1 
HETATM 886 O O   . HOH B 2 .  ? -10.394 -11.279 -2.474  1.00 47.68 ? 273 HOH A O   1 
HETATM 887 O O   . HOH B 2 .  ? 1.081   -11.064 -10.589 1.00 46.05 ? 274 HOH A O   1 
HETATM 888 O O   . HOH B 2 .  ? 16.289  2.001   -0.405  0.50 15.53 ? 275 HOH A O   1 
HETATM 889 O O   . HOH B 2 .  ? 16.097  1.175   2.238   1.00 30.76 ? 276 HOH A O   1 
HETATM 890 O O   . HOH B 2 .  ? 0.276   14.794  0.569   0.50 10.94 ? 277 HOH A O   1 
HETATM 891 O O   . HOH B 2 .  ? -8.145  7.042   11.108  1.00 24.85 ? 278 HOH A O   1 
HETATM 892 O O   . HOH B 2 .  ? -0.819  -9.027  -10.921 1.00 34.09 ? 279 HOH A O   1 
HETATM 893 O O   . HOH B 2 .  ? -11.310 11.527  -6.465  1.00 26.07 ? 280 HOH A O   1 
HETATM 894 O O   . HOH B 2 .  ? 6.918   -13.815 -0.430  1.00 34.18 ? 281 HOH A O   1 
# 
loop_
_atom_site_anisotrop.id 
_atom_site_anisotrop.type_symbol 
_atom_site_anisotrop.pdbx_label_atom_id 
_atom_site_anisotrop.pdbx_label_alt_id 
_atom_site_anisotrop.pdbx_label_comp_id 
_atom_site_anisotrop.pdbx_label_asym_id 
_atom_site_anisotrop.pdbx_label_seq_id 
_atom_site_anisotrop.pdbx_PDB_ins_code 
_atom_site_anisotrop.U[1][1] 
_atom_site_anisotrop.U[2][2] 
_atom_site_anisotrop.U[3][3] 
_atom_site_anisotrop.U[1][2] 
_atom_site_anisotrop.U[1][3] 
_atom_site_anisotrop.U[2][3] 
_atom_site_anisotrop.pdbx_auth_seq_id 
_atom_site_anisotrop.pdbx_auth_comp_id 
_atom_site_anisotrop.pdbx_auth_asym_id 
_atom_site_anisotrop.pdbx_auth_atom_id 
1   N N   . SER A 10 ? 0.2539 0.2754 0.1281 0.0419  0.0528  -0.0045 3  SER A N   
2   C CA  . SER A 10 ? 0.2107 0.2546 0.1250 0.0377  0.0450  0.0065  3  SER A CA  
3   C C   . SER A 10 ? 0.1823 0.2470 0.1218 0.0313  0.0515  0.0322  3  SER A C   
4   O O   . SER A 10 ? 0.2205 0.3006 0.1352 0.0504  0.0689  0.0463  3  SER A O   
5   C CB  . SER A 10 ? 0.2336 0.2942 0.1467 0.0255  0.0252  -0.0168 3  SER A CB  
6   O OG  . SER A 10 ? 0.2398 0.3053 0.1766 0.0270  0.0179  -0.0212 3  SER A OG  
7   N N   . PHE A 11 ? 0.1505 0.2198 0.1165 0.0438  0.0436  0.0436  4  PHE A N   
8   C CA  . PHE A 11 ? 0.1391 0.2216 0.1356 0.0234  0.0330  0.0412  4  PHE A CA  
9   C C   . PHE A 11 ? 0.1274 0.1684 0.1159 0.0047  0.0274  0.0343  4  PHE A C   
10  O O   . PHE A 11 ? 0.1223 0.1712 0.1163 -0.0008 0.0164  0.0435  4  PHE A O   
11  C CB  . PHE A 11 ? 0.1339 0.2184 0.2015 0.0055  0.0141  0.0654  4  PHE A CB  
12  C CG  . PHE A 11 ? 0.1250 0.2046 0.2370 -0.0143 -0.0138 0.0482  4  PHE A CG  
13  C CD1 . PHE A 11 ? 0.1476 0.2365 0.2637 -0.0178 -0.0302 0.0596  4  PHE A CD1 
14  C CD2 . PHE A 11 ? 0.1430 0.2047 0.2439 -0.0345 -0.0316 0.0383  4  PHE A CD2 
15  C CE1 . PHE A 11 ? 0.1573 0.2485 0.2813 -0.0308 -0.0394 0.0441  4  PHE A CE1 
16  C CE2 . PHE A 11 ? 0.1549 0.2044 0.2670 -0.0299 -0.0375 0.0271  4  PHE A CE2 
17  C CZ  . PHE A 11 ? 0.1535 0.2203 0.2868 -0.0435 -0.0395 0.0257  4  PHE A CZ  
18  N N   . HIS A 12 ? 0.1323 0.1575 0.1257 0.0083  0.0231  0.0358  5  HIS A N   
19  C CA  . HIS A 12 ? 0.1354 0.1415 0.1117 0.0104  0.0172  0.0187  5  HIS A CA  
20  C C   . HIS A 12 ? 0.1454 0.1203 0.1177 -0.0090 0.0232  0.0235  5  HIS A C   
21  O O   . HIS A 12 ? 0.1804 0.1473 0.1527 -0.0359 0.0334  0.0215  5  HIS A O   
22  C CB  . HIS A 12 ? 0.1656 0.1786 0.1147 0.0198  0.0188  0.0152  5  HIS A CB  
23  C CG  . HIS A 12 ? 0.1765 0.2497 0.1184 -0.0018 0.0217  0.0036  5  HIS A CG  
24  N ND1 . HIS A 12 ? 0.1679 0.2427 0.1161 -0.0011 0.0200  -0.0045 5  HIS A ND1 
25  C CD2 . HIS A 12 ? 0.2212 0.3391 0.1325 -0.0299 0.0365  -0.0073 5  HIS A CD2 
26  C CE1 . HIS A 12 ? 0.1830 0.3077 0.1179 -0.0081 0.0354  -0.0119 5  HIS A CE1 
27  N NE2 . HIS A 12 ? 0.2224 0.3588 0.1256 -0.0296 0.0406  -0.0294 5  HIS A NE2 
28  N N   . VAL A 13 ? 0.1415 0.1307 0.1106 0.0025  0.0248  0.0207  6  VAL A N   
29  C CA  . VAL A 13 ? 0.1401 0.1269 0.1116 -0.0068 0.0172  0.0115  6  VAL A CA  
30  C C   . VAL A 13 ? 0.1440 0.1075 0.1191 -0.0089 0.0208  -0.0027 6  VAL A C   
31  O O   . VAL A 13 ? 0.1441 0.1130 0.1721 -0.0200 0.0325  -0.0095 6  VAL A O   
32  C CB  . VAL A 13 ? 0.1491 0.1603 0.1136 0.0108  0.0051  0.0091  6  VAL A CB  
33  C CG1 . VAL A 13 ? 0.1774 0.1665 0.1220 0.0019  -0.0112 0.0019  6  VAL A CG1 
34  C CG2 . VAL A 13 ? 0.1395 0.2114 0.1405 0.0022  -0.0060 0.0281  6  VAL A CG2 
35  N N   . ILE A 14 ? 0.1417 0.1149 0.1150 -0.0036 0.0211  0.0144  7  ILE A N   
36  C CA  . ILE A 14 ? 0.1545 0.1357 0.1131 0.0186  0.0089  0.0076  7  ILE A CA  
37  C C   . ILE A 14 ? 0.1484 0.1172 0.1204 0.0002  0.0117  -0.0014 7  ILE A C   
38  O O   . ILE A 14 ? 0.1751 0.1239 0.1513 -0.0016 0.0254  -0.0011 7  ILE A O   
39  C CB  . ILE A 14 ? 0.1798 0.1946 0.1468 0.0422  -0.0053 0.0199  7  ILE A CB  
40  C CG1 . ILE A 14 ? 0.2306 0.2298 0.1513 0.0380  -0.0069 0.0131  7  ILE A CG1 
41  C CG2 . ILE A 14 ? 0.1864 0.2220 0.1817 0.0668  -0.0091 0.0372  7  ILE A CG2 
42  C CD1 . ILE A 14 ? 0.2605 0.2069 0.1526 0.0342  -0.0136 0.0165  7  ILE A CD1 
43  N N   . LEU A 15 ? 0.1346 0.1206 0.1007 0.0091  0.0134  -0.0077 8  LEU A N   
44  C CA  . LEU A 15 ? 0.1462 0.1140 0.1217 -0.0165 0.0106  -0.0209 8  LEU A CA  
45  C C   . LEU A 15 ? 0.1482 0.1004 0.1413 0.0041  0.0156  -0.0145 8  LEU A C   
46  O O   . LEU A 15 ? 0.1400 0.1360 0.1996 -0.0184 0.0145  -0.0567 8  LEU A O   
47  C CB  . LEU A 15 ? 0.1325 0.1234 0.1090 -0.0182 0.0090  -0.0127 8  LEU A CB  
48  C CG  . LEU A 15 ? 0.1266 0.1392 0.1322 -0.0138 0.0038  -0.0072 8  LEU A CG  
49  C CD1 . LEU A 15 ? 0.1399 0.1641 0.1298 0.0038  0.0039  0.0028  8  LEU A CD1 
50  C CD2 . LEU A 15 ? 0.1423 0.1672 0.1725 -0.0170 0.0032  -0.0002 8  LEU A CD2 
51  N N   . ASN A 16 ? 0.1541 0.1085 0.1239 0.0064  0.0251  -0.0111 9  ASN A N   
52  C CA  . ASN A 16 ? 0.1740 0.1220 0.1299 0.0197  0.0192  -0.0074 9  ASN A CA  
53  C C   . ASN A 16 ? 0.1711 0.1271 0.1136 0.0120  0.0125  -0.0147 9  ASN A C   
54  O O   . ASN A 16 ? 0.1984 0.2115 0.1301 -0.0314 0.0311  -0.0602 9  ASN A O   
55  C CB  . ASN A 16 ? 0.2189 0.1582 0.1469 0.0390  0.0207  -0.0009 9  ASN A CB  
56  C CG  . ASN A 16 ? 0.2602 0.1730 0.1605 0.0336  0.0154  0.0160  9  ASN A CG  
57  O OD1 . ASN A 16 ? 0.2950 0.1683 0.1477 0.0339  0.0077  0.0226  9  ASN A OD1 
58  N ND2 . ASN A 16 ? 0.2667 0.2152 0.1962 0.0233  0.0238  0.0357  9  ASN A ND2 
59  N N   . LYS A 17 ? 0.1767 0.1190 0.0853 0.0144  0.0079  -0.0105 10 LYS A N   
60  C CA  . LYS A 17 ? 0.1640 0.0953 0.1048 0.0266  0.0129  -0.0105 10 LYS A CA  
61  C C   . LYS A 17 ? 0.1844 0.1098 0.1109 0.0294  0.0087  -0.0136 10 LYS A C   
62  O O   . LYS A 17 ? 0.1943 0.1465 0.1211 0.0409  -0.0006 -0.0124 10 LYS A O   
63  C CB  . LYS A 17 ? 0.1476 0.1001 0.1266 0.0109  0.0038  0.0022  10 LYS A CB  
64  C CG  . LYS A 17 ? 0.1441 0.0961 0.1490 0.0048  -0.0066 0.0006  10 LYS A CG  
65  C CD  . LYS A 17 ? 0.1733 0.1584 0.1681 0.0345  -0.0091 0.0035  10 LYS A CD  
66  C CE  . LYS A 17 ? 0.1713 0.1542 0.1600 0.0349  0.0039  -0.0102 10 LYS A CE  
67  N NZ  . LYS A 17 ? 0.1479 0.0890 0.1476 0.0035  0.0147  0.0145  10 LYS A NZ  
68  N N   . SER A 18 ? 0.2031 0.1131 0.1169 0.0330  0.0155  -0.0090 11 SER A N   
69  C CA  A SER A 18 ? 0.2138 0.1014 0.1405 0.0279  0.0213  -0.0119 11 SER A CA  
70  C CA  B SER A 18 ? 0.2164 0.1167 0.1436 0.0372  0.0216  -0.0286 11 SER A CA  
71  C C   . SER A 18 ? 0.2138 0.1047 0.1567 0.0387  0.0263  -0.0136 11 SER A C   
72  O O   . SER A 18 ? 0.2180 0.1431 0.2010 0.0508  0.0301  0.0129  11 SER A O   
73  C CB  A SER A 18 ? 0.2323 0.1263 0.1613 -0.0007 0.0277  -0.0127 11 SER A CB  
74  C CB  B SER A 18 ? 0.2365 0.1568 0.1681 0.0303  0.0253  -0.0529 11 SER A CB  
75  O OG  A SER A 18 ? 0.2321 0.1257 0.1848 -0.0149 0.0293  -0.0110 11 SER A OG  
76  O OG  B SER A 18 ? 0.2398 0.1870 0.1937 0.0321  0.0274  -0.0698 11 SER A OG  
77  N N   . SER A 19 ? 0.1911 0.1004 0.1417 0.0215  0.0231  -0.0130 12 SER A N   
78  C CA  A SER A 19 ? 0.1870 0.1269 0.1491 0.0248  0.0268  -0.0392 12 SER A CA  
79  C CA  B SER A 19 ? 0.1972 0.1341 0.1495 0.0241  0.0289  -0.0280 12 SER A CA  
80  C C   . SER A 19 ? 0.1685 0.1117 0.1225 0.0367  0.0159  0.0001  12 SER A C   
81  O O   . SER A 19 ? 0.1406 0.1085 0.1257 0.0171  0.0143  -0.0081 12 SER A O   
82  C CB  A SER A 19 ? 0.2053 0.1760 0.1752 0.0150  0.0347  -0.0700 12 SER A CB  
83  C CB  B SER A 19 ? 0.2329 0.2054 0.1701 0.0164  0.0383  -0.0354 12 SER A CB  
84  O OG  A SER A 19 ? 0.2221 0.1653 0.1970 0.0049  0.0360  -0.0722 12 SER A OG  
85  O OG  B SER A 19 ? 0.2614 0.2283 0.1762 0.0222  0.0406  -0.0117 12 SER A OG  
86  N N   . PRO A 20 ? 0.1412 0.1377 0.1176 0.0352  0.0054  -0.0157 13 PRO A N   
87  C CA  . PRO A 20 ? 0.1321 0.1228 0.1104 0.0130  -0.0060 -0.0101 13 PRO A CA  
88  C C   . PRO A 20 ? 0.1295 0.1094 0.0888 0.0078  0.0141  -0.0184 13 PRO A C   
89  O O   . PRO A 20 ? 0.1505 0.1196 0.0865 0.0046  0.0127  -0.0192 13 PRO A O   
90  C CB  . PRO A 20 ? 0.1253 0.1635 0.1367 0.0141  -0.0078 -0.0131 13 PRO A CB  
91  C CG  . PRO A 20 ? 0.1331 0.1893 0.1633 0.0274  -0.0080 0.0122  13 PRO A CG  
92  C CD  . PRO A 20 ? 0.1387 0.1831 0.1597 0.0297  -0.0043 -0.0014 13 PRO A CD  
93  N N   . GLU A 21 ? 0.1256 0.1279 0.0853 -0.0027 0.0204  -0.0060 14 GLU A N   
94  C CA  . GLU A 21 ? 0.1233 0.1377 0.0928 -0.0048 0.0268  -0.0132 14 GLU A CA  
95  C C   . GLU A 21 ? 0.1070 0.1311 0.0953 -0.0103 0.0227  -0.0122 14 GLU A C   
96  O O   . GLU A 21 ? 0.1187 0.1305 0.1083 -0.0089 0.0129  -0.0024 14 GLU A O   
97  C CB  . GLU A 21 ? 0.1489 0.1358 0.0909 -0.0036 0.0374  -0.0231 14 GLU A CB  
98  C CG  . GLU A 21 ? 0.1711 0.1445 0.1315 0.0087  0.0370  -0.0372 14 GLU A CG  
99  C CD  . GLU A 21 ? 0.1991 0.2464 0.1734 0.0455  0.0461  -0.0244 14 GLU A CD  
100 O OE1 . GLU A 21 ? 0.2319 0.2307 0.1794 0.0869  0.0681  -0.0018 14 GLU A OE1 
101 O OE2 . GLU A 21 ? 0.2077 0.4276 0.2108 0.0869  0.0466  -0.0637 14 GLU A OE2 
102 N N   . GLU A 22 ? 0.1039 0.1089 0.0939 0.0069  0.0190  -0.0219 15 GLU A N   
103 C CA  . GLU A 22 ? 0.1049 0.1106 0.1090 0.0052  0.0191  -0.0256 15 GLU A CA  
104 C C   . GLU A 22 ? 0.1149 0.1118 0.1258 0.0027  0.0275  -0.0078 15 GLU A C   
105 O O   . GLU A 22 ? 0.1390 0.1130 0.1233 -0.0019 0.0286  -0.0447 15 GLU A O   
106 C CB  . GLU A 22 ? 0.1234 0.1052 0.1145 0.0100  0.0098  -0.0107 15 GLU A CB  
107 C CG  . GLU A 22 ? 0.1283 0.1034 0.1338 -0.0100 0.0081  -0.0089 15 GLU A CG  
108 C CD  . GLU A 22 ? 0.1617 0.1362 0.1359 0.0016  0.0008  -0.0346 15 GLU A CD  
109 O OE1 . GLU A 22 ? 0.2179 0.1866 0.1675 -0.0300 -0.0389 0.0031  15 GLU A OE1 
110 O OE2 . GLU A 22 ? 0.1599 0.1175 0.1658 -0.0152 0.0238  -0.0406 15 GLU A OE2 
111 N N   . GLN A 23 ? 0.1079 0.1343 0.1418 0.0180  0.0364  0.0136  16 GLN A N   
112 C CA  . GLN A 23 ? 0.1142 0.1860 0.1619 0.0548  0.0400  0.0266  16 GLN A CA  
113 C C   . GLN A 23 ? 0.0888 0.1447 0.1484 0.0224  0.0197  -0.0060 16 GLN A C   
114 O O   . GLN A 23 ? 0.1077 0.1409 0.1519 0.0096  0.0134  -0.0247 16 GLN A O   
115 C CB  . GLN A 23 ? 0.2072 0.2719 0.1875 0.1014  0.0619  0.0824  16 GLN A CB  
116 C CG  . GLN A 23 ? 0.2818 0.3447 0.2273 0.1102  0.0749  0.0765  16 GLN A CG  
117 C CD  . GLN A 23 ? 0.3370 0.4758 0.2394 0.0908  0.0711  0.0496  16 GLN A CD  
118 O OE1 . GLN A 23 ? 0.3693 0.5896 0.2443 0.0797  0.0704  0.0223  16 GLN A OE1 
119 N NE2 . GLN A 23 ? 0.3476 0.4644 0.2587 0.0746  0.0603  0.0607  16 GLN A NE2 
120 N N   . LEU A 24 ? 0.0875 0.1490 0.1453 0.0084  0.0275  -0.0026 17 LEU A N   
121 C CA  . LEU A 24 ? 0.1061 0.1529 0.1347 -0.0045 0.0239  -0.0154 17 LEU A CA  
122 C C   . LEU A 24 ? 0.1031 0.1428 0.1424 0.0018  0.0258  -0.0222 17 LEU A C   
123 O O   . LEU A 24 ? 0.1145 0.1391 0.1851 -0.0147 0.0327  -0.0287 17 LEU A O   
124 C CB  . LEU A 24 ? 0.1260 0.1779 0.1262 -0.0204 0.0187  -0.0354 17 LEU A CB  
125 C CG  . LEU A 24 ? 0.1391 0.1950 0.1443 -0.0300 0.0038  -0.0270 17 LEU A CG  
126 C CD1 . LEU A 24 ? 0.1528 0.2161 0.1585 -0.0380 0.0140  -0.0447 17 LEU A CD1 
127 C CD2 . LEU A 24 ? 0.1453 0.2333 0.1587 -0.0032 -0.0129 -0.0042 17 LEU A CD2 
128 N N   . GLY A 25 ? 0.0848 0.1775 0.1440 0.0146  0.0059  -0.0239 18 GLY A N   
129 C CA  . GLY A 25 ? 0.1056 0.2586 0.1549 0.0287  -0.0058 -0.0450 18 GLY A CA  
130 C C   . GLY A 25 ? 0.1018 0.2483 0.1774 0.0166  -0.0189 -0.0411 18 GLY A C   
131 O O   . GLY A 25 ? 0.1011 0.2342 0.1951 0.0127  -0.0122 -0.0638 18 GLY A O   
132 N N   . ILE A 26 ? 0.0945 0.1908 0.1852 0.0225  0.0001  -0.0213 19 ILE A N   
133 C CA  A ILE A 26 ? 0.1049 0.1718 0.1626 0.0152  0.0052  -0.0084 19 ILE A CA  
134 C CA  B ILE A 26 ? 0.1131 0.2052 0.1836 0.0122  0.0100  -0.0182 19 ILE A CA  
135 C C   . ILE A 26 ? 0.1022 0.1797 0.1872 0.0001  0.0011  -0.0003 19 ILE A C   
136 O O   . ILE A 26 ? 0.1028 0.2269 0.2470 -0.0233 -0.0116 0.0281  19 ILE A O   
137 C CB  A ILE A 26 ? 0.1180 0.1471 0.1555 0.0312  0.0213  0.0021  19 ILE A CB  
138 C CB  B ILE A 26 ? 0.1438 0.2479 0.2033 0.0164  0.0309  -0.0304 19 ILE A CB  
139 C CG1 A ILE A 26 ? 0.1294 0.1474 0.1544 0.0371  0.0279  0.0147  19 ILE A CG1 
140 C CG1 B ILE A 26 ? 0.1550 0.2878 0.2296 0.0021  0.0269  -0.0364 19 ILE A CG1 
141 C CG2 A ILE A 26 ? 0.0996 0.1455 0.1685 0.0337  0.0219  -0.0089 19 ILE A CG2 
142 C CG2 B ILE A 26 ? 0.1676 0.2376 0.2065 0.0231  0.0393  -0.0323 19 ILE A CG2 
143 C CD1 A ILE A 26 ? 0.1344 0.1523 0.1593 0.0205  0.0269  0.0000  19 ILE A CD1 
144 C CD1 B ILE A 26 ? 0.1749 0.3087 0.2394 -0.0052 0.0138  -0.0303 19 ILE A CD1 
145 N N   . LYS A 27 ? 0.1163 0.1669 0.1211 -0.0051 -0.0022 -0.0101 20 LYS A N   
146 C CA  . LYS A 27 ? 0.1315 0.1600 0.1120 -0.0087 -0.0029 -0.0080 20 LYS A CA  
147 C C   . LYS A 27 ? 0.1204 0.1642 0.1074 -0.0196 -0.0025 -0.0112 20 LYS A C   
148 O O   . LYS A 27 ? 0.1010 0.2004 0.1185 -0.0193 0.0003  -0.0172 20 LYS A O   
149 C CB  . LYS A 27 ? 0.1845 0.1911 0.1165 0.0020  -0.0188 -0.0202 20 LYS A CB  
150 C CG  . LYS A 27 ? 0.2538 0.2632 0.1534 -0.0041 -0.0324 -0.0082 20 LYS A CG  
151 C CD  . LYS A 27 ? 0.3163 0.3757 0.2397 0.0326  -0.0209 0.0088  20 LYS A CD  
152 C CE  . LYS A 27 ? 0.3575 0.4788 0.3021 0.0672  -0.0130 0.0388  20 LYS A CE  
153 N NZ  . LYS A 27 ? 0.3827 0.5467 0.3304 0.0840  -0.0084 0.0477  20 LYS A NZ  
154 N N   . LEU A 28 ? 0.1400 0.1544 0.1127 -0.0381 0.0004  -0.0300 21 LEU A N   
155 C CA  . LEU A 28 ? 0.1476 0.1482 0.1278 -0.0462 -0.0141 -0.0155 21 LEU A CA  
156 C C   . LEU A 28 ? 0.1451 0.1433 0.1409 -0.0566 -0.0009 0.0032  21 LEU A C   
157 O O   . LEU A 28 ? 0.1632 0.1813 0.1536 -0.0483 0.0231  0.0121  21 LEU A O   
158 C CB  . LEU A 28 ? 0.1471 0.1865 0.1582 -0.0431 -0.0270 -0.0084 21 LEU A CB  
159 C CG  . LEU A 28 ? 0.1516 0.2000 0.1573 -0.0445 -0.0357 -0.0061 21 LEU A CG  
160 C CD1 . LEU A 28 ? 0.1511 0.2685 0.1601 -0.0490 -0.0347 -0.0294 21 LEU A CD1 
161 C CD2 . LEU A 28 ? 0.1578 0.1942 0.1704 -0.0554 -0.0332 0.0338  21 LEU A CD2 
162 N N   . VAL A 29 ? 0.1584 0.1563 0.1293 -0.0409 -0.0026 0.0180  22 VAL A N   
163 C CA  . VAL A 29 ? 0.1560 0.1644 0.1266 -0.0367 -0.0035 0.0120  22 VAL A CA  
164 C C   . VAL A 29 ? 0.1542 0.1364 0.1240 -0.0422 -0.0110 0.0202  22 VAL A C   
165 O O   . VAL A 29 ? 0.1364 0.1533 0.1209 -0.0188 -0.0118 0.0248  22 VAL A O   
166 C CB  . VAL A 29 ? 0.1697 0.1872 0.1375 -0.0458 -0.0092 0.0143  22 VAL A CB  
167 C CG1 . VAL A 29 ? 0.1929 0.2263 0.1249 -0.0619 -0.0086 0.0168  22 VAL A CG1 
168 C CG2 . VAL A 29 ? 0.1493 0.2060 0.1454 -0.0403 -0.0172 0.0129  22 VAL A CG2 
169 N N   . ARG A 30 ? 0.1876 0.1435 0.1567 -0.0270 -0.0014 0.0363  23 ARG A N   
170 C CA  A ARG A 30 ? 0.1946 0.1182 0.1774 -0.0131 -0.0102 0.0323  23 ARG A CA  
171 C CA  B ARG A 30 ? 0.1785 0.1343 0.1719 -0.0191 -0.0142 0.0257  23 ARG A CA  
172 C C   . ARG A 30 ? 0.1789 0.1609 0.1830 -0.0205 -0.0207 0.0227  23 ARG A C   
173 O O   . ARG A 30 ? 0.1886 0.2199 0.2006 -0.0404 -0.0344 0.0051  23 ARG A O   
174 C CB  A ARG A 30 ? 0.2203 0.1204 0.2042 -0.0058 -0.0011 0.0483  23 ARG A CB  
175 C CB  B ARG A 30 ? 0.1721 0.1485 0.1887 -0.0242 -0.0121 0.0246  23 ARG A CB  
176 C CG  A ARG A 30 ? 0.2349 0.1691 0.2479 -0.0074 0.0173  0.0605  23 ARG A CG  
177 C CG  B ARG A 30 ? 0.1548 0.1818 0.2357 -0.0282 0.0017  0.0270  23 ARG A CG  
178 C CD  A ARG A 30 ? 0.2431 0.2165 0.2684 -0.0056 0.0393  0.0518  23 ARG A CD  
179 C CD  B ARG A 30 ? 0.1369 0.1797 0.2669 -0.0224 0.0164  0.0186  23 ARG A CD  
180 N NE  A ARG A 30 ? 0.2533 0.2259 0.2858 -0.0019 0.0562  0.0635  23 ARG A NE  
181 N NE  B ARG A 30 ? 0.1346 0.1646 0.2970 -0.0090 0.0279  0.0236  23 ARG A NE  
182 C CZ  A ARG A 30 ? 0.2619 0.1902 0.3153 -0.0006 0.0709  0.0884  23 ARG A CZ  
183 C CZ  B ARG A 30 ? 0.1315 0.1471 0.3168 0.0233  0.0433  0.0586  23 ARG A CZ  
184 N NH1 A ARG A 30 ? 0.2497 0.1696 0.3333 -0.0028 0.0753  0.0844  23 ARG A NH1 
185 N NH1 B ARG A 30 ? 0.1064 0.1110 0.3069 0.0228  0.0480  0.0662  23 ARG A NH1 
186 N NH2 A ARG A 30 ? 0.2699 0.2176 0.3203 0.0081  0.0787  0.0984  23 ARG A NH2 
187 N NH2 B ARG A 30 ? 0.1327 0.1711 0.3372 0.0179  0.0472  0.0829  23 ARG A NH2 
188 N N   . ARG A 31 ? 0.1466 0.1852 0.2223 -0.0146 -0.0152 0.0264  24 ARG A N   
189 C CA  . ARG A 31 ? 0.1583 0.2281 0.2650 -0.0006 -0.0131 0.0329  24 ARG A CA  
190 C C   . ARG A 31 ? 0.1757 0.2590 0.3077 0.0412  -0.0146 0.0754  24 ARG A C   
191 O O   . ARG A 31 ? 0.1636 0.2335 0.3514 0.0038  -0.0246 0.0709  24 ARG A O   
192 C CB  . ARG A 31 ? 0.1709 0.2207 0.2799 -0.0036 -0.0085 0.0356  24 ARG A CB  
193 C CG  . ARG A 31 ? 0.1803 0.2243 0.2950 -0.0023 0.0004  0.0342  24 ARG A CG  
194 C CD  . ARG A 31 ? 0.1680 0.2345 0.3080 -0.0090 -0.0016 0.0428  24 ARG A CD  
195 N NE  . ARG A 31 ? 0.1612 0.2223 0.3112 -0.0190 -0.0240 0.0541  24 ARG A NE  
196 C CZ  . ARG A 31 ? 0.1590 0.2357 0.3091 -0.0349 -0.0420 0.0179  24 ARG A CZ  
197 N NH1 . ARG A 31 ? 0.1595 0.2295 0.3209 -0.0114 -0.0448 0.0264  24 ARG A NH1 
198 N NH2 . ARG A 31 ? 0.1644 0.2712 0.3032 -0.0292 -0.0544 0.0020  24 ARG A NH2 
199 N N   . VAL A 32 ? 0.2545 0.3297 0.3139 0.0921  0.0043  0.0823  25 VAL A N   
200 C CA  . VAL A 32 ? 0.3050 0.3327 0.3405 0.0888  0.0140  0.0738  25 VAL A CA  
201 C C   . VAL A 32 ? 0.2732 0.2806 0.3715 0.0750  0.0221  0.0680  25 VAL A C   
202 O O   . VAL A 32 ? 0.2829 0.2436 0.4103 0.0661  0.0418  0.0389  25 VAL A O   
203 C CB  . VAL A 32 ? 0.3643 0.4101 0.3398 0.0534  0.0126  0.0284  25 VAL A CB  
204 C CG1 . VAL A 32 ? 0.3856 0.4485 0.3408 0.0330  0.0139  0.0196  25 VAL A CG1 
205 C CG2 . VAL A 32 ? 0.3779 0.4342 0.3394 0.0368  0.0042  0.0114  25 VAL A CG2 
206 N N   . ASP A 33 ? 0.2279 0.2397 0.3627 0.0687  0.0096  0.0897  26 ASP A N   
207 C CA  . ASP A 33 ? 0.2110 0.2646 0.3610 0.0817  0.0100  0.0733  26 ASP A CA  
208 C C   . ASP A 33 ? 0.1790 0.2097 0.3207 0.0632  0.0148  0.0664  26 ASP A C   
209 O O   . ASP A 33 ? 0.1903 0.2348 0.3139 0.0832  0.0324  0.0358  26 ASP A O   
210 C CB  . ASP A 33 ? 0.2025 0.3710 0.4108 0.0775  0.0036  0.0495  26 ASP A CB  
211 C CG  . ASP A 33 ? 0.2042 0.4669 0.4510 0.0434  -0.0043 0.0231  26 ASP A CG  
212 O OD1 . ASP A 33 ? 0.2349 0.4964 0.4618 0.0121  -0.0154 0.0289  26 ASP A OD1 
213 O OD2 . ASP A 33 ? 0.2052 0.5342 0.4683 0.0442  -0.0010 0.0034  26 ASP A OD2 
214 N N   . GLU A 34 ? 0.1586 0.1517 0.2902 0.0392  0.0164  0.0510  27 GLU A N   
215 C CA  . GLU A 34 ? 0.1456 0.1437 0.2711 0.0363  0.0300  0.0322  27 GLU A CA  
216 C C   . GLU A 34 ? 0.1504 0.1107 0.2235 0.0273  0.0393  0.0052  27 GLU A C   
217 O O   . GLU A 34 ? 0.1616 0.1367 0.1986 0.0480  0.0482  0.0046  27 GLU A O   
218 C CB  . GLU A 34 ? 0.1404 0.1494 0.3022 0.0155  0.0283  0.0339  27 GLU A CB  
219 C CG  . GLU A 34 ? 0.1452 0.1647 0.3112 -0.0143 0.0288  0.0176  27 GLU A CG  
220 C CD  . GLU A 34 ? 0.1635 0.2040 0.3202 -0.0020 0.0260  0.0262  27 GLU A CD  
221 O OE1 . GLU A 34 ? 0.1751 0.1919 0.3198 0.0039  0.0224  0.0429  27 GLU A OE1 
222 O OE2 . GLU A 34 ? 0.1528 0.2192 0.3443 -0.0151 0.0168  0.0212  27 GLU A OE2 
223 N N   . PRO A 35 ? 0.1539 0.1271 0.2103 0.0327  0.0519  -0.0097 28 PRO A N   
224 C CA  . PRO A 35 ? 0.1596 0.1151 0.1923 0.0049  0.0469  -0.0108 28 PRO A CA  
225 C C   . PRO A 35 ? 0.1267 0.1026 0.1737 -0.0109 0.0383  -0.0060 28 PRO A C   
226 O O   . PRO A 35 ? 0.1298 0.1237 0.1803 0.0041  0.0273  -0.0049 28 PRO A O   
227 C CB  . PRO A 35 ? 0.1790 0.1389 0.1934 0.0068  0.0547  -0.0164 28 PRO A CB  
228 C CG  . PRO A 35 ? 0.1715 0.1486 0.1995 0.0229  0.0562  -0.0161 28 PRO A CG  
229 C CD  . PRO A 35 ? 0.1740 0.1694 0.2026 0.0312  0.0540  -0.0179 28 PRO A CD  
230 N N   . GLY A 36 ? 0.1242 0.1106 0.1438 0.0111  0.0313  -0.0162 29 GLY A N   
231 C CA  . GLY A 36 ? 0.1295 0.0927 0.1388 0.0076  0.0202  -0.0051 29 GLY A CA  
232 C C   . GLY A 36 ? 0.0955 0.0841 0.1201 -0.0043 0.0046  0.0024  29 GLY A C   
233 O O   . GLY A 36 ? 0.0970 0.0974 0.1447 0.0003  0.0093  0.0132  29 GLY A O   
234 N N   . VAL A 37 ? 0.0866 0.0734 0.1280 -0.0134 0.0049  -0.0142 30 VAL A N   
235 C CA  . VAL A 37 ? 0.0806 0.0782 0.1192 -0.0146 0.0078  -0.0197 30 VAL A CA  
236 C C   . VAL A 37 ? 0.0799 0.0843 0.0951 0.0009  -0.0006 -0.0098 30 VAL A C   
237 O O   . VAL A 37 ? 0.0884 0.1017 0.0962 -0.0158 -0.0083 0.0134  30 VAL A O   
238 C CB  . VAL A 37 ? 0.0823 0.0942 0.1323 -0.0140 0.0093  -0.0165 30 VAL A CB  
239 C CG1 . VAL A 37 ? 0.1024 0.1175 0.1280 -0.0109 0.0123  -0.0300 30 VAL A CG1 
240 C CG2 . VAL A 37 ? 0.0876 0.1085 0.1477 -0.0149 0.0133  -0.0238 30 VAL A CG2 
241 N N   . PHE A 38 ? 0.0905 0.1006 0.0951 -0.0187 -0.0070 -0.0006 31 PHE A N   
242 C CA  . PHE A 38 ? 0.0844 0.1218 0.1048 -0.0218 -0.0084 -0.0055 31 PHE A CA  
243 C C   . PHE A 38 ? 0.0933 0.1180 0.0860 -0.0266 -0.0192 -0.0096 31 PHE A C   
244 O O   . PHE A 38 ? 0.1325 0.1454 0.0845 -0.0254 0.0018  0.0083  31 PHE A O   
245 C CB  . PHE A 38 ? 0.0914 0.1516 0.1261 -0.0067 -0.0012 -0.0152 31 PHE A CB  
246 C CG  . PHE A 38 ? 0.0972 0.1486 0.1315 -0.0053 -0.0156 -0.0084 31 PHE A CG  
247 C CD1 . PHE A 38 ? 0.0976 0.1119 0.1543 -0.0006 -0.0164 -0.0131 31 PHE A CD1 
248 C CD2 . PHE A 38 ? 0.0876 0.1756 0.1443 0.0114  -0.0034 0.0028  31 PHE A CD2 
249 C CE1 . PHE A 38 ? 0.1066 0.1302 0.1711 -0.0027 0.0028  -0.0112 31 PHE A CE1 
250 C CE2 . PHE A 38 ? 0.0939 0.1543 0.1704 0.0034  0.0054  0.0147  31 PHE A CE2 
251 C CZ  . PHE A 38 ? 0.0974 0.1539 0.1890 0.0106  0.0128  0.0075  31 PHE A CZ  
252 N N   . ILE A 39 ? 0.1095 0.1207 0.0933 -0.0409 -0.0224 -0.0049 32 ILE A N   
253 C CA  . ILE A 39 ? 0.1310 0.1260 0.0855 -0.0305 -0.0205 -0.0058 32 ILE A CA  
254 C C   . ILE A 39 ? 0.1141 0.1450 0.0954 -0.0329 -0.0139 -0.0106 32 ILE A C   
255 O O   . ILE A 39 ? 0.1132 0.1802 0.1095 -0.0446 -0.0116 0.0044  32 ILE A O   
256 C CB  . ILE A 39 ? 0.1418 0.1352 0.1054 -0.0297 -0.0210 -0.0169 32 ILE A CB  
257 C CG1 . ILE A 39 ? 0.1618 0.1254 0.1108 0.0021  -0.0148 0.0023  32 ILE A CG1 
258 C CG2 . ILE A 39 ? 0.1618 0.1579 0.1254 -0.0406 -0.0171 -0.0165 32 ILE A CG2 
259 C CD1 . ILE A 39 ? 0.1702 0.1591 0.1317 0.0404  0.0070  -0.0038 32 ILE A CD1 
260 N N   . PHE A 40 ? 0.1247 0.1620 0.0926 -0.0365 -0.0198 -0.0034 33 PHE A N   
261 C CA  . PHE A 40 ? 0.1270 0.1519 0.0989 -0.0373 -0.0174 0.0007  33 PHE A CA  
262 C C   . PHE A 40 ? 0.1151 0.1310 0.1136 -0.0232 -0.0094 -0.0051 33 PHE A C   
263 O O   . PHE A 40 ? 0.1101 0.1662 0.1406 -0.0317 -0.0261 -0.0085 33 PHE A O   
264 C CB  . PHE A 40 ? 0.1370 0.1697 0.0975 -0.0368 -0.0168 0.0123  33 PHE A CB  
265 C CG  . PHE A 40 ? 0.1582 0.2008 0.1126 -0.0288 -0.0155 0.0082  33 PHE A CG  
266 C CD1 . PHE A 40 ? 0.1611 0.2183 0.1460 0.0166  -0.0104 0.0385  33 PHE A CD1 
267 C CD2 . PHE A 40 ? 0.2047 0.2122 0.1099 -0.0374 -0.0248 0.0047  33 PHE A CD2 
268 C CE1 . PHE A 40 ? 0.1782 0.2700 0.1619 -0.0033 -0.0229 0.0379  33 PHE A CE1 
269 C CE2 . PHE A 40 ? 0.2172 0.2671 0.1412 -0.0301 -0.0225 0.0102  33 PHE A CE2 
270 C CZ  . PHE A 40 ? 0.1938 0.3023 0.1629 -0.0301 -0.0280 0.0127  33 PHE A CZ  
271 N N   . ASN A 41 ? 0.1237 0.1478 0.1236 -0.0240 -0.0140 -0.0182 34 ASN A N   
272 C CA  . ASN A 41 ? 0.1265 0.1816 0.1281 -0.0022 -0.0190 -0.0411 34 ASN A CA  
273 C C   . ASN A 41 ? 0.0961 0.1672 0.1526 -0.0165 -0.0311 -0.0399 34 ASN A C   
274 O O   . ASN A 41 ? 0.1101 0.2017 0.1488 -0.0257 -0.0166 -0.0318 34 ASN A O   
275 C CB  . ASN A 41 ? 0.1835 0.2325 0.1539 0.0008  -0.0084 -0.0576 34 ASN A CB  
276 C CG  . ASN A 41 ? 0.2076 0.3046 0.2003 -0.0107 -0.0177 -0.0526 34 ASN A CG  
277 O OD1 . ASN A 41 ? 0.2103 0.3667 0.2189 -0.0400 -0.0185 -0.0867 34 ASN A OD1 
278 N ND2 . ASN A 41 ? 0.2407 0.3503 0.2125 0.0048  -0.0089 -0.0347 34 ASN A ND2 
279 N N   . VAL A 42 ? 0.0991 0.1701 0.2295 -0.0095 -0.0442 -0.0400 35 VAL A N   
280 C CA  . VAL A 42 ? 0.1214 0.1746 0.2360 0.0240  -0.0534 -0.0424 35 VAL A CA  
281 C C   . VAL A 42 ? 0.1220 0.2158 0.2412 0.0350  -0.0639 -0.0488 35 VAL A C   
282 O O   . VAL A 42 ? 0.1260 0.2347 0.2779 0.0215  -0.0706 -0.0806 35 VAL A O   
283 C CB  . VAL A 42 ? 0.1488 0.1580 0.2419 0.0220  -0.0457 -0.0278 35 VAL A CB  
284 C CG1 . VAL A 42 ? 0.1612 0.1804 0.2591 0.0457  -0.0392 -0.0217 35 VAL A CG1 
285 C CG2 . VAL A 42 ? 0.1691 0.1811 0.2362 0.0287  -0.0317 -0.0101 35 VAL A CG2 
286 N N   . LEU A 43 ? 0.1545 0.2214 0.2126 0.0144  -0.0601 -0.0477 36 LEU A N   
287 C CA  . LEU A 43 ? 0.1932 0.2946 0.2043 -0.0036 -0.0537 -0.0676 36 LEU A CA  
288 C C   . LEU A 43 ? 0.1735 0.3078 0.1956 -0.0159 -0.0567 -0.0916 36 LEU A C   
289 O O   . LEU A 43 ? 0.1669 0.2695 0.1687 0.0055  -0.0364 -0.1008 36 LEU A O   
290 C CB  . LEU A 43 ? 0.2475 0.3822 0.2259 -0.0032 -0.0372 -0.0684 36 LEU A CB  
291 C CG  . LEU A 43 ? 0.2901 0.4945 0.2735 0.0207  -0.0238 -0.0538 36 LEU A CG  
292 C CD1 . LEU A 43 ? 0.3066 0.5388 0.2962 0.0127  -0.0263 -0.0512 36 LEU A CD1 
293 C CD2 . LEU A 43 ? 0.2971 0.5341 0.2954 0.0323  -0.0151 -0.0443 36 LEU A CD2 
294 N N   . ASN A 44 ? 0.1842 0.3462 0.2224 -0.0164 -0.0665 -0.1109 37 ASN A N   
295 C CA  . ASN A 44 ? 0.1948 0.3586 0.2680 -0.0258 -0.0625 -0.1370 37 ASN A CA  
296 C C   . ASN A 44 ? 0.1928 0.3228 0.2520 -0.0051 -0.0391 -0.1389 37 ASN A C   
297 O O   . ASN A 44 ? 0.2044 0.3505 0.2375 -0.0056 -0.0431 -0.1308 37 ASN A O   
298 C CB  . ASN A 44 ? 0.2359 0.4669 0.3215 -0.0257 -0.0629 -0.1522 37 ASN A CB  
299 C CG  . ASN A 44 ? 0.2785 0.5996 0.3565 -0.0235 -0.0627 -0.1671 37 ASN A CG  
300 O OD1 . ASN A 44 ? 0.2838 0.6789 0.3851 -0.0057 -0.0586 -0.1516 37 ASN A OD1 
301 N ND2 . ASN A 44 ? 0.3098 0.6311 0.3636 -0.0256 -0.0613 -0.1745 37 ASN A ND2 
302 N N   . GLY A 45 ? 0.1756 0.2785 0.2490 -0.0246 -0.0287 -0.1378 38 GLY A N   
303 C CA  . GLY A 45 ? 0.1743 0.2432 0.2417 -0.0218 -0.0155 -0.1247 38 GLY A CA  
304 C C   . GLY A 45 ? 0.1629 0.2092 0.2113 -0.0139 -0.0026 -0.1121 38 GLY A C   
305 O O   . GLY A 45 ? 0.1712 0.2075 0.2429 -0.0052 0.0029  -0.1027 38 GLY A O   
306 N N   . GLY A 46 ? 0.1465 0.2054 0.1736 -0.0070 -0.0137 -0.0821 39 GLY A N   
307 C CA  . GLY A 46 ? 0.1372 0.1858 0.1552 -0.0106 -0.0027 -0.0762 39 GLY A CA  
308 C C   . GLY A 46 ? 0.1237 0.1457 0.1697 -0.0122 0.0082  -0.0671 39 GLY A C   
309 O O   . GLY A 46 ? 0.1421 0.1616 0.1740 -0.0209 0.0078  -0.0753 39 GLY A O   
310 N N   . VAL A 47 ? 0.1196 0.1452 0.1500 0.0080  0.0075  -0.0688 40 VAL A N   
311 C CA  . VAL A 47 ? 0.1192 0.1385 0.1461 0.0064  0.0158  -0.0427 40 VAL A CA  
312 C C   . VAL A 47 ? 0.1164 0.1210 0.1453 -0.0064 0.0119  -0.0418 40 VAL A C   
313 O O   . VAL A 47 ? 0.1298 0.1254 0.1591 0.0016  0.0231  -0.0341 40 VAL A O   
314 C CB  . VAL A 47 ? 0.1166 0.1669 0.1464 0.0067  0.0121  -0.0463 40 VAL A CB  
315 C CG1 . VAL A 47 ? 0.1477 0.1906 0.1429 0.0167  0.0086  -0.0542 40 VAL A CG1 
316 C CG2 . VAL A 47 ? 0.1316 0.2020 0.1489 0.0211  0.0163  -0.0356 40 VAL A CG2 
317 N N   . ALA A 48 ? 0.1065 0.1203 0.1399 0.0186  0.0068  -0.0382 41 ALA A N   
318 C CA  . ALA A 48 ? 0.1087 0.1236 0.1467 0.0030  0.0099  -0.0384 41 ALA A CA  
319 C C   . ALA A 48 ? 0.1095 0.1326 0.1463 -0.0159 0.0127  -0.0554 41 ALA A C   
320 O O   . ALA A 48 ? 0.1220 0.1336 0.1562 -0.0201 0.0227  -0.0356 41 ALA A O   
321 C CB  . ALA A 48 ? 0.1237 0.1039 0.1489 0.0036  0.0050  -0.0434 41 ALA A CB  
322 N N   . ASP A 49 ? 0.1044 0.1368 0.1849 -0.0189 0.0037  -0.0579 42 ASP A N   
323 C CA  . ASP A 49 ? 0.1391 0.1773 0.2001 -0.0436 0.0120  -0.0837 42 ASP A CA  
324 C C   . ASP A 49 ? 0.1639 0.1691 0.2288 -0.0393 0.0319  -0.0812 42 ASP A C   
325 O O   . ASP A 49 ? 0.1733 0.2146 0.2529 -0.0659 0.0395  -0.0617 42 ASP A O   
326 C CB  . ASP A 49 ? 0.1377 0.2397 0.1997 -0.0495 0.0019  -0.1125 42 ASP A CB  
327 C CG  . ASP A 49 ? 0.1662 0.3418 0.2464 -0.0546 0.0066  -0.1354 42 ASP A CG  
328 O OD1 . ASP A 49 ? 0.1718 0.4165 0.2661 -0.0703 0.0034  -0.1547 42 ASP A OD1 
329 O OD2 . ASP A 49 ? 0.1953 0.3341 0.2606 -0.0862 0.0023  -0.1384 42 ASP A OD2 
330 N N   . ARG A 50 ? 0.1942 0.1414 0.2335 -0.0309 0.0345  -0.0962 43 ARG A N   
331 C CA  . ARG A 50 ? 0.2428 0.1325 0.2447 -0.0349 0.0429  -0.0809 43 ARG A CA  
332 C C   . ARG A 50 ? 0.2394 0.1245 0.2537 -0.0394 0.0460  -0.0568 43 ARG A C   
333 O O   . ARG A 50 ? 0.2812 0.1242 0.2791 -0.0566 0.0575  -0.0351 43 ARG A O   
334 C CB  . ARG A 50 ? 0.2713 0.1761 0.2720 -0.0085 0.0545  -0.0756 43 ARG A CB  
335 C CG  . ARG A 50 ? 0.2956 0.2323 0.3133 0.0066  0.0600  -0.0868 43 ARG A CG  
336 C CD  . ARG A 50 ? 0.3236 0.2886 0.3693 0.0219  0.0612  -0.0821 43 ARG A CD  
337 N NE  . ARG A 50 ? 0.3406 0.3252 0.4086 0.0274  0.0575  -0.0892 43 ARG A NE  
338 C CZ  . ARG A 50 ? 0.3531 0.3305 0.4257 0.0358  0.0653  -0.1314 43 ARG A CZ  
339 N NH1 . ARG A 50 ? 0.3697 0.3646 0.4187 0.0413  0.0656  -0.1396 43 ARG A NH1 
340 N NH2 . ARG A 50 ? 0.3441 0.2860 0.4457 0.0255  0.0708  -0.1501 43 ARG A NH2 
341 N N   . HIS A 51 ? 0.2006 0.1109 0.2499 -0.0193 0.0326  -0.0454 44 HIS A N   
342 C CA  . HIS A 51 ? 0.1817 0.1213 0.2423 -0.0150 0.0365  -0.0265 44 HIS A CA  
343 C C   . HIS A 51 ? 0.1879 0.1184 0.2394 -0.0366 0.0483  -0.0280 44 HIS A C   
344 O O   . HIS A 51 ? 0.2047 0.1665 0.2607 -0.0424 0.0635  -0.0040 44 HIS A O   
345 C CB  . HIS A 51 ? 0.1836 0.1177 0.2256 -0.0267 0.0192  -0.0186 44 HIS A CB  
346 C CG  . HIS A 51 ? 0.1809 0.1502 0.2152 -0.0224 0.0111  0.0064  44 HIS A CG  
347 N ND1 . HIS A 51 ? 0.1838 0.1332 0.2044 -0.0111 0.0102  -0.0082 44 HIS A ND1 
348 C CD2 . HIS A 51 ? 0.1928 0.1674 0.2251 -0.0181 0.0135  0.0194  44 HIS A CD2 
349 C CE1 . HIS A 51 ? 0.1907 0.1302 0.1946 -0.0089 0.0085  0.0011  44 HIS A CE1 
350 N NE2 . HIS A 51 ? 0.1816 0.1358 0.2067 -0.0129 0.0185  0.0022  44 HIS A NE2 
351 N N   . GLY A 52 ? 0.1777 0.1407 0.2404 -0.0284 0.0453  -0.0482 45 GLY A N   
352 C CA  . GLY A 52 ? 0.1656 0.1707 0.2624 -0.0310 0.0425  -0.0605 45 GLY A CA  
353 C C   . GLY A 52 ? 0.1568 0.1878 0.2440 -0.0250 0.0345  -0.0671 45 GLY A C   
354 O O   . GLY A 52 ? 0.1557 0.2550 0.2680 -0.0137 0.0350  -0.0892 45 GLY A O   
355 N N   . GLN A 53 ? 0.1721 0.1218 0.1925 -0.0203 0.0221  -0.0209 46 GLN A N   
356 C CA  . GLN A 53 ? 0.1868 0.1386 0.1834 -0.0047 0.0144  -0.0195 46 GLN A CA  
357 C C   . GLN A 53 ? 0.1644 0.1263 0.1758 -0.0063 0.0079  -0.0143 46 GLN A C   
358 O O   . GLN A 53 ? 0.1735 0.1622 0.1995 0.0096  0.0220  -0.0060 46 GLN A O   
359 C CB  . GLN A 53 ? 0.2169 0.1476 0.1931 0.0103  0.0178  -0.0224 46 GLN A CB  
360 C CG  . GLN A 53 ? 0.2674 0.2339 0.2169 0.0222  0.0317  -0.0109 46 GLN A CG  
361 C CD  . GLN A 53 ? 0.3001 0.3079 0.2474 0.0319  0.0436  -0.0082 46 GLN A CD  
362 O OE1 . GLN A 53 ? 0.3108 0.3262 0.2664 0.0376  0.0523  -0.0209 46 GLN A OE1 
363 N NE2 . GLN A 53 ? 0.3105 0.3256 0.2393 0.0418  0.0454  0.0189  46 GLN A NE2 
364 N N   . LEU A 54 ? 0.1558 0.1333 0.1387 0.0011  -0.0056 -0.0085 47 LEU A N   
365 C CA  . LEU A 54 ? 0.1593 0.1439 0.1307 -0.0057 -0.0024 -0.0212 47 LEU A CA  
366 C C   . LEU A 54 ? 0.1442 0.1604 0.1232 -0.0099 -0.0112 -0.0363 47 LEU A C   
367 O O   . LEU A 54 ? 0.1655 0.1830 0.1336 -0.0086 -0.0169 -0.0395 47 LEU A O   
368 C CB  . LEU A 54 ? 0.1422 0.1437 0.1236 -0.0170 -0.0132 -0.0307 47 LEU A CB  
369 C CG  . LEU A 54 ? 0.1319 0.1364 0.1364 -0.0078 -0.0060 -0.0362 47 LEU A CG  
370 C CD1 . LEU A 54 ? 0.1281 0.1676 0.1591 -0.0076 0.0022  -0.0344 47 LEU A CD1 
371 C CD2 . LEU A 54 ? 0.1315 0.1479 0.1404 -0.0172 -0.0011 -0.0248 47 LEU A CD2 
372 N N   . GLU A 55 ? 0.1124 0.1526 0.1464 -0.0010 -0.0183 -0.0060 48 GLU A N   
373 C CA  . GLU A 55 ? 0.1130 0.1665 0.1545 -0.0159 -0.0115 -0.0087 48 GLU A CA  
374 C C   . GLU A 55 ? 0.1136 0.1644 0.1237 -0.0311 -0.0210 -0.0157 48 GLU A C   
375 O O   . GLU A 55 ? 0.1120 0.1462 0.1147 -0.0320 -0.0099 -0.0017 48 GLU A O   
376 C CB  . GLU A 55 ? 0.1176 0.1699 0.1854 -0.0325 -0.0057 0.0139  48 GLU A CB  
377 C CG  . GLU A 55 ? 0.1461 0.1862 0.2202 -0.0537 -0.0058 0.0168  48 GLU A CG  
378 C CD  . GLU A 55 ? 0.1717 0.2327 0.2647 -0.0136 0.0060  0.0640  48 GLU A CD  
379 O OE1 . GLU A 55 ? 0.1730 0.2739 0.2407 -0.0227 0.0064  0.0291  48 GLU A OE1 
380 O OE2 . GLU A 55 ? 0.2048 0.3322 0.3165 0.0018  0.0212  0.0882  48 GLU A OE2 
381 N N   . GLU A 56 ? 0.1445 0.1553 0.1155 -0.0414 -0.0192 -0.0220 49 GLU A N   
382 C CA  . GLU A 56 ? 0.1396 0.1731 0.1234 -0.0386 -0.0220 0.0086  49 GLU A CA  
383 C C   . GLU A 56 ? 0.1031 0.1743 0.1321 -0.0555 -0.0396 0.0339  49 GLU A C   
384 O O   . GLU A 56 ? 0.0912 0.1841 0.1398 -0.0419 -0.0288 0.0265  49 GLU A O   
385 C CB  . GLU A 56 ? 0.1178 0.2221 0.1317 -0.0205 -0.0283 0.0013  49 GLU A CB  
386 C CG  . GLU A 56 ? 0.1202 0.2118 0.1363 -0.0189 -0.0241 0.0029  49 GLU A CG  
387 C CD  . GLU A 56 ? 0.0974 0.1777 0.1337 -0.0066 -0.0342 0.0157  49 GLU A CD  
388 O OE1 . GLU A 56 ? 0.0896 0.1934 0.1234 -0.0044 -0.0133 -0.0071 49 GLU A OE1 
389 O OE2 . GLU A 56 ? 0.1128 0.1691 0.1553 -0.0018 -0.0275 -0.0126 49 GLU A OE2 
390 N N   . ASN A 57 ? 0.1220 0.1579 0.1258 -0.0455 -0.0451 0.0290  50 ASN A N   
391 C CA  . ASN A 57 ? 0.1123 0.1826 0.1468 0.0037  -0.0375 0.0321  50 ASN A CA  
392 C C   . ASN A 57 ? 0.0895 0.1545 0.1359 -0.0044 -0.0177 0.0304  50 ASN A C   
393 O O   . ASN A 57 ? 0.1171 0.1664 0.1521 0.0013  -0.0094 0.0041  50 ASN A O   
394 C CB  . ASN A 57 ? 0.1162 0.2614 0.1616 -0.0047 -0.0367 0.0121  50 ASN A CB  
395 C CG  . ASN A 57 ? 0.1281 0.2393 0.1698 -0.0449 -0.0300 0.0093  50 ASN A CG  
396 O OD1 . ASN A 57 ? 0.1389 0.2496 0.1716 -0.0288 -0.0305 -0.0077 50 ASN A OD1 
397 N ND2 . ASN A 57 ? 0.1813 0.2323 0.1740 -0.0222 -0.0108 0.0077  50 ASN A ND2 
398 N N   . ASP A 58 ? 0.1038 0.1277 0.1083 -0.0316 -0.0106 0.0164  51 ASP A N   
399 C CA  . ASP A 58 ? 0.0955 0.1262 0.0998 -0.0139 -0.0061 -0.0037 51 ASP A CA  
400 C C   . ASP A 58 ? 0.0835 0.1048 0.0966 -0.0017 -0.0041 0.0007  51 ASP A C   
401 O O   . ASP A 58 ? 0.1062 0.1471 0.0890 -0.0262 0.0000  -0.0046 51 ASP A O   
402 C CB  . ASP A 58 ? 0.1253 0.1126 0.1132 -0.0202 -0.0046 -0.0087 51 ASP A CB  
403 C CG  . ASP A 58 ? 0.1224 0.1210 0.1209 0.0033  0.0036  -0.0146 51 ASP A CG  
404 O OD1 . ASP A 58 ? 0.1178 0.1440 0.1374 -0.0208 0.0032  0.0235  51 ASP A OD1 
405 O OD2 . ASP A 58 ? 0.1325 0.1400 0.1186 -0.0143 -0.0031 -0.0103 51 ASP A OD2 
406 N N   . ARG A 59 ? 0.0833 0.1221 0.0925 -0.0073 -0.0139 -0.0089 52 ARG A N   
407 C CA  . ARG A 59 ? 0.0851 0.1098 0.1001 -0.0048 -0.0131 -0.0141 52 ARG A CA  
408 C C   . ARG A 59 ? 0.0814 0.0987 0.0912 0.0001  -0.0021 -0.0030 52 ARG A C   
409 O O   . ARG A 59 ? 0.0894 0.1441 0.0979 -0.0021 -0.0063 0.0157  52 ARG A O   
410 C CB  . ARG A 59 ? 0.0924 0.1197 0.1319 -0.0026 -0.0106 -0.0198 52 ARG A CB  
411 C CG  . ARG A 59 ? 0.0816 0.1290 0.1400 0.0046  -0.0055 -0.0290 52 ARG A CG  
412 C CD  . ARG A 59 ? 0.1108 0.1225 0.1332 -0.0046 0.0047  -0.0247 52 ARG A CD  
413 N NE  . ARG A 59 ? 0.1154 0.1083 0.1254 -0.0113 0.0082  -0.0193 52 ARG A NE  
414 C CZ  . ARG A 59 ? 0.1089 0.1149 0.1401 0.0059  0.0198  -0.0193 52 ARG A CZ  
415 N NH1 . ARG A 59 ? 0.1174 0.1522 0.1798 0.0038  0.0223  -0.0084 52 ARG A NH1 
416 N NH2 . ARG A 59 ? 0.1299 0.0991 0.1396 0.0013  0.0281  -0.0253 52 ARG A NH2 
417 N N   . VAL A 60 ? 0.0738 0.1133 0.0821 -0.0027 -0.0041 -0.0067 53 VAL A N   
418 C CA  . VAL A 60 ? 0.0868 0.1163 0.0760 0.0071  -0.0075 -0.0186 53 VAL A CA  
419 C C   . VAL A 60 ? 0.0820 0.1044 0.0851 0.0125  0.0046  -0.0142 53 VAL A C   
420 O O   . VAL A 60 ? 0.0984 0.0983 0.1012 0.0042  -0.0028 -0.0046 53 VAL A O   
421 C CB  . VAL A 60 ? 0.1028 0.1150 0.0835 0.0074  -0.0092 -0.0334 53 VAL A CB  
422 C CG1 . VAL A 60 ? 0.1072 0.1348 0.1103 0.0204  -0.0055 -0.0369 53 VAL A CG1 
423 C CG2 . VAL A 60 ? 0.1083 0.1625 0.1203 0.0207  -0.0075 -0.0368 53 VAL A CG2 
424 N N   . LEU A 61 ? 0.0835 0.1108 0.0844 0.0130  0.0023  -0.0256 54 LEU A N   
425 C CA  . LEU A 61 ? 0.0871 0.1244 0.0943 0.0088  0.0022  -0.0321 54 LEU A CA  
426 C C   . LEU A 61 ? 0.0901 0.1056 0.0867 0.0247  -0.0002 -0.0173 54 LEU A C   
427 O O   . LEU A 61 ? 0.1039 0.1203 0.0983 -0.0005 -0.0026 -0.0327 54 LEU A O   
428 C CB  . LEU A 61 ? 0.0916 0.1241 0.1036 0.0173  0.0101  -0.0217 54 LEU A CB  
429 C CG  . LEU A 61 ? 0.0971 0.1322 0.1206 0.0110  0.0129  -0.0118 54 LEU A CG  
430 C CD1 . LEU A 61 ? 0.1074 0.1934 0.1421 0.0030  0.0196  0.0074  54 LEU A CD1 
431 C CD2 . LEU A 61 ? 0.1123 0.1691 0.1537 0.0347  0.0105  -0.0023 54 LEU A CD2 
432 N N   . ALA A 62 ? 0.0936 0.1181 0.0833 0.0159  -0.0059 -0.0116 55 ALA A N   
433 C CA  . ALA A 62 ? 0.0836 0.1302 0.0873 0.0037  -0.0077 -0.0186 55 ALA A CA  
434 C C   . ALA A 62 ? 0.0941 0.0979 0.0709 0.0120  -0.0111 -0.0166 55 ALA A C   
435 O O   . ALA A 62 ? 0.0975 0.1076 0.0878 -0.0013 -0.0070 -0.0153 55 ALA A O   
436 C CB  . ALA A 62 ? 0.1049 0.1491 0.0835 0.0142  -0.0114 -0.0290 55 ALA A CB  
437 N N   . ILE A 63 ? 0.0897 0.1011 0.0763 0.0143  -0.0063 -0.0204 56 ILE A N   
438 C CA  . ILE A 63 ? 0.1020 0.1084 0.0666 0.0187  -0.0094 -0.0205 56 ILE A CA  
439 C C   . ILE A 63 ? 0.0908 0.1143 0.0613 0.0072  -0.0103 -0.0252 56 ILE A C   
440 O O   . ILE A 63 ? 0.1002 0.1137 0.0701 0.0027  -0.0128 -0.0146 56 ILE A O   
441 C CB  . ILE A 63 ? 0.1020 0.1182 0.0671 0.0290  -0.0066 -0.0130 56 ILE A CB  
442 C CG1 . ILE A 63 ? 0.1186 0.1626 0.0803 0.0383  -0.0134 -0.0027 56 ILE A CG1 
443 C CG2 . ILE A 63 ? 0.1168 0.1491 0.0625 0.0383  -0.0033 -0.0224 56 ILE A CG2 
444 C CD1 . ILE A 63 ? 0.1254 0.2146 0.0840 0.0299  -0.0162 -0.0040 56 ILE A CD1 
445 N N   . ASN A 64 ? 0.0960 0.1080 0.0637 0.0214  -0.0123 -0.0085 57 ASN A N   
446 C CA  . ASN A 64 ? 0.0953 0.1170 0.0768 0.0169  -0.0157 -0.0198 57 ASN A CA  
447 C C   . ASN A 64 ? 0.1167 0.1018 0.0782 0.0172  -0.0284 -0.0007 57 ASN A C   
448 O O   . ASN A 64 ? 0.1091 0.1369 0.0897 0.0098  -0.0292 -0.0111 57 ASN A O   
449 C CB  . ASN A 64 ? 0.0902 0.1153 0.0840 0.0141  -0.0074 -0.0195 57 ASN A CB  
450 C CG  . ASN A 64 ? 0.0718 0.1374 0.1084 0.0048  0.0014  -0.0165 57 ASN A CG  
451 O OD1 . ASN A 64 ? 0.0850 0.1409 0.1253 0.0015  0.0052  -0.0362 57 ASN A OD1 
452 N ND2 . ASN A 64 ? 0.1082 0.1627 0.1077 0.0153  0.0184  -0.0424 57 ASN A ND2 
453 N N   . GLY A 65 ? 0.1230 0.1138 0.0713 0.0243  -0.0090 -0.0130 58 GLY A N   
454 C CA  . GLY A 65 ? 0.1458 0.1110 0.0888 0.0182  -0.0042 -0.0195 58 GLY A CA  
455 C C   . GLY A 65 ? 0.1494 0.1235 0.0950 0.0202  -0.0114 -0.0120 58 GLY A C   
456 O O   . GLY A 65 ? 0.2217 0.1260 0.1023 0.0092  -0.0238 -0.0261 58 GLY A O   
457 N N   . HIS A 66 ? 0.1078 0.1128 0.1002 0.0040  -0.0203 -0.0046 59 HIS A N   
458 C CA  . HIS A 66 ? 0.1137 0.1421 0.0900 0.0033  -0.0264 -0.0177 59 HIS A CA  
459 C C   . HIS A 66 ? 0.1200 0.1087 0.1118 0.0008  -0.0354 -0.0156 59 HIS A C   
460 O O   . HIS A 66 ? 0.1124 0.1069 0.1195 0.0140  -0.0348 -0.0203 59 HIS A O   
461 C CB  . HIS A 66 ? 0.1288 0.1493 0.1056 0.0001  -0.0105 0.0036  59 HIS A CB  
462 C CG  . HIS A 66 ? 0.1446 0.1665 0.1443 -0.0126 -0.0013 0.0009  59 HIS A CG  
463 N ND1 . HIS A 66 ? 0.1509 0.2104 0.2163 -0.0091 0.0165  -0.0176 59 HIS A ND1 
464 C CD2 . HIS A 66 ? 0.1464 0.2013 0.1607 0.0078  0.0068  0.0179  59 HIS A CD2 
465 C CE1 . HIS A 66 ? 0.1326 0.2094 0.2387 -0.0001 0.0203  -0.0240 59 HIS A CE1 
466 N NE2 . HIS A 66 ? 0.1423 0.2130 0.2145 0.0028  0.0199  0.0030  59 HIS A NE2 
467 N N   . ASP A 67 ? 0.1107 0.1171 0.1370 -0.0034 -0.0357 -0.0283 60 ASP A N   
468 C CA  . ASP A 67 ? 0.1400 0.1248 0.1344 0.0212  -0.0274 -0.0433 60 ASP A CA  
469 C C   . ASP A 67 ? 0.1335 0.1143 0.1366 0.0111  -0.0223 -0.0071 60 ASP A C   
470 O O   . ASP A 67 ? 0.1595 0.1332 0.2031 -0.0252 -0.0445 0.0206  60 ASP A O   
471 C CB  . ASP A 67 ? 0.1869 0.1794 0.1813 0.0184  -0.0161 -0.0996 60 ASP A CB  
472 C CG  . ASP A 67 ? 0.2371 0.2445 0.1966 0.0494  -0.0111 -0.1237 60 ASP A CG  
473 O OD1 . ASP A 67 ? 0.1968 0.2841 0.1675 0.0808  -0.0325 -0.0780 60 ASP A OD1 
474 O OD2 . ASP A 67 ? 0.2930 0.3371 0.2749 0.0528  -0.0106 -0.0960 60 ASP A OD2 
475 N N   . LEU A 68 ? 0.1114 0.1120 0.1036 0.0191  -0.0068 -0.0329 61 LEU A N   
476 C CA  . LEU A 68 ? 0.0925 0.0988 0.1041 0.0225  0.0014  -0.0224 61 LEU A CA  
477 C C   . LEU A 68 ? 0.1119 0.0796 0.1068 -0.0003 0.0090  -0.0255 61 LEU A C   
478 O O   . LEU A 68 ? 0.0994 0.0822 0.0974 0.0030  0.0056  -0.0163 61 LEU A O   
479 C CB  . LEU A 68 ? 0.0993 0.1111 0.1052 0.0114  0.0086  -0.0177 61 LEU A CB  
480 C CG  . LEU A 68 ? 0.1334 0.1036 0.1276 0.0120  0.0264  -0.0224 61 LEU A CG  
481 C CD1 . LEU A 68 ? 0.1658 0.1224 0.1255 0.0328  0.0242  -0.0318 61 LEU A CD1 
482 C CD2 . LEU A 68 ? 0.1349 0.1567 0.1589 0.0197  0.0449  0.0064  61 LEU A CD2 
483 N N   . ARG A 69 ? 0.1162 0.0912 0.1136 0.0218  0.0139  -0.0220 62 ARG A N   
484 C CA  . ARG A 69 ? 0.1079 0.0787 0.1045 0.0223  0.0220  -0.0124 62 ARG A CA  
485 C C   . ARG A 69 ? 0.0919 0.0990 0.1112 0.0160  0.0259  -0.0212 62 ARG A C   
486 O O   . ARG A 69 ? 0.0899 0.1072 0.1361 0.0091  0.0154  -0.0119 62 ARG A O   
487 C CB  . ARG A 69 ? 0.1244 0.1248 0.1113 0.0217  0.0294  -0.0304 62 ARG A CB  
488 C CG  . ARG A 69 ? 0.1535 0.1393 0.1323 0.0272  0.0358  -0.0429 62 ARG A CG  
489 C CD  . ARG A 69 ? 0.1828 0.1820 0.1407 0.0444  0.0320  -0.0344 62 ARG A CD  
490 N NE  . ARG A 69 ? 0.2222 0.2086 0.1336 0.0526  0.0352  -0.0260 62 ARG A NE  
491 C CZ  . ARG A 69 ? 0.2520 0.2215 0.1208 0.0557  0.0332  -0.0385 62 ARG A CZ  
492 N NH1 . ARG A 69 ? 0.2576 0.2442 0.1464 0.0301  0.0317  -0.0599 62 ARG A NH1 
493 N NH2 . ARG A 69 ? 0.2977 0.2437 0.1383 0.0573  0.0250  -0.0145 62 ARG A NH2 
494 N N   . PHE A 70 ? 0.0998 0.0786 0.1229 0.0029  0.0259  -0.0217 63 PHE A N   
495 C CA  . PHE A 70 ? 0.1172 0.0717 0.1493 0.0124  0.0504  -0.0263 63 PHE A CA  
496 C C   . PHE A 70 ? 0.1123 0.0912 0.1406 0.0014  0.0402  -0.0297 63 PHE A C   
497 O O   . PHE A 70 ? 0.1221 0.0938 0.1548 -0.0127 0.0469  -0.0256 63 PHE A O   
498 C CB  . PHE A 70 ? 0.1402 0.1045 0.1704 0.0056  0.0620  -0.0386 63 PHE A CB  
499 C CG  . PHE A 70 ? 0.1528 0.0812 0.1602 0.0079  0.0492  -0.0280 63 PHE A CG  
500 C CD1 . PHE A 70 ? 0.1699 0.1440 0.1763 0.0525  0.0502  -0.0236 63 PHE A CD1 
501 C CD2 . PHE A 70 ? 0.1643 0.1094 0.1436 0.0074  0.0368  -0.0529 63 PHE A CD2 
502 C CE1 . PHE A 70 ? 0.1677 0.1812 0.1772 0.0556  0.0495  -0.0527 63 PHE A CE1 
503 C CE2 . PHE A 70 ? 0.1755 0.1134 0.1619 0.0111  0.0382  -0.0453 63 PHE A CE2 
504 C CZ  . PHE A 70 ? 0.1685 0.1242 0.1696 0.0152  0.0441  -0.0594 63 PHE A CZ  
505 N N   . GLY A 71 ? 0.1160 0.1036 0.1337 0.0188  0.0384  -0.0376 64 GLY A N   
506 C CA  . GLY A 71 ? 0.1110 0.1152 0.1275 0.0168  0.0330  -0.0308 64 GLY A CA  
507 C C   . GLY A 71 ? 0.0902 0.0947 0.1532 -0.0007 0.0326  -0.0301 64 GLY A C   
508 O O   . GLY A 71 ? 0.0982 0.0998 0.1522 0.0082  0.0479  -0.0325 64 GLY A O   
509 N N   . SER A 72 ? 0.0919 0.1289 0.1400 0.0158  0.0303  -0.0384 65 SER A N   
510 C CA  . SER A 72 ? 0.1102 0.1155 0.1377 0.0080  0.0322  -0.0366 65 SER A CA  
511 C C   . SER A 72 ? 0.0722 0.1103 0.1097 0.0114  0.0165  -0.0138 65 SER A C   
512 O O   . SER A 72 ? 0.0838 0.1136 0.1202 -0.0008 0.0141  -0.0237 65 SER A O   
513 C CB  . SER A 72 ? 0.1132 0.1184 0.1888 -0.0089 0.0423  -0.0468 65 SER A CB  
514 O OG  . SER A 72 ? 0.1210 0.1157 0.2202 -0.0038 0.0513  -0.0378 65 SER A OG  
515 N N   . PRO A 73 ? 0.0842 0.0964 0.1148 0.0096  0.0079  -0.0184 66 PRO A N   
516 C CA  A PRO A 73 ? 0.0934 0.0933 0.1070 -0.0018 0.0026  -0.0336 66 PRO A CA  
517 C CA  B PRO A 73 ? 0.0946 0.0928 0.1078 -0.0018 0.0030  -0.0321 66 PRO A CA  
518 C C   . PRO A 73 ? 0.0942 0.0861 0.1010 0.0066  0.0059  -0.0091 66 PRO A C   
519 O O   . PRO A 73 ? 0.1163 0.0845 0.1046 0.0134  0.0027  -0.0026 66 PRO A O   
520 C CB  A PRO A 73 ? 0.1006 0.1136 0.1382 0.0167  0.0004  -0.0154 66 PRO A CB  
521 C CB  B PRO A 73 ? 0.1019 0.1122 0.1396 0.0170  -0.0012 -0.0147 66 PRO A CB  
522 C CG  A PRO A 73 ? 0.1144 0.1062 0.1324 0.0258  0.0128  -0.0044 66 PRO A CG  
523 C CG  B PRO A 73 ? 0.1101 0.1091 0.1354 0.0235  0.0067  -0.0054 66 PRO A CG  
524 C CD  A PRO A 73 ? 0.0907 0.1080 0.1276 0.0136  0.0068  -0.0111 66 PRO A CD  
525 C CD  B PRO A 73 ? 0.0916 0.1074 0.1291 0.0143  0.0066  -0.0095 66 PRO A CD  
526 N N   . GLU A 74 ? 0.0869 0.0909 0.1151 0.0152  0.0218  -0.0018 67 GLU A N   
527 C CA  . GLU A 74 ? 0.0932 0.1162 0.1265 0.0264  0.0186  0.0279  67 GLU A CA  
528 C C   . GLU A 74 ? 0.0852 0.0865 0.1084 0.0016  0.0251  -0.0138 67 GLU A C   
529 O O   . GLU A 74 ? 0.0996 0.1018 0.1030 0.0235  0.0268  0.0072  67 GLU A O   
530 C CB  . GLU A 74 ? 0.1002 0.1257 0.1557 0.0149  0.0232  0.0422  67 GLU A CB  
531 C CG  . GLU A 74 ? 0.1068 0.1573 0.1615 0.0273  0.0181  0.0381  67 GLU A CG  
532 C CD  . GLU A 74 ? 0.1366 0.1460 0.1547 0.0169  0.0089  0.0387  67 GLU A CD  
533 O OE1 . GLU A 74 ? 0.1278 0.1107 0.1676 0.0199  0.0124  0.0258  67 GLU A OE1 
534 O OE2 . GLU A 74 ? 0.1756 0.2557 0.1666 0.0595  0.0022  0.0420  67 GLU A OE2 
535 N N   . SER A 75 ? 0.0923 0.1023 0.1186 -0.0119 0.0161  -0.0136 68 SER A N   
536 C CA  A SER A 75 ? 0.0951 0.0948 0.1114 -0.0198 0.0147  -0.0223 68 SER A CA  
537 C CA  B SER A 75 ? 0.0982 0.1043 0.1252 -0.0165 0.0213  -0.0249 68 SER A CA  
538 C C   . SER A 75 ? 0.0728 0.0989 0.0906 -0.0018 0.0146  -0.0250 68 SER A C   
539 O O   . SER A 75 ? 0.0905 0.1294 0.0925 0.0054  0.0024  -0.0149 68 SER A O   
540 C CB  A SER A 75 ? 0.1159 0.0858 0.1114 -0.0169 0.0112  -0.0385 68 SER A CB  
541 C CB  B SER A 75 ? 0.1233 0.1219 0.1588 -0.0115 0.0308  -0.0426 68 SER A CB  
542 O OG  A SER A 75 ? 0.1343 0.1049 0.0862 -0.0053 0.0103  -0.0461 68 SER A OG  
543 O OG  B SER A 75 ? 0.1496 0.1911 0.1798 -0.0118 0.0434  -0.0573 68 SER A OG  
544 N N   . ALA A 76 ? 0.0851 0.1073 0.0798 -0.0024 0.0065  -0.0233 69 ALA A N   
545 C CA  . ALA A 76 ? 0.0873 0.1061 0.0881 -0.0133 0.0030  -0.0104 69 ALA A CA  
546 C C   . ALA A 76 ? 0.0911 0.0931 0.0792 0.0009  0.0016  -0.0101 69 ALA A C   
547 O O   . ALA A 76 ? 0.0939 0.0949 0.0900 0.0076  0.0016  -0.0020 69 ALA A O   
548 C CB  . ALA A 76 ? 0.0770 0.1194 0.1145 0.0015  0.0092  -0.0009 69 ALA A CB  
549 N N   . ALA A 77 ? 0.0965 0.0922 0.0806 0.0073  -0.0008 -0.0247 70 ALA A N   
550 C CA  . ALA A 77 ? 0.1179 0.1237 0.0721 0.0203  0.0051  -0.0288 70 ALA A CA  
551 C C   . ALA A 77 ? 0.0914 0.0914 0.0872 0.0079  0.0110  -0.0145 70 ALA A C   
552 O O   . ALA A 77 ? 0.1279 0.0984 0.0982 0.0256  0.0110  -0.0090 70 ALA A O   
553 C CB  . ALA A 77 ? 0.1660 0.1631 0.0743 0.0289  0.0172  -0.0308 70 ALA A CB  
554 N N   . HIS A 78 ? 0.0945 0.1057 0.0909 0.0143  0.0169  0.0023  71 HIS A N   
555 C CA  . HIS A 78 ? 0.0999 0.0881 0.1036 0.0144  0.0100  0.0011  71 HIS A CA  
556 C C   . HIS A 78 ? 0.0834 0.0889 0.0841 0.0116  0.0130  -0.0153 71 HIS A C   
557 O O   . HIS A 78 ? 0.0902 0.1048 0.0895 0.0153  0.0120  -0.0095 71 HIS A O   
558 C CB  . HIS A 78 ? 0.1112 0.0844 0.1205 0.0066  0.0181  -0.0123 71 HIS A CB  
559 C CG  . HIS A 78 ? 0.1010 0.1049 0.1088 0.0069  0.0180  -0.0015 71 HIS A CG  
560 N ND1 . HIS A 78 ? 0.0957 0.0979 0.1233 0.0081  0.0121  -0.0097 71 HIS A ND1 
561 C CD2 . HIS A 78 ? 0.1273 0.1240 0.1130 -0.0048 0.0043  -0.0150 71 HIS A CD2 
562 C CE1 . HIS A 78 ? 0.1076 0.1153 0.1331 0.0022  0.0016  -0.0361 71 HIS A CE1 
563 N NE2 . HIS A 78 ? 0.1272 0.1375 0.1241 0.0008  -0.0032 -0.0302 71 HIS A NE2 
564 N N   . LEU A 79 ? 0.1096 0.0977 0.0722 0.0072  0.0130  -0.0099 72 LEU A N   
565 C CA  . LEU A 79 ? 0.1179 0.1127 0.0779 0.0089  0.0112  -0.0093 72 LEU A CA  
566 C C   . LEU A 79 ? 0.0997 0.1022 0.0735 0.0125  0.0066  -0.0072 72 LEU A C   
567 O O   . LEU A 79 ? 0.1059 0.1144 0.0754 0.0227  -0.0011 -0.0075 72 LEU A O   
568 C CB  . LEU A 79 ? 0.1216 0.1236 0.1008 0.0211  0.0075  -0.0172 72 LEU A CB  
569 C CG  . LEU A 79 ? 0.1428 0.1239 0.1215 0.0150  -0.0231 -0.0332 72 LEU A CG  
570 C CD1 . LEU A 79 ? 0.1454 0.1653 0.1263 0.0375  0.0014  -0.0452 72 LEU A CD1 
571 C CD2 . LEU A 79 ? 0.1769 0.1847 0.1479 0.0215  -0.0551 -0.0571 72 LEU A CD2 
572 N N   . ILE A 80 ? 0.0909 0.0809 0.0737 0.0020  0.0067  -0.0148 73 ILE A N   
573 C CA  . ILE A 80 ? 0.0941 0.1001 0.0838 0.0175  0.0070  -0.0103 73 ILE A CA  
574 C C   . ILE A 80 ? 0.1036 0.0795 0.0831 0.0099  0.0139  -0.0011 73 ILE A C   
575 O O   . ILE A 80 ? 0.1195 0.0897 0.0928 0.0197  0.0156  -0.0080 73 ILE A O   
576 C CB  . ILE A 80 ? 0.0952 0.1052 0.0962 0.0029  0.0035  -0.0269 73 ILE A CB  
577 C CG1 . ILE A 80 ? 0.0893 0.1182 0.1225 0.0171  0.0053  -0.0152 73 ILE A CG1 
578 C CG2 . ILE A 80 ? 0.1198 0.1192 0.1103 -0.0095 0.0130  -0.0316 73 ILE A CG2 
579 C CD1 . ILE A 80 ? 0.0848 0.1400 0.1558 0.0037  0.0005  0.0136  73 ILE A CD1 
580 N N   . GLN A 81 ? 0.0990 0.0862 0.0756 0.0063  0.0220  -0.0154 74 GLN A N   
581 C CA  . GLN A 81 ? 0.1104 0.0894 0.0779 0.0082  0.0220  -0.0025 74 GLN A CA  
582 C C   . GLN A 81 ? 0.1066 0.0883 0.0878 0.0102  0.0043  0.0003  74 GLN A C   
583 O O   . GLN A 81 ? 0.1268 0.1294 0.1020 0.0399  0.0064  -0.0138 74 GLN A O   
584 C CB  . GLN A 81 ? 0.1194 0.0746 0.0836 0.0038  0.0154  -0.0047 74 GLN A CB  
585 C CG  . GLN A 81 ? 0.1122 0.1006 0.0688 0.0071  0.0026  -0.0132 74 GLN A CG  
586 C CD  . GLN A 81 ? 0.0982 0.1115 0.0715 0.0082  -0.0063 -0.0049 74 GLN A CD  
587 O OE1 . GLN A 81 ? 0.1023 0.1115 0.0838 0.0093  0.0016  -0.0128 74 GLN A OE1 
588 N NE2 . GLN A 81 ? 0.1289 0.1371 0.0707 0.0157  -0.0021 -0.0162 74 GLN A NE2 
589 N N   . ALA A 82 ? 0.0988 0.1053 0.0826 0.0069  0.0020  -0.0018 75 ALA A N   
590 C CA  . ALA A 82 ? 0.1115 0.1397 0.1052 0.0092  -0.0053 0.0115  75 ALA A CA  
591 C C   . ALA A 82 ? 0.1134 0.1477 0.1319 0.0157  0.0022  0.0076  75 ALA A C   
592 O O   . ALA A 82 ? 0.1355 0.1710 0.1764 0.0422  -0.0107 0.0209  75 ALA A O   
593 C CB  . ALA A 82 ? 0.1339 0.1495 0.0830 0.0113  -0.0107 -0.0189 75 ALA A CB  
594 N N   . SER A 83 ? 0.1500 0.1329 0.1065 0.0526  0.0182  0.0247  76 SER A N   
595 C CA  A SER A 83 ? 0.1681 0.1530 0.1437 0.0539  0.0282  0.0323  76 SER A CA  
596 C CA  B SER A 83 ? 0.1768 0.1501 0.1373 0.0555  0.0240  0.0340  76 SER A CA  
597 C C   . SER A 83 ? 0.1766 0.1468 0.1357 0.0629  0.0077  0.0307  76 SER A C   
598 O O   . SER A 83 ? 0.2093 0.1839 0.1272 0.0791  -0.0144 0.0091  76 SER A O   
599 C CB  A SER A 83 ? 0.1508 0.1622 0.2037 0.0302  0.0281  0.0602  76 SER A CB  
600 C CB  B SER A 83 ? 0.1914 0.1758 0.1765 0.0486  0.0332  0.0556  76 SER A CB  
601 O OG  A SER A 83 ? 0.1318 0.1781 0.2120 0.0292  0.0141  0.0809  76 SER A OG  
602 O OG  B SER A 83 ? 0.2058 0.2097 0.1916 0.0510  0.0383  0.0643  76 SER A OG  
603 N N   . GLU A 84 ? 0.1760 0.1377 0.1402 0.0488  0.0080  0.0189  77 GLU A N   
604 C CA  A GLU A 84 ? 0.1680 0.1424 0.1610 0.0441  0.0137  0.0118  77 GLU A CA  
605 C CA  B GLU A 84 ? 0.1723 0.1568 0.1616 0.0443  0.0140  0.0026  77 GLU A CA  
606 C C   . GLU A 84 ? 0.1641 0.1523 0.1354 0.0392  0.0113  -0.0086 77 GLU A C   
607 O O   . GLU A 84 ? 0.1811 0.1958 0.1486 0.0184  0.0245  -0.0349 77 GLU A O   
608 C CB  A GLU A 84 ? 0.1558 0.1810 0.2042 0.0473  0.0119  0.0224  77 GLU A CB  
609 C CB  B GLU A 84 ? 0.1723 0.2159 0.2050 0.0473  0.0189  -0.0063 77 GLU A CB  
610 C CG  A GLU A 84 ? 0.1659 0.2791 0.2235 0.0396  0.0089  0.0304  77 GLU A CG  
611 C CG  B GLU A 84 ? 0.1836 0.3140 0.2308 0.0499  0.0230  -0.0152 77 GLU A CG  
612 C CD  A GLU A 84 ? 0.1981 0.4175 0.2424 0.0275  0.0130  0.0223  77 GLU A CD  
613 C CD  B GLU A 84 ? 0.2071 0.4273 0.2366 0.0445  0.0267  -0.0193 77 GLU A CD  
614 O OE1 A GLU A 84 ? 0.2156 0.5178 0.2392 -0.0009 0.0301  -0.0213 77 GLU A OE1 
615 O OE1 B GLU A 84 ? 0.2236 0.5017 0.2285 0.0259  0.0331  -0.0449 77 GLU A OE1 
616 O OE2 A GLU A 84 ? 0.1994 0.4098 0.2520 0.0403  -0.0043 0.0829  77 GLU A OE2 
617 O OE2 B GLU A 84 ? 0.2187 0.4575 0.2495 0.0493  0.0227  0.0002  77 GLU A OE2 
618 N N   . ARG A 85 ? 0.1429 0.1293 0.1121 0.0426  -0.0038 0.0017  78 ARG A N   
619 C CA  A ARG A 85 ? 0.1449 0.1251 0.1120 0.0436  0.0016  -0.0046 78 ARG A CA  
620 C CA  B ARG A 85 ? 0.1567 0.1242 0.1256 0.0334  -0.0039 -0.0051 78 ARG A CA  
621 C C   . ARG A 85 ? 0.1409 0.1164 0.1040 0.0314  -0.0035 -0.0295 78 ARG A C   
622 O O   . ARG A 85 ? 0.1489 0.1195 0.1050 0.0147  -0.0129 -0.0232 78 ARG A O   
623 C CB  A ARG A 85 ? 0.1815 0.1392 0.1183 0.0299  -0.0012 -0.0117 78 ARG A CB  
624 C CB  B ARG A 85 ? 0.1945 0.1269 0.1609 0.0246  -0.0060 0.0050  78 ARG A CB  
625 C CG  A ARG A 85 ? 0.2237 0.1323 0.1431 0.0304  -0.0097 0.0127  78 ARG A CG  
626 C CG  B ARG A 85 ? 0.2315 0.1264 0.1999 0.0278  -0.0067 0.0208  78 ARG A CG  
627 C CD  A ARG A 85 ? 0.2599 0.1344 0.2291 0.0335  -0.0053 0.0335  78 ARG A CD  
628 C CD  B ARG A 85 ? 0.2671 0.1413 0.2472 0.0339  -0.0016 0.0287  78 ARG A CD  
629 N NE  A ARG A 85 ? 0.3059 0.1480 0.2863 0.0496  0.0067  0.0522  78 ARG A NE  
630 N NE  B ARG A 85 ? 0.3011 0.1717 0.2845 0.0452  0.0073  0.0302  78 ARG A NE  
631 C CZ  A ARG A 85 ? 0.3501 0.1999 0.3176 0.0387  0.0152  0.0343  78 ARG A CZ  
632 C CZ  B ARG A 85 ? 0.3276 0.2042 0.3196 0.0504  0.0150  0.0301  78 ARG A CZ  
633 N NH1 A ARG A 85 ? 0.3673 0.2367 0.3273 0.0425  0.0145  0.0357  78 ARG A NH1 
634 N NH1 B ARG A 85 ? 0.3355 0.2101 0.3357 0.0522  0.0188  0.0345  78 ARG A NH1 
635 N NH2 A ARG A 85 ? 0.3659 0.2283 0.3380 0.0325  0.0237  0.0165  78 ARG A NH2 
636 N NH2 B ARG A 85 ? 0.3386 0.2129 0.3284 0.0491  0.0168  0.0278  78 ARG A NH2 
637 N N   . ARG A 86 ? 0.1419 0.1373 0.1029 0.0402  -0.0020 -0.0138 79 ARG A N   
638 C CA  . ARG A 86 ? 0.1396 0.1414 0.0904 0.0397  -0.0032 -0.0125 79 ARG A CA  
639 C C   . ARG A 86 ? 0.1140 0.1156 0.0860 0.0081  0.0016  -0.0240 79 ARG A C   
640 O O   . ARG A 86 ? 0.1198 0.1451 0.1128 0.0042  0.0074  -0.0324 79 ARG A O   
641 C CB  . ARG A 86 ? 0.1507 0.1929 0.0792 0.0392  -0.0062 0.0066  79 ARG A CB  
642 C CG  . ARG A 86 ? 0.1607 0.2183 0.0698 0.0108  -0.0131 0.0167  79 ARG A CG  
643 C CD  . ARG A 86 ? 0.1825 0.2964 0.0934 0.0334  -0.0052 0.0149  79 ARG A CD  
644 N NE  . ARG A 86 ? 0.2070 0.2674 0.1051 0.0183  -0.0094 0.0210  79 ARG A NE  
645 C CZ  . ARG A 86 ? 0.2322 0.2492 0.1329 0.0265  0.0014  -0.0120 79 ARG A CZ  
646 N NH1 . ARG A 86 ? 0.2543 0.2555 0.1709 0.0268  -0.0011 -0.0129 79 ARG A NH1 
647 N NH2 . ARG A 86 ? 0.2199 0.2853 0.1540 0.0172  0.0188  -0.0119 79 ARG A NH2 
648 N N   . VAL A 87 ? 0.1148 0.1004 0.0834 0.0037  0.0045  -0.0063 80 VAL A N   
649 C CA  . VAL A 87 ? 0.1178 0.1086 0.0895 0.0096  0.0118  -0.0119 80 VAL A CA  
650 C C   . VAL A 87 ? 0.1086 0.1057 0.1036 -0.0076 0.0096  -0.0099 80 VAL A C   
651 O O   . VAL A 87 ? 0.1230 0.1195 0.1188 -0.0103 0.0122  -0.0157 80 VAL A O   
652 C CB  . VAL A 87 ? 0.1182 0.1158 0.0989 0.0272  0.0147  -0.0189 80 VAL A CB  
653 C CG1 . VAL A 87 ? 0.1421 0.1234 0.1143 0.0139  0.0115  -0.0204 80 VAL A CG1 
654 C CG2 . VAL A 87 ? 0.1290 0.1553 0.1026 0.0150  0.0071  -0.0162 80 VAL A CG2 
655 N N   . HIS A 88 ? 0.1033 0.0997 0.0911 0.0123  0.0145  -0.0172 81 HIS A N   
656 C CA  . HIS A 88 ? 0.1024 0.1228 0.0887 0.0127  0.0114  -0.0119 81 HIS A CA  
657 C C   . HIS A 88 ? 0.1010 0.0990 0.0861 0.0009  0.0004  -0.0170 81 HIS A C   
658 O O   . HIS A 88 ? 0.1058 0.1105 0.0930 -0.0039 -0.0002 -0.0205 81 HIS A O   
659 C CB  . HIS A 88 ? 0.1131 0.1377 0.0902 0.0147  0.0055  -0.0121 81 HIS A CB  
660 C CG  . HIS A 88 ? 0.1042 0.1485 0.0750 0.0163  -0.0090 0.0059  81 HIS A CG  
661 N ND1 . HIS A 88 ? 0.1361 0.1964 0.0874 0.0119  -0.0012 -0.0062 81 HIS A ND1 
662 C CD2 . HIS A 88 ? 0.1344 0.1748 0.0772 0.0264  0.0069  -0.0059 81 HIS A CD2 
663 C CE1 . HIS A 88 ? 0.1443 0.2056 0.0971 -0.0050 0.0075  -0.0069 81 HIS A CE1 
664 N NE2 . HIS A 88 ? 0.1321 0.2062 0.0905 0.0152  0.0127  0.0007  81 HIS A NE2 
665 N N   . LEU A 89 ? 0.1047 0.1150 0.0735 0.0056  -0.0026 -0.0084 82 LEU A N   
666 C CA  . LEU A 89 ? 0.1102 0.0974 0.0910 0.0053  -0.0011 -0.0001 82 LEU A CA  
667 C C   . LEU A 89 ? 0.0964 0.1054 0.1022 -0.0060 0.0045  0.0001  82 LEU A C   
668 O O   . LEU A 89 ? 0.1190 0.1112 0.1184 -0.0103 0.0150  -0.0100 82 LEU A O   
669 C CB  . LEU A 89 ? 0.1158 0.1427 0.0933 0.0083  -0.0061 -0.0203 82 LEU A CB  
670 C CG  . LEU A 89 ? 0.1392 0.1410 0.0929 0.0175  -0.0139 -0.0311 82 LEU A CG  
671 C CD1 . LEU A 89 ? 0.1578 0.1591 0.1171 -0.0005 -0.0219 -0.0092 82 LEU A CD1 
672 C CD2 . LEU A 89 ? 0.1822 0.1880 0.1283 0.0163  -0.0133 -0.0048 82 LEU A CD2 
673 N N   . VAL A 90 ? 0.0919 0.1161 0.0832 0.0121  -0.0002 -0.0014 83 VAL A N   
674 C CA  . VAL A 90 ? 0.0958 0.1243 0.0811 0.0051  0.0026  -0.0063 83 VAL A CA  
675 C C   . VAL A 90 ? 0.0871 0.1061 0.0757 0.0012  0.0024  -0.0023 83 VAL A C   
676 O O   . VAL A 90 ? 0.0968 0.1037 0.0950 0.0051  -0.0075 0.0099  83 VAL A O   
677 C CB  . VAL A 90 ? 0.1103 0.1630 0.0819 0.0173  -0.0066 -0.0174 83 VAL A CB  
678 C CG1 . VAL A 90 ? 0.1261 0.1674 0.1020 0.0252  0.0047  -0.0308 83 VAL A CG1 
679 C CG2 . VAL A 90 ? 0.1173 0.1861 0.0974 0.0100  -0.0069 -0.0082 83 VAL A CG2 
680 N N   . VAL A 91 ? 0.1031 0.1266 0.0835 0.0091  0.0004  0.0008  84 VAL A N   
681 C CA  . VAL A 91 ? 0.0924 0.1467 0.0912 0.0052  -0.0112 -0.0135 84 VAL A CA  
682 C C   . VAL A 91 ? 0.0876 0.1520 0.1012 -0.0062 -0.0025 0.0147  84 VAL A C   
683 O O   . VAL A 91 ? 0.1127 0.1699 0.1067 0.0180  0.0082  0.0236  84 VAL A O   
684 C CB  . VAL A 91 ? 0.1143 0.1808 0.1084 0.0079  -0.0234 -0.0334 84 VAL A CB  
685 C CG1 . VAL A 91 ? 0.1331 0.2047 0.1227 0.0143  -0.0249 -0.0270 84 VAL A CG1 
686 C CG2 . VAL A 91 ? 0.1285 0.2267 0.1360 0.0416  -0.0119 -0.0468 84 VAL A CG2 
687 N N   . SER A 92 ? 0.0879 0.1684 0.1072 0.0090  0.0041  0.0066  85 SER A N   
688 C CA  . SER A 92 ? 0.0968 0.1569 0.1110 0.0163  0.0094  0.0038  85 SER A CA  
689 C C   . SER A 92 ? 0.0887 0.1355 0.1193 0.0209  0.0138  0.0120  85 SER A C   
690 O O   . SER A 92 ? 0.1065 0.1742 0.1030 -0.0156 0.0046  0.0079  85 SER A O   
691 C CB  . SER A 92 ? 0.1043 0.1944 0.1249 0.0105  0.0073  -0.0144 85 SER A CB  
692 O OG  . SER A 92 ? 0.1230 0.1811 0.1323 0.0142  0.0139  -0.0046 85 SER A OG  
693 N N   . ARG A 93 ? 0.0907 0.1667 0.1300 0.0019  0.0115  0.0009  86 ARG A N   
694 C CA  . ARG A 93 ? 0.0835 0.2040 0.1644 -0.0133 -0.0010 -0.0332 86 ARG A CA  
695 C C   . ARG A 93 ? 0.1158 0.2070 0.1967 0.0121  0.0031  -0.0284 86 ARG A C   
696 O O   . ARG A 93 ? 0.1247 0.2486 0.2220 0.0223  0.0334  -0.0014 86 ARG A O   
697 C CB  . ARG A 93 ? 0.1209 0.1995 0.1689 -0.0188 -0.0052 -0.0384 86 ARG A CB  
698 C CG  . ARG A 93 ? 0.1380 0.2068 0.1917 -0.0103 0.0088  -0.0180 86 ARG A CG  
699 C CD  . ARG A 93 ? 0.1437 0.1768 0.2040 -0.0215 0.0251  0.0088  86 ARG A CD  
700 N NE  . ARG A 93 ? 0.1494 0.1530 0.1930 -0.0160 0.0371  0.0192  86 ARG A NE  
701 C CZ  . ARG A 93 ? 0.2118 0.1416 0.1881 -0.0227 0.0510  0.0272  86 ARG A CZ  
702 N NH1 . ARG A 93 ? 0.2398 0.1602 0.2248 -0.0101 0.0739  0.0237  86 ARG A NH1 
703 N NH2 . ARG A 93 ? 0.2030 0.1621 0.1766 -0.0146 0.0506  0.0206  86 ARG A NH2 
704 N N   . GLN A 94 ? 0.1572 0.2609 0.2282 0.0395  -0.0083 -0.0687 87 GLN A N   
705 C CA  . GLN A 94 ? 0.1751 0.2893 0.3041 0.0454  -0.0097 -0.0815 87 GLN A CA  
706 C C   . GLN A 94 ? 0.2098 0.3687 0.3630 0.0609  -0.0215 -0.0833 87 GLN A C   
707 O O   . GLN A 94 ? 0.2224 0.3802 0.4011 0.0442  -0.0217 -0.0675 87 GLN A O   
708 C CB  . GLN A 94 ? 0.1960 0.3212 0.3227 0.0457  0.0163  -0.0659 87 GLN A CB  
709 C CG  . GLN A 94 ? 0.2204 0.3415 0.3433 0.0209  0.0431  -0.0712 87 GLN A CG  
710 C CD  . GLN A 94 ? 0.2297 0.3522 0.3622 0.0007  0.0722  -0.0799 87 GLN A CD  
711 O OE1 . GLN A 94 ? 0.2428 0.3745 0.3807 0.0094  0.0831  -0.0980 87 GLN A OE1 
712 N NE2 . GLN A 94 ? 0.2335 0.3587 0.3527 -0.0362 0.0816  -0.0881 87 GLN A NE2 
713 O OXT . GLN A 94 ? 0.2408 0.4209 0.3862 0.0801  -0.0336 -0.0792 87 GLN A OXT 
# 
loop_
_pdbx_poly_seq_scheme.asym_id 
_pdbx_poly_seq_scheme.entity_id 
_pdbx_poly_seq_scheme.seq_id 
_pdbx_poly_seq_scheme.mon_id 
_pdbx_poly_seq_scheme.ndb_seq_num 
_pdbx_poly_seq_scheme.pdb_seq_num 
_pdbx_poly_seq_scheme.auth_seq_num 
_pdbx_poly_seq_scheme.pdb_mon_id 
_pdbx_poly_seq_scheme.auth_mon_id 
_pdbx_poly_seq_scheme.pdb_strand_id 
_pdbx_poly_seq_scheme.pdb_ins_code 
_pdbx_poly_seq_scheme.hetero 
A 1 1  GLY 1  -6 ?  ?   ?   A . n 
A 1 2  PRO 2  -5 ?  ?   ?   A . n 
A 1 3  LEU 3  -4 ?  ?   ?   A . n 
A 1 4  GLY 4  -3 ?  ?   ?   A . n 
A 1 5  SER 5  -2 ?  ?   ?   A . n 
A 1 6  ASP 6  -1 ?  ?   ?   A . n 
A 1 7  HIS 7  0  ?  ?   ?   A . n 
A 1 8  ASP 8  1  ?  ?   ?   A . n 
A 1 9  ASP 9  2  ?  ?   ?   A . n 
A 1 10 SER 10 3  3  SER SER A . n 
A 1 11 PHE 11 4  4  PHE PHE A . n 
A 1 12 HIS 12 5  5  HIS HIS A . n 
A 1 13 VAL 13 6  6  VAL VAL A . n 
A 1 14 ILE 14 7  7  ILE ILE A . n 
A 1 15 LEU 15 8  8  LEU LEU A . n 
A 1 16 ASN 16 9  9  ASN ASN A . n 
A 1 17 LYS 17 10 10 LYS LYS A . n 
A 1 18 SER 18 11 11 SER SER A . n 
A 1 19 SER 19 12 12 SER SER A . n 
A 1 20 PRO 20 13 13 PRO PRO A . n 
A 1 21 GLU 21 14 14 GLU GLU A . n 
A 1 22 GLU 22 15 15 GLU GLU A . n 
A 1 23 GLN 23 16 16 GLN GLN A . n 
A 1 24 LEU 24 17 17 LEU LEU A . n 
A 1 25 GLY 25 18 18 GLY GLY A . n 
A 1 26 ILE 26 19 19 ILE ILE A . n 
A 1 27 LYS 27 20 20 LYS LYS A . n 
A 1 28 LEU 28 21 21 LEU LEU A . n 
A 1 29 VAL 29 22 22 VAL VAL A . n 
A 1 30 ARG 30 23 23 ARG ARG A . n 
A 1 31 ARG 31 24 24 ARG ARG A . n 
A 1 32 VAL 32 25 25 VAL VAL A . n 
A 1 33 ASP 33 26 26 ASP ASP A . n 
A 1 34 GLU 34 27 27 GLU GLU A . n 
A 1 35 PRO 35 28 28 PRO PRO A . n 
A 1 36 GLY 36 29 29 GLY GLY A . n 
A 1 37 VAL 37 30 30 VAL VAL A . n 
A 1 38 PHE 38 31 31 PHE PHE A . n 
A 1 39 ILE 39 32 32 ILE ILE A . n 
A 1 40 PHE 40 33 33 PHE PHE A . n 
A 1 41 ASN 41 34 34 ASN ASN A . n 
A 1 42 VAL 42 35 35 VAL VAL A . n 
A 1 43 LEU 43 36 36 LEU LEU A . n 
A 1 44 ASN 44 37 37 ASN ASN A . n 
A 1 45 GLY 45 38 38 GLY GLY A . n 
A 1 46 GLY 46 39 39 GLY GLY A . n 
A 1 47 VAL 47 40 40 VAL VAL A . n 
A 1 48 ALA 48 41 41 ALA ALA A . n 
A 1 49 ASP 49 42 42 ASP ASP A . n 
A 1 50 ARG 50 43 43 ARG ARG A . n 
A 1 51 HIS 51 44 44 HIS HIS A . n 
A 1 52 GLY 52 45 45 GLY GLY A . n 
A 1 53 GLN 53 46 46 GLN GLN A . n 
A 1 54 LEU 54 47 47 LEU LEU A . n 
A 1 55 GLU 55 48 48 GLU GLU A . n 
A 1 56 GLU 56 49 49 GLU GLU A . n 
A 1 57 ASN 57 50 50 ASN ASN A . n 
A 1 58 ASP 58 51 51 ASP ASP A . n 
A 1 59 ARG 59 52 52 ARG ARG A . n 
A 1 60 VAL 60 53 53 VAL VAL A . n 
A 1 61 LEU 61 54 54 LEU LEU A . n 
A 1 62 ALA 62 55 55 ALA ALA A . n 
A 1 63 ILE 63 56 56 ILE ILE A . n 
A 1 64 ASN 64 57 57 ASN ASN A . n 
A 1 65 GLY 65 58 58 GLY GLY A . n 
A 1 66 HIS 66 59 59 HIS HIS A . n 
A 1 67 ASP 67 60 60 ASP ASP A . n 
A 1 68 LEU 68 61 61 LEU LEU A . n 
A 1 69 ARG 69 62 62 ARG ARG A . n 
A 1 70 PHE 70 63 63 PHE PHE A . n 
A 1 71 GLY 71 64 64 GLY GLY A . n 
A 1 72 SER 72 65 65 SER SER A . n 
A 1 73 PRO 73 66 66 PRO PRO A . n 
A 1 74 GLU 74 67 67 GLU GLU A . n 
A 1 75 SER 75 68 68 SER SER A . n 
A 1 76 ALA 76 69 69 ALA ALA A . n 
A 1 77 ALA 77 70 70 ALA ALA A . n 
A 1 78 HIS 78 71 71 HIS HIS A . n 
A 1 79 LEU 79 72 72 LEU LEU A . n 
A 1 80 ILE 80 73 73 ILE ILE A . n 
A 1 81 GLN 81 74 74 GLN GLN A . n 
A 1 82 ALA 82 75 75 ALA ALA A . n 
A 1 83 SER 83 76 76 SER SER A . n 
A 1 84 GLU 84 77 77 GLU GLU A . n 
A 1 85 ARG 85 78 78 ARG ARG A . n 
A 1 86 ARG 86 79 79 ARG ARG A . n 
A 1 87 VAL 87 80 80 VAL VAL A . n 
A 1 88 HIS 88 81 81 HIS HIS A . n 
A 1 89 LEU 89 82 82 LEU LEU A . n 
A 1 90 VAL 90 83 83 VAL VAL A . n 
A 1 91 VAL 91 84 84 VAL VAL A . n 
A 1 92 SER 92 85 85 SER SER A . n 
A 1 93 ARG 93 86 86 ARG ARG A . n 
A 1 94 GLN 94 87 87 GLN GLN A . n 
# 
loop_
_pdbx_nonpoly_scheme.asym_id 
_pdbx_nonpoly_scheme.entity_id 
_pdbx_nonpoly_scheme.mon_id 
_pdbx_nonpoly_scheme.ndb_seq_num 
_pdbx_nonpoly_scheme.pdb_seq_num 
_pdbx_nonpoly_scheme.auth_seq_num 
_pdbx_nonpoly_scheme.pdb_mon_id 
_pdbx_nonpoly_scheme.auth_mon_id 
_pdbx_nonpoly_scheme.pdb_strand_id 
_pdbx_nonpoly_scheme.pdb_ins_code 
B 2 HOH 1   101 1   HOH HOH A . 
B 2 HOH 2   102 2   HOH HOH A . 
B 2 HOH 3   103 3   HOH HOH A . 
B 2 HOH 4   104 4   HOH HOH A . 
B 2 HOH 5   105 5   HOH HOH A . 
B 2 HOH 6   106 6   HOH HOH A . 
B 2 HOH 7   107 7   HOH HOH A . 
B 2 HOH 8   108 8   HOH HOH A . 
B 2 HOH 9   109 9   HOH HOH A . 
B 2 HOH 10  110 10  HOH HOH A . 
B 2 HOH 11  111 11  HOH HOH A . 
B 2 HOH 12  112 12  HOH HOH A . 
B 2 HOH 13  113 13  HOH HOH A . 
B 2 HOH 14  114 14  HOH HOH A . 
B 2 HOH 15  115 15  HOH HOH A . 
B 2 HOH 16  116 16  HOH HOH A . 
B 2 HOH 17  117 17  HOH HOH A . 
B 2 HOH 18  118 18  HOH HOH A . 
B 2 HOH 19  119 19  HOH HOH A . 
B 2 HOH 20  120 20  HOH HOH A . 
B 2 HOH 21  121 21  HOH HOH A . 
B 2 HOH 22  122 22  HOH HOH A . 
B 2 HOH 23  123 23  HOH HOH A . 
B 2 HOH 24  124 24  HOH HOH A . 
B 2 HOH 25  125 25  HOH HOH A . 
B 2 HOH 26  126 26  HOH HOH A . 
B 2 HOH 27  127 27  HOH HOH A . 
B 2 HOH 28  128 28  HOH HOH A . 
B 2 HOH 29  129 29  HOH HOH A . 
B 2 HOH 30  130 30  HOH HOH A . 
B 2 HOH 31  131 31  HOH HOH A . 
B 2 HOH 32  132 32  HOH HOH A . 
B 2 HOH 33  133 33  HOH HOH A . 
B 2 HOH 34  134 34  HOH HOH A . 
B 2 HOH 35  135 35  HOH HOH A . 
B 2 HOH 36  136 36  HOH HOH A . 
B 2 HOH 37  137 37  HOH HOH A . 
B 2 HOH 38  138 38  HOH HOH A . 
B 2 HOH 39  139 39  HOH HOH A . 
B 2 HOH 40  140 40  HOH HOH A . 
B 2 HOH 41  141 41  HOH HOH A . 
B 2 HOH 42  142 42  HOH HOH A . 
B 2 HOH 43  143 43  HOH HOH A . 
B 2 HOH 44  144 44  HOH HOH A . 
B 2 HOH 45  145 45  HOH HOH A . 
B 2 HOH 46  146 46  HOH HOH A . 
B 2 HOH 47  147 47  HOH HOH A . 
B 2 HOH 48  148 48  HOH HOH A . 
B 2 HOH 49  149 49  HOH HOH A . 
B 2 HOH 50  150 50  HOH HOH A . 
B 2 HOH 51  151 51  HOH HOH A . 
B 2 HOH 52  152 52  HOH HOH A . 
B 2 HOH 53  153 53  HOH HOH A . 
B 2 HOH 54  154 54  HOH HOH A . 
B 2 HOH 55  155 55  HOH HOH A . 
B 2 HOH 56  156 56  HOH HOH A . 
B 2 HOH 57  157 57  HOH HOH A . 
B 2 HOH 58  158 58  HOH HOH A . 
B 2 HOH 59  159 59  HOH HOH A . 
B 2 HOH 60  160 60  HOH HOH A . 
B 2 HOH 61  161 61  HOH HOH A . 
B 2 HOH 62  162 62  HOH HOH A . 
B 2 HOH 63  163 63  HOH HOH A . 
B 2 HOH 64  164 64  HOH HOH A . 
B 2 HOH 65  165 65  HOH HOH A . 
B 2 HOH 66  166 66  HOH HOH A . 
B 2 HOH 67  167 67  HOH HOH A . 
B 2 HOH 68  168 68  HOH HOH A . 
B 2 HOH 69  169 69  HOH HOH A . 
B 2 HOH 70  170 70  HOH HOH A . 
B 2 HOH 71  171 71  HOH HOH A . 
B 2 HOH 72  172 72  HOH HOH A . 
B 2 HOH 73  173 73  HOH HOH A . 
B 2 HOH 74  174 74  HOH HOH A . 
B 2 HOH 75  175 75  HOH HOH A . 
B 2 HOH 76  176 76  HOH HOH A . 
B 2 HOH 77  177 77  HOH HOH A . 
B 2 HOH 78  178 78  HOH HOH A . 
B 2 HOH 79  179 79  HOH HOH A . 
B 2 HOH 80  180 80  HOH HOH A . 
B 2 HOH 81  181 81  HOH HOH A . 
B 2 HOH 82  182 82  HOH HOH A . 
B 2 HOH 83  183 83  HOH HOH A . 
B 2 HOH 84  184 84  HOH HOH A . 
B 2 HOH 85  185 85  HOH HOH A . 
B 2 HOH 86  186 86  HOH HOH A . 
B 2 HOH 87  187 87  HOH HOH A . 
B 2 HOH 88  188 88  HOH HOH A . 
B 2 HOH 89  189 89  HOH HOH A . 
B 2 HOH 90  190 90  HOH HOH A . 
B 2 HOH 91  191 91  HOH HOH A . 
B 2 HOH 92  192 92  HOH HOH A . 
B 2 HOH 93  193 93  HOH HOH A . 
B 2 HOH 94  194 94  HOH HOH A . 
B 2 HOH 95  195 95  HOH HOH A . 
B 2 HOH 96  196 96  HOH HOH A . 
B 2 HOH 97  197 97  HOH HOH A . 
B 2 HOH 98  198 98  HOH HOH A . 
B 2 HOH 99  199 99  HOH HOH A . 
B 2 HOH 100 200 100 HOH HOH A . 
B 2 HOH 101 201 101 HOH HOH A . 
B 2 HOH 102 202 102 HOH HOH A . 
B 2 HOH 103 203 103 HOH HOH A . 
B 2 HOH 104 204 104 HOH HOH A . 
B 2 HOH 105 205 105 HOH HOH A . 
B 2 HOH 106 206 106 HOH HOH A . 
B 2 HOH 107 207 107 HOH HOH A . 
B 2 HOH 108 208 108 HOH HOH A . 
B 2 HOH 109 209 109 HOH HOH A . 
B 2 HOH 110 210 110 HOH HOH A . 
B 2 HOH 111 211 111 HOH HOH A . 
B 2 HOH 112 212 112 HOH HOH A . 
B 2 HOH 113 213 113 HOH HOH A . 
B 2 HOH 114 214 114 HOH HOH A . 
B 2 HOH 115 215 115 HOH HOH A . 
B 2 HOH 116 216 116 HOH HOH A . 
B 2 HOH 117 217 117 HOH HOH A . 
B 2 HOH 118 218 118 HOH HOH A . 
B 2 HOH 119 219 119 HOH HOH A . 
B 2 HOH 120 220 120 HOH HOH A . 
B 2 HOH 121 221 121 HOH HOH A . 
B 2 HOH 122 222 122 HOH HOH A . 
B 2 HOH 123 223 123 HOH HOH A . 
B 2 HOH 124 224 124 HOH HOH A . 
B 2 HOH 125 225 125 HOH HOH A . 
B 2 HOH 126 226 126 HOH HOH A . 
B 2 HOH 127 227 127 HOH HOH A . 
B 2 HOH 128 228 128 HOH HOH A . 
B 2 HOH 129 229 129 HOH HOH A . 
B 2 HOH 130 230 130 HOH HOH A . 
B 2 HOH 131 231 131 HOH HOH A . 
B 2 HOH 132 232 132 HOH HOH A . 
B 2 HOH 133 233 133 HOH HOH A . 
B 2 HOH 134 234 134 HOH HOH A . 
B 2 HOH 135 235 135 HOH HOH A . 
B 2 HOH 136 236 136 HOH HOH A . 
B 2 HOH 137 237 137 HOH HOH A . 
B 2 HOH 138 238 138 HOH HOH A . 
B 2 HOH 139 239 139 HOH HOH A . 
B 2 HOH 140 240 140 HOH HOH A . 
B 2 HOH 141 241 141 HOH HOH A . 
B 2 HOH 142 242 142 HOH HOH A . 
B 2 HOH 143 243 143 HOH HOH A . 
B 2 HOH 144 244 144 HOH HOH A . 
B 2 HOH 145 245 145 HOH HOH A . 
B 2 HOH 146 246 146 HOH HOH A . 
B 2 HOH 147 247 147 HOH HOH A . 
B 2 HOH 148 248 148 HOH HOH A . 
B 2 HOH 149 249 149 HOH HOH A . 
B 2 HOH 150 250 150 HOH HOH A . 
B 2 HOH 151 251 151 HOH HOH A . 
B 2 HOH 152 252 152 HOH HOH A . 
B 2 HOH 153 253 153 HOH HOH A . 
B 2 HOH 154 254 154 HOH HOH A . 
B 2 HOH 155 255 155 HOH HOH A . 
B 2 HOH 156 256 156 HOH HOH A . 
B 2 HOH 157 257 157 HOH HOH A . 
B 2 HOH 158 258 158 HOH HOH A . 
B 2 HOH 159 259 159 HOH HOH A . 
B 2 HOH 160 260 160 HOH HOH A . 
B 2 HOH 161 261 161 HOH HOH A . 
B 2 HOH 162 262 162 HOH HOH A . 
B 2 HOH 163 263 163 HOH HOH A . 
B 2 HOH 164 264 164 HOH HOH A . 
B 2 HOH 165 265 165 HOH HOH A . 
B 2 HOH 166 266 166 HOH HOH A . 
B 2 HOH 167 267 167 HOH HOH A . 
B 2 HOH 168 268 168 HOH HOH A . 
B 2 HOH 169 269 169 HOH HOH A . 
B 2 HOH 170 270 170 HOH HOH A . 
B 2 HOH 171 271 171 HOH HOH A . 
B 2 HOH 172 272 172 HOH HOH A . 
B 2 HOH 173 273 173 HOH HOH A . 
B 2 HOH 174 274 174 HOH HOH A . 
B 2 HOH 175 275 175 HOH HOH A . 
B 2 HOH 176 276 176 HOH HOH A . 
B 2 HOH 177 277 177 HOH HOH A . 
B 2 HOH 178 278 178 HOH HOH A . 
B 2 HOH 179 279 179 HOH HOH A . 
B 2 HOH 180 280 180 HOH HOH A . 
B 2 HOH 181 281 181 HOH HOH A . 
# 
_pdbx_struct_assembly.id                   1 
_pdbx_struct_assembly.details              author_and_software_defined_assembly 
_pdbx_struct_assembly.method_details       PISA 
_pdbx_struct_assembly.oligomeric_details   monomeric 
_pdbx_struct_assembly.oligomeric_count     1 
# 
_pdbx_struct_assembly_gen.assembly_id       1 
_pdbx_struct_assembly_gen.oper_expression   1 
_pdbx_struct_assembly_gen.asym_id_list      A,B 
# 
_pdbx_struct_oper_list.id                   1 
_pdbx_struct_oper_list.type                 'identity operation' 
_pdbx_struct_oper_list.name                 1_555 
_pdbx_struct_oper_list.symmetry_operation   x,y,z 
_pdbx_struct_oper_list.matrix[1][1]         1.0000000000 
_pdbx_struct_oper_list.matrix[1][2]         0.0000000000 
_pdbx_struct_oper_list.matrix[1][3]         0.0000000000 
_pdbx_struct_oper_list.vector[1]            0.0000000000 
_pdbx_struct_oper_list.matrix[2][1]         0.0000000000 
_pdbx_struct_oper_list.matrix[2][2]         1.0000000000 
_pdbx_struct_oper_list.matrix[2][3]         0.0000000000 
_pdbx_struct_oper_list.vector[2]            0.0000000000 
_pdbx_struct_oper_list.matrix[3][1]         0.0000000000 
_pdbx_struct_oper_list.matrix[3][2]         0.0000000000 
_pdbx_struct_oper_list.matrix[3][3]         1.0000000000 
_pdbx_struct_oper_list.vector[3]            0.0000000000 
# 
loop_
_pdbx_struct_special_symmetry.id 
_pdbx_struct_special_symmetry.PDB_model_num 
_pdbx_struct_special_symmetry.auth_asym_id 
_pdbx_struct_special_symmetry.auth_comp_id 
_pdbx_struct_special_symmetry.auth_seq_id 
_pdbx_struct_special_symmetry.PDB_ins_code 
_pdbx_struct_special_symmetry.label_asym_id 
_pdbx_struct_special_symmetry.label_comp_id 
_pdbx_struct_special_symmetry.label_seq_id 
1 1 A HOH 136 ? B HOH . 
2 1 A HOH 275 ? B HOH . 
3 1 A HOH 277 ? B HOH . 
# 
loop_
_pdbx_audit_revision_history.ordinal 
_pdbx_audit_revision_history.data_content_type 
_pdbx_audit_revision_history.major_revision 
_pdbx_audit_revision_history.minor_revision 
_pdbx_audit_revision_history.revision_date 
1 'Structure model' 1 0 2013-03-27 
2 'Structure model' 1 1 2023-11-08 
# 
_pdbx_audit_revision_details.ordinal             1 
_pdbx_audit_revision_details.revision_ordinal    1 
_pdbx_audit_revision_details.data_content_type   'Structure model' 
_pdbx_audit_revision_details.provider            repository 
_pdbx_audit_revision_details.type                'Initial release' 
_pdbx_audit_revision_details.description         ? 
_pdbx_audit_revision_details.details             ? 
# 
loop_
_pdbx_audit_revision_group.ordinal 
_pdbx_audit_revision_group.revision_ordinal 
_pdbx_audit_revision_group.data_content_type 
_pdbx_audit_revision_group.group 
1 2 'Structure model' 'Data collection'        
2 2 'Structure model' 'Database references'    
3 2 'Structure model' 'Derived calculations'   
4 2 'Structure model' 'Refinement description' 
# 
loop_
_pdbx_audit_revision_category.ordinal 
_pdbx_audit_revision_category.revision_ordinal 
_pdbx_audit_revision_category.data_content_type 
_pdbx_audit_revision_category.category 
1 2 'Structure model' chem_comp_atom                
2 2 'Structure model' chem_comp_bond                
3 2 'Structure model' database_2                    
4 2 'Structure model' pdbx_initial_refinement_model 
5 2 'Structure model' pdbx_struct_special_symmetry  
6 2 'Structure model' struct_ref_seq_dif            
# 
loop_
_pdbx_audit_revision_item.ordinal 
_pdbx_audit_revision_item.revision_ordinal 
_pdbx_audit_revision_item.data_content_type 
_pdbx_audit_revision_item.item 
1 2 'Structure model' '_database_2.pdbx_DOI'                
2 2 'Structure model' '_database_2.pdbx_database_accession' 
3 2 'Structure model' '_struct_ref_seq_dif.details'         
# 
loop_
_software.name 
_software.classification 
_software.version 
_software.citation_id 
_software.pdbx_ordinal 
HKL-2000  'data collection' .                            ? 1 
MOLREP    phasing           .                            ? 2 
PHENIX    refinement        '(phenix.refine: 1.7.3_928)' ? 3 
HKL-2000  'data reduction'  .                            ? 4 
SCALEPACK 'data scaling'    .                            ? 5 
# 
loop_
_pdbx_validate_torsion.id 
_pdbx_validate_torsion.PDB_model_num 
_pdbx_validate_torsion.auth_comp_id 
_pdbx_validate_torsion.auth_asym_id 
_pdbx_validate_torsion.auth_seq_id 
_pdbx_validate_torsion.PDB_ins_code 
_pdbx_validate_torsion.label_alt_id 
_pdbx_validate_torsion.phi 
_pdbx_validate_torsion.psi 
1 1 ASN A 50 ? ? 81.33   -4.49  
2 1 ARG A 78 ? ? -146.12 -59.10 
3 1 ARG A 78 ? ? -147.17 -56.96 
# 
loop_
_pdbx_unobs_or_zero_occ_residues.id 
_pdbx_unobs_or_zero_occ_residues.PDB_model_num 
_pdbx_unobs_or_zero_occ_residues.polymer_flag 
_pdbx_unobs_or_zero_occ_residues.occupancy_flag 
_pdbx_unobs_or_zero_occ_residues.auth_asym_id 
_pdbx_unobs_or_zero_occ_residues.auth_comp_id 
_pdbx_unobs_or_zero_occ_residues.auth_seq_id 
_pdbx_unobs_or_zero_occ_residues.PDB_ins_code 
_pdbx_unobs_or_zero_occ_residues.label_asym_id 
_pdbx_unobs_or_zero_occ_residues.label_comp_id 
_pdbx_unobs_or_zero_occ_residues.label_seq_id 
1 1 Y 1 A GLY -6 ? A GLY 1 
2 1 Y 1 A PRO -5 ? A PRO 2 
3 1 Y 1 A LEU -4 ? A LEU 3 
4 1 Y 1 A GLY -3 ? A GLY 4 
5 1 Y 1 A SER -2 ? A SER 5 
6 1 Y 1 A ASP -1 ? A ASP 6 
7 1 Y 1 A HIS 0  ? A HIS 7 
8 1 Y 1 A ASP 1  ? A ASP 8 
9 1 Y 1 A ASP 2  ? A ASP 9 
# 
loop_
_chem_comp_atom.comp_id 
_chem_comp_atom.atom_id 
_chem_comp_atom.type_symbol 
_chem_comp_atom.pdbx_aromatic_flag 
_chem_comp_atom.pdbx_stereo_config 
_chem_comp_atom.pdbx_ordinal 
ALA N    N N N 1   
ALA CA   C N S 2   
ALA C    C N N 3   
ALA O    O N N 4   
ALA CB   C N N 5   
ALA OXT  O N N 6   
ALA H    H N N 7   
ALA H2   H N N 8   
ALA HA   H N N 9   
ALA HB1  H N N 10  
ALA HB2  H N N 11  
ALA HB3  H N N 12  
ALA HXT  H N N 13  
ARG N    N N N 14  
ARG CA   C N S 15  
ARG C    C N N 16  
ARG O    O N N 17  
ARG CB   C N N 18  
ARG CG   C N N 19  
ARG CD   C N N 20  
ARG NE   N N N 21  
ARG CZ   C N N 22  
ARG NH1  N N N 23  
ARG NH2  N N N 24  
ARG OXT  O N N 25  
ARG H    H N N 26  
ARG H2   H N N 27  
ARG HA   H N N 28  
ARG HB2  H N N 29  
ARG HB3  H N N 30  
ARG HG2  H N N 31  
ARG HG3  H N N 32  
ARG HD2  H N N 33  
ARG HD3  H N N 34  
ARG HE   H N N 35  
ARG HH11 H N N 36  
ARG HH12 H N N 37  
ARG HH21 H N N 38  
ARG HH22 H N N 39  
ARG HXT  H N N 40  
ASN N    N N N 41  
ASN CA   C N S 42  
ASN C    C N N 43  
ASN O    O N N 44  
ASN CB   C N N 45  
ASN CG   C N N 46  
ASN OD1  O N N 47  
ASN ND2  N N N 48  
ASN OXT  O N N 49  
ASN H    H N N 50  
ASN H2   H N N 51  
ASN HA   H N N 52  
ASN HB2  H N N 53  
ASN HB3  H N N 54  
ASN HD21 H N N 55  
ASN HD22 H N N 56  
ASN HXT  H N N 57  
ASP N    N N N 58  
ASP CA   C N S 59  
ASP C    C N N 60  
ASP O    O N N 61  
ASP CB   C N N 62  
ASP CG   C N N 63  
ASP OD1  O N N 64  
ASP OD2  O N N 65  
ASP OXT  O N N 66  
ASP H    H N N 67  
ASP H2   H N N 68  
ASP HA   H N N 69  
ASP HB2  H N N 70  
ASP HB3  H N N 71  
ASP HD2  H N N 72  
ASP HXT  H N N 73  
GLN N    N N N 74  
GLN CA   C N S 75  
GLN C    C N N 76  
GLN O    O N N 77  
GLN CB   C N N 78  
GLN CG   C N N 79  
GLN CD   C N N 80  
GLN OE1  O N N 81  
GLN NE2  N N N 82  
GLN OXT  O N N 83  
GLN H    H N N 84  
GLN H2   H N N 85  
GLN HA   H N N 86  
GLN HB2  H N N 87  
GLN HB3  H N N 88  
GLN HG2  H N N 89  
GLN HG3  H N N 90  
GLN HE21 H N N 91  
GLN HE22 H N N 92  
GLN HXT  H N N 93  
GLU N    N N N 94  
GLU CA   C N S 95  
GLU C    C N N 96  
GLU O    O N N 97  
GLU CB   C N N 98  
GLU CG   C N N 99  
GLU CD   C N N 100 
GLU OE1  O N N 101 
GLU OE2  O N N 102 
GLU OXT  O N N 103 
GLU H    H N N 104 
GLU H2   H N N 105 
GLU HA   H N N 106 
GLU HB2  H N N 107 
GLU HB3  H N N 108 
GLU HG2  H N N 109 
GLU HG3  H N N 110 
GLU HE2  H N N 111 
GLU HXT  H N N 112 
GLY N    N N N 113 
GLY CA   C N N 114 
GLY C    C N N 115 
GLY O    O N N 116 
GLY OXT  O N N 117 
GLY H    H N N 118 
GLY H2   H N N 119 
GLY HA2  H N N 120 
GLY HA3  H N N 121 
GLY HXT  H N N 122 
HIS N    N N N 123 
HIS CA   C N S 124 
HIS C    C N N 125 
HIS O    O N N 126 
HIS CB   C N N 127 
HIS CG   C Y N 128 
HIS ND1  N Y N 129 
HIS CD2  C Y N 130 
HIS CE1  C Y N 131 
HIS NE2  N Y N 132 
HIS OXT  O N N 133 
HIS H    H N N 134 
HIS H2   H N N 135 
HIS HA   H N N 136 
HIS HB2  H N N 137 
HIS HB3  H N N 138 
HIS HD1  H N N 139 
HIS HD2  H N N 140 
HIS HE1  H N N 141 
HIS HE2  H N N 142 
HIS HXT  H N N 143 
HOH O    O N N 144 
HOH H1   H N N 145 
HOH H2   H N N 146 
ILE N    N N N 147 
ILE CA   C N S 148 
ILE C    C N N 149 
ILE O    O N N 150 
ILE CB   C N S 151 
ILE CG1  C N N 152 
ILE CG2  C N N 153 
ILE CD1  C N N 154 
ILE OXT  O N N 155 
ILE H    H N N 156 
ILE H2   H N N 157 
ILE HA   H N N 158 
ILE HB   H N N 159 
ILE HG12 H N N 160 
ILE HG13 H N N 161 
ILE HG21 H N N 162 
ILE HG22 H N N 163 
ILE HG23 H N N 164 
ILE HD11 H N N 165 
ILE HD12 H N N 166 
ILE HD13 H N N 167 
ILE HXT  H N N 168 
LEU N    N N N 169 
LEU CA   C N S 170 
LEU C    C N N 171 
LEU O    O N N 172 
LEU CB   C N N 173 
LEU CG   C N N 174 
LEU CD1  C N N 175 
LEU CD2  C N N 176 
LEU OXT  O N N 177 
LEU H    H N N 178 
LEU H2   H N N 179 
LEU HA   H N N 180 
LEU HB2  H N N 181 
LEU HB3  H N N 182 
LEU HG   H N N 183 
LEU HD11 H N N 184 
LEU HD12 H N N 185 
LEU HD13 H N N 186 
LEU HD21 H N N 187 
LEU HD22 H N N 188 
LEU HD23 H N N 189 
LEU HXT  H N N 190 
LYS N    N N N 191 
LYS CA   C N S 192 
LYS C    C N N 193 
LYS O    O N N 194 
LYS CB   C N N 195 
LYS CG   C N N 196 
LYS CD   C N N 197 
LYS CE   C N N 198 
LYS NZ   N N N 199 
LYS OXT  O N N 200 
LYS H    H N N 201 
LYS H2   H N N 202 
LYS HA   H N N 203 
LYS HB2  H N N 204 
LYS HB3  H N N 205 
LYS HG2  H N N 206 
LYS HG3  H N N 207 
LYS HD2  H N N 208 
LYS HD3  H N N 209 
LYS HE2  H N N 210 
LYS HE3  H N N 211 
LYS HZ1  H N N 212 
LYS HZ2  H N N 213 
LYS HZ3  H N N 214 
LYS HXT  H N N 215 
PHE N    N N N 216 
PHE CA   C N S 217 
PHE C    C N N 218 
PHE O    O N N 219 
PHE CB   C N N 220 
PHE CG   C Y N 221 
PHE CD1  C Y N 222 
PHE CD2  C Y N 223 
PHE CE1  C Y N 224 
PHE CE2  C Y N 225 
PHE CZ   C Y N 226 
PHE OXT  O N N 227 
PHE H    H N N 228 
PHE H2   H N N 229 
PHE HA   H N N 230 
PHE HB2  H N N 231 
PHE HB3  H N N 232 
PHE HD1  H N N 233 
PHE HD2  H N N 234 
PHE HE1  H N N 235 
PHE HE2  H N N 236 
PHE HZ   H N N 237 
PHE HXT  H N N 238 
PRO N    N N N 239 
PRO CA   C N S 240 
PRO C    C N N 241 
PRO O    O N N 242 
PRO CB   C N N 243 
PRO CG   C N N 244 
PRO CD   C N N 245 
PRO OXT  O N N 246 
PRO H    H N N 247 
PRO HA   H N N 248 
PRO HB2  H N N 249 
PRO HB3  H N N 250 
PRO HG2  H N N 251 
PRO HG3  H N N 252 
PRO HD2  H N N 253 
PRO HD3  H N N 254 
PRO HXT  H N N 255 
SER N    N N N 256 
SER CA   C N S 257 
SER C    C N N 258 
SER O    O N N 259 
SER CB   C N N 260 
SER OG   O N N 261 
SER OXT  O N N 262 
SER H    H N N 263 
SER H2   H N N 264 
SER HA   H N N 265 
SER HB2  H N N 266 
SER HB3  H N N 267 
SER HG   H N N 268 
SER HXT  H N N 269 
VAL N    N N N 270 
VAL CA   C N S 271 
VAL C    C N N 272 
VAL O    O N N 273 
VAL CB   C N N 274 
VAL CG1  C N N 275 
VAL CG2  C N N 276 
VAL OXT  O N N 277 
VAL H    H N N 278 
VAL H2   H N N 279 
VAL HA   H N N 280 
VAL HB   H N N 281 
VAL HG11 H N N 282 
VAL HG12 H N N 283 
VAL HG13 H N N 284 
VAL HG21 H N N 285 
VAL HG22 H N N 286 
VAL HG23 H N N 287 
VAL HXT  H N N 288 
# 
loop_
_chem_comp_bond.comp_id 
_chem_comp_bond.atom_id_1 
_chem_comp_bond.atom_id_2 
_chem_comp_bond.value_order 
_chem_comp_bond.pdbx_aromatic_flag 
_chem_comp_bond.pdbx_stereo_config 
_chem_comp_bond.pdbx_ordinal 
ALA N   CA   sing N N 1   
ALA N   H    sing N N 2   
ALA N   H2   sing N N 3   
ALA CA  C    sing N N 4   
ALA CA  CB   sing N N 5   
ALA CA  HA   sing N N 6   
ALA C   O    doub N N 7   
ALA C   OXT  sing N N 8   
ALA CB  HB1  sing N N 9   
ALA CB  HB2  sing N N 10  
ALA CB  HB3  sing N N 11  
ALA OXT HXT  sing N N 12  
ARG N   CA   sing N N 13  
ARG N   H    sing N N 14  
ARG N   H2   sing N N 15  
ARG CA  C    sing N N 16  
ARG CA  CB   sing N N 17  
ARG CA  HA   sing N N 18  
ARG C   O    doub N N 19  
ARG C   OXT  sing N N 20  
ARG CB  CG   sing N N 21  
ARG CB  HB2  sing N N 22  
ARG CB  HB3  sing N N 23  
ARG CG  CD   sing N N 24  
ARG CG  HG2  sing N N 25  
ARG CG  HG3  sing N N 26  
ARG CD  NE   sing N N 27  
ARG CD  HD2  sing N N 28  
ARG CD  HD3  sing N N 29  
ARG NE  CZ   sing N N 30  
ARG NE  HE   sing N N 31  
ARG CZ  NH1  sing N N 32  
ARG CZ  NH2  doub N N 33  
ARG NH1 HH11 sing N N 34  
ARG NH1 HH12 sing N N 35  
ARG NH2 HH21 sing N N 36  
ARG NH2 HH22 sing N N 37  
ARG OXT HXT  sing N N 38  
ASN N   CA   sing N N 39  
ASN N   H    sing N N 40  
ASN N   H2   sing N N 41  
ASN CA  C    sing N N 42  
ASN CA  CB   sing N N 43  
ASN CA  HA   sing N N 44  
ASN C   O    doub N N 45  
ASN C   OXT  sing N N 46  
ASN CB  CG   sing N N 47  
ASN CB  HB2  sing N N 48  
ASN CB  HB3  sing N N 49  
ASN CG  OD1  doub N N 50  
ASN CG  ND2  sing N N 51  
ASN ND2 HD21 sing N N 52  
ASN ND2 HD22 sing N N 53  
ASN OXT HXT  sing N N 54  
ASP N   CA   sing N N 55  
ASP N   H    sing N N 56  
ASP N   H2   sing N N 57  
ASP CA  C    sing N N 58  
ASP CA  CB   sing N N 59  
ASP CA  HA   sing N N 60  
ASP C   O    doub N N 61  
ASP C   OXT  sing N N 62  
ASP CB  CG   sing N N 63  
ASP CB  HB2  sing N N 64  
ASP CB  HB3  sing N N 65  
ASP CG  OD1  doub N N 66  
ASP CG  OD2  sing N N 67  
ASP OD2 HD2  sing N N 68  
ASP OXT HXT  sing N N 69  
GLN N   CA   sing N N 70  
GLN N   H    sing N N 71  
GLN N   H2   sing N N 72  
GLN CA  C    sing N N 73  
GLN CA  CB   sing N N 74  
GLN CA  HA   sing N N 75  
GLN C   O    doub N N 76  
GLN C   OXT  sing N N 77  
GLN CB  CG   sing N N 78  
GLN CB  HB2  sing N N 79  
GLN CB  HB3  sing N N 80  
GLN CG  CD   sing N N 81  
GLN CG  HG2  sing N N 82  
GLN CG  HG3  sing N N 83  
GLN CD  OE1  doub N N 84  
GLN CD  NE2  sing N N 85  
GLN NE2 HE21 sing N N 86  
GLN NE2 HE22 sing N N 87  
GLN OXT HXT  sing N N 88  
GLU N   CA   sing N N 89  
GLU N   H    sing N N 90  
GLU N   H2   sing N N 91  
GLU CA  C    sing N N 92  
GLU CA  CB   sing N N 93  
GLU CA  HA   sing N N 94  
GLU C   O    doub N N 95  
GLU C   OXT  sing N N 96  
GLU CB  CG   sing N N 97  
GLU CB  HB2  sing N N 98  
GLU CB  HB3  sing N N 99  
GLU CG  CD   sing N N 100 
GLU CG  HG2  sing N N 101 
GLU CG  HG3  sing N N 102 
GLU CD  OE1  doub N N 103 
GLU CD  OE2  sing N N 104 
GLU OE2 HE2  sing N N 105 
GLU OXT HXT  sing N N 106 
GLY N   CA   sing N N 107 
GLY N   H    sing N N 108 
GLY N   H2   sing N N 109 
GLY CA  C    sing N N 110 
GLY CA  HA2  sing N N 111 
GLY CA  HA3  sing N N 112 
GLY C   O    doub N N 113 
GLY C   OXT  sing N N 114 
GLY OXT HXT  sing N N 115 
HIS N   CA   sing N N 116 
HIS N   H    sing N N 117 
HIS N   H2   sing N N 118 
HIS CA  C    sing N N 119 
HIS CA  CB   sing N N 120 
HIS CA  HA   sing N N 121 
HIS C   O    doub N N 122 
HIS C   OXT  sing N N 123 
HIS CB  CG   sing N N 124 
HIS CB  HB2  sing N N 125 
HIS CB  HB3  sing N N 126 
HIS CG  ND1  sing Y N 127 
HIS CG  CD2  doub Y N 128 
HIS ND1 CE1  doub Y N 129 
HIS ND1 HD1  sing N N 130 
HIS CD2 NE2  sing Y N 131 
HIS CD2 HD2  sing N N 132 
HIS CE1 NE2  sing Y N 133 
HIS CE1 HE1  sing N N 134 
HIS NE2 HE2  sing N N 135 
HIS OXT HXT  sing N N 136 
HOH O   H1   sing N N 137 
HOH O   H2   sing N N 138 
ILE N   CA   sing N N 139 
ILE N   H    sing N N 140 
ILE N   H2   sing N N 141 
ILE CA  C    sing N N 142 
ILE CA  CB   sing N N 143 
ILE CA  HA   sing N N 144 
ILE C   O    doub N N 145 
ILE C   OXT  sing N N 146 
ILE CB  CG1  sing N N 147 
ILE CB  CG2  sing N N 148 
ILE CB  HB   sing N N 149 
ILE CG1 CD1  sing N N 150 
ILE CG1 HG12 sing N N 151 
ILE CG1 HG13 sing N N 152 
ILE CG2 HG21 sing N N 153 
ILE CG2 HG22 sing N N 154 
ILE CG2 HG23 sing N N 155 
ILE CD1 HD11 sing N N 156 
ILE CD1 HD12 sing N N 157 
ILE CD1 HD13 sing N N 158 
ILE OXT HXT  sing N N 159 
LEU N   CA   sing N N 160 
LEU N   H    sing N N 161 
LEU N   H2   sing N N 162 
LEU CA  C    sing N N 163 
LEU CA  CB   sing N N 164 
LEU CA  HA   sing N N 165 
LEU C   O    doub N N 166 
LEU C   OXT  sing N N 167 
LEU CB  CG   sing N N 168 
LEU CB  HB2  sing N N 169 
LEU CB  HB3  sing N N 170 
LEU CG  CD1  sing N N 171 
LEU CG  CD2  sing N N 172 
LEU CG  HG   sing N N 173 
LEU CD1 HD11 sing N N 174 
LEU CD1 HD12 sing N N 175 
LEU CD1 HD13 sing N N 176 
LEU CD2 HD21 sing N N 177 
LEU CD2 HD22 sing N N 178 
LEU CD2 HD23 sing N N 179 
LEU OXT HXT  sing N N 180 
LYS N   CA   sing N N 181 
LYS N   H    sing N N 182 
LYS N   H2   sing N N 183 
LYS CA  C    sing N N 184 
LYS CA  CB   sing N N 185 
LYS CA  HA   sing N N 186 
LYS C   O    doub N N 187 
LYS C   OXT  sing N N 188 
LYS CB  CG   sing N N 189 
LYS CB  HB2  sing N N 190 
LYS CB  HB3  sing N N 191 
LYS CG  CD   sing N N 192 
LYS CG  HG2  sing N N 193 
LYS CG  HG3  sing N N 194 
LYS CD  CE   sing N N 195 
LYS CD  HD2  sing N N 196 
LYS CD  HD3  sing N N 197 
LYS CE  NZ   sing N N 198 
LYS CE  HE2  sing N N 199 
LYS CE  HE3  sing N N 200 
LYS NZ  HZ1  sing N N 201 
LYS NZ  HZ2  sing N N 202 
LYS NZ  HZ3  sing N N 203 
LYS OXT HXT  sing N N 204 
PHE N   CA   sing N N 205 
PHE N   H    sing N N 206 
PHE N   H2   sing N N 207 
PHE CA  C    sing N N 208 
PHE CA  CB   sing N N 209 
PHE CA  HA   sing N N 210 
PHE C   O    doub N N 211 
PHE C   OXT  sing N N 212 
PHE CB  CG   sing N N 213 
PHE CB  HB2  sing N N 214 
PHE CB  HB3  sing N N 215 
PHE CG  CD1  doub Y N 216 
PHE CG  CD2  sing Y N 217 
PHE CD1 CE1  sing Y N 218 
PHE CD1 HD1  sing N N 219 
PHE CD2 CE2  doub Y N 220 
PHE CD2 HD2  sing N N 221 
PHE CE1 CZ   doub Y N 222 
PHE CE1 HE1  sing N N 223 
PHE CE2 CZ   sing Y N 224 
PHE CE2 HE2  sing N N 225 
PHE CZ  HZ   sing N N 226 
PHE OXT HXT  sing N N 227 
PRO N   CA   sing N N 228 
PRO N   CD   sing N N 229 
PRO N   H    sing N N 230 
PRO CA  C    sing N N 231 
PRO CA  CB   sing N N 232 
PRO CA  HA   sing N N 233 
PRO C   O    doub N N 234 
PRO C   OXT  sing N N 235 
PRO CB  CG   sing N N 236 
PRO CB  HB2  sing N N 237 
PRO CB  HB3  sing N N 238 
PRO CG  CD   sing N N 239 
PRO CG  HG2  sing N N 240 
PRO CG  HG3  sing N N 241 
PRO CD  HD2  sing N N 242 
PRO CD  HD3  sing N N 243 
PRO OXT HXT  sing N N 244 
SER N   CA   sing N N 245 
SER N   H    sing N N 246 
SER N   H2   sing N N 247 
SER CA  C    sing N N 248 
SER CA  CB   sing N N 249 
SER CA  HA   sing N N 250 
SER C   O    doub N N 251 
SER C   OXT  sing N N 252 
SER CB  OG   sing N N 253 
SER CB  HB2  sing N N 254 
SER CB  HB3  sing N N 255 
SER OG  HG   sing N N 256 
SER OXT HXT  sing N N 257 
VAL N   CA   sing N N 258 
VAL N   H    sing N N 259 
VAL N   H2   sing N N 260 
VAL CA  C    sing N N 261 
VAL CA  CB   sing N N 262 
VAL CA  HA   sing N N 263 
VAL C   O    doub N N 264 
VAL C   OXT  sing N N 265 
VAL CB  CG1  sing N N 266 
VAL CB  CG2  sing N N 267 
VAL CB  HB   sing N N 268 
VAL CG1 HG11 sing N N 269 
VAL CG1 HG12 sing N N 270 
VAL CG1 HG13 sing N N 271 
VAL CG2 HG21 sing N N 272 
VAL CG2 HG22 sing N N 273 
VAL CG2 HG23 sing N N 274 
VAL OXT HXT  sing N N 275 
# 
_pdbx_entity_nonpoly.entity_id   2 
_pdbx_entity_nonpoly.name        water 
_pdbx_entity_nonpoly.comp_id     HOH 
# 
_pdbx_initial_refinement_model.id               1 
_pdbx_initial_refinement_model.entity_id_list   ? 
_pdbx_initial_refinement_model.type             'experimental model' 
_pdbx_initial_refinement_model.source_name      PDB 
_pdbx_initial_refinement_model.accession_code   2VWR 
_pdbx_initial_refinement_model.details          ? 
# 
